data_8SJD
#
_entry.id   8SJD
#
_cell.length_a   1.00
_cell.length_b   1.00
_cell.length_c   1.00
_cell.angle_alpha   90.00
_cell.angle_beta   90.00
_cell.angle_gamma   90.00
#
_symmetry.space_group_name_H-M   'P 1'
#
loop_
_entity.id
_entity.type
_entity.pdbx_description
1 polymer 'Hermes transposase'
2 polymer 'DNA (55-MER)'
3 polymer 'DNA (46-MER)'
4 polymer 'DNA (8-MER)'
#
loop_
_entity_poly.entity_id
_entity_poly.type
_entity_poly.pdbx_seq_one_letter_code
_entity_poly.pdbx_strand_id
1 'polypeptide(L)'
;MEKMDNLEVKAKINQGLYKITPRHKGTSFIWNVLADIQKEDDTLVEGWVFCRKCEKVLKYTTRQTSNLCRHKCCASLKQS
RELKTVSADCKKEAIEKCAQWVVRDCRPFSAVSGSGFIDMIKFFIKVGAEYGEHVNVEELLPSPITLSRKVTSDAKEKKA
LISREIKSAVEKDGASATIDLWTDNYIKRNFLGVTLHYHENNELRDLILGLKSLDFERSTAENIYKKLKAIFSQFNVEDL
SSIKFVTDRGANVVKSLANNIRINCSSHLLSNVLENSFEETPELNMPILACKNIVKYFKKANLQHRLRSSLKSECPTRWN
STYTMLRSILDNWESVIQILSEAGETQRIVHINKSIIQTMVNILDGFERIFKELQTCSSPSLCFVVPSILKVKEICSPDV
GDVADIAKLKVNIIKNVRIIWEENLSIWHYTAFFFYPPALHMQQEKVAQIKEFCLSKMEDLELINRMSSFNELSATQLNQ
SDSNSHNSIDLTSHSKDISTTSFFFPQLTQNNSREPPVCPSDEFEFYRKEIVILSEDFKVMEWWNLNSKKYPKLSKLALS
LLSIPASSAASERTFSLAGNIITEKRNRIGQQTVDSLLFLNSFYKNFCKLDI
;
C,D,B,A
2 'polydeoxyribonucleotide'
;(DC)(DT)(DT)(DA)(DT)(DC)(DT)(DA)(DT)(DG)(DT)(DG)(DG)(DC)(DT)(DT)(DA)(DC)(DG)(DT)
(DT)(DT)(DG)(DC)(DC)(DT)(DG)(DT)(DG)(DG)(DC)(DT)(DT)(DG)(DT)(DT)(DG)(DA)(DA)(DG)
(DT)(DT)(DC)(DT)(DC)(DT)(DG)(DG)(DT)(DT)(DC)(DA)(DC)(DG)(DC)
;
J,G
3 'polydeoxyribonucleotide'
;(DA)(DG)(DA)(DG)(DA)(DA)(DC)(DT)(DT)(DC)(DA)(DA)(DC)(DA)(DA)(DG)(DC)(DC)(DA)(DC)
(DA)(DG)(DG)(DC)(DA)(DA)(DA)(DC)(DG)(DT)(DA)(DA)(DG)(DC)(DC)(DA)(DC)(DA)(DT)(DA)
(DG)(DA)(DT)(DA)(DA)(DG)
;
I,F
4 'polydeoxyribonucleotide' (DG)(DC)(DG)(DT)(DG)(DA)(DA) H,E
#
loop_
_chem_comp.id
_chem_comp.type
_chem_comp.name
_chem_comp.formula
DA DNA linking 2'-DEOXYADENOSINE-5'-MONOPHOSPHATE 'C10 H14 N5 O6 P'
DC DNA linking 2'-DEOXYCYTIDINE-5'-MONOPHOSPHATE 'C9 H14 N3 O7 P'
DG DNA linking 2'-DEOXYGUANOSINE-5'-MONOPHOSPHATE 'C10 H14 N5 O7 P'
DT DNA linking THYMIDINE-5'-MONOPHOSPHATE 'C10 H15 N2 O8 P'
#
# COMPACT_ATOMS: atom_id res chain seq x y z
N ARG A 81 0.79 -25.21 10.61
CA ARG A 81 0.55 -26.55 11.10
C ARG A 81 -0.26 -27.36 10.09
N GLU A 82 -0.79 -26.67 9.08
CA GLU A 82 -1.63 -27.29 8.07
C GLU A 82 -0.87 -27.37 6.75
N LEU A 83 -0.81 -28.56 6.17
CA LEU A 83 -0.18 -28.75 4.88
C LEU A 83 -1.06 -28.14 3.78
N LYS A 84 -0.40 -27.54 2.80
CA LYS A 84 -1.09 -26.89 1.69
C LYS A 84 -0.95 -27.77 0.46
N THR A 85 -2.00 -28.51 0.14
CA THR A 85 -2.00 -29.38 -1.02
C THR A 85 -1.91 -28.54 -2.30
N VAL A 86 -1.09 -29.01 -3.23
CA VAL A 86 -0.80 -28.25 -4.43
C VAL A 86 -1.66 -28.76 -5.57
N SER A 87 -1.71 -28.01 -6.66
CA SER A 87 -2.37 -28.46 -7.87
C SER A 87 -1.61 -29.63 -8.48
N ALA A 88 -2.32 -30.44 -9.26
CA ALA A 88 -1.74 -31.64 -9.85
C ALA A 88 -0.69 -31.33 -10.92
N ASP A 89 -0.59 -30.09 -11.37
CA ASP A 89 0.38 -29.75 -12.41
C ASP A 89 1.80 -29.85 -11.88
N CYS A 90 2.06 -29.24 -10.72
CA CYS A 90 3.34 -29.43 -10.06
C CYS A 90 3.56 -30.89 -9.71
N LYS A 91 2.49 -31.62 -9.41
CA LYS A 91 2.62 -33.05 -9.16
C LYS A 91 3.17 -33.78 -10.37
N LYS A 92 2.59 -33.53 -11.55
CA LYS A 92 3.06 -34.18 -12.77
C LYS A 92 4.49 -33.78 -13.08
N GLU A 93 4.83 -32.50 -12.86
CA GLU A 93 6.21 -32.07 -13.02
C GLU A 93 7.14 -32.86 -12.11
N ALA A 94 6.73 -33.08 -10.85
CA ALA A 94 7.53 -33.87 -9.93
C ALA A 94 7.68 -35.30 -10.43
N ILE A 95 6.60 -35.88 -10.97
CA ILE A 95 6.66 -37.26 -11.44
C ILE A 95 7.68 -37.40 -12.56
N GLU A 96 7.58 -36.53 -13.56
CA GLU A 96 8.52 -36.63 -14.68
C GLU A 96 9.94 -36.36 -14.22
N LYS A 97 10.13 -35.37 -13.34
CA LYS A 97 11.47 -35.04 -12.86
C LYS A 97 12.10 -36.23 -12.14
N CYS A 98 11.34 -36.86 -11.24
CA CYS A 98 11.90 -37.97 -10.47
C CYS A 98 12.10 -39.20 -11.35
N ALA A 99 11.27 -39.37 -12.39
CA ALA A 99 11.55 -40.43 -13.36
C ALA A 99 12.90 -40.20 -14.04
N GLN A 100 13.15 -38.95 -14.45
CA GLN A 100 14.45 -38.64 -15.06
C GLN A 100 15.59 -38.91 -14.08
N TRP A 101 15.42 -38.53 -12.82
CA TRP A 101 16.42 -38.84 -11.81
C TRP A 101 16.66 -40.35 -11.69
N VAL A 102 15.60 -41.13 -11.52
CA VAL A 102 15.80 -42.54 -11.26
C VAL A 102 16.48 -43.22 -12.45
N VAL A 103 16.14 -42.80 -13.67
CA VAL A 103 16.80 -43.41 -14.82
C VAL A 103 18.25 -42.96 -14.93
N ARG A 104 18.50 -41.66 -14.74
CA ARG A 104 19.86 -41.14 -14.91
C ARG A 104 20.81 -41.73 -13.88
N ASP A 105 20.46 -41.62 -12.59
CA ASP A 105 21.37 -42.07 -11.54
C ASP A 105 21.36 -43.58 -11.36
N CYS A 106 20.36 -44.28 -11.89
CA CYS A 106 20.30 -45.74 -11.87
C CYS A 106 20.38 -46.26 -10.44
N ARG A 107 19.32 -46.02 -9.68
CA ARG A 107 19.23 -46.38 -8.27
C ARG A 107 18.03 -47.30 -8.07
N PRO A 108 18.02 -48.06 -6.98
CA PRO A 108 16.85 -48.91 -6.69
C PRO A 108 15.61 -48.07 -6.49
N PHE A 109 14.47 -48.64 -6.89
CA PHE A 109 13.23 -47.87 -6.94
C PHE A 109 12.82 -47.37 -5.57
N SER A 110 12.94 -48.21 -4.54
CA SER A 110 12.38 -47.86 -3.25
C SER A 110 13.08 -46.69 -2.58
N ALA A 111 14.23 -46.25 -3.12
CA ALA A 111 14.96 -45.15 -2.50
C ALA A 111 14.14 -43.87 -2.44
N VAL A 112 13.12 -43.76 -3.28
CA VAL A 112 12.21 -42.62 -3.17
C VAL A 112 11.40 -42.71 -1.88
N SER A 113 11.04 -43.92 -1.46
CA SER A 113 10.23 -44.13 -0.27
C SER A 113 11.00 -43.97 1.03
N GLY A 114 12.30 -43.66 0.95
CA GLY A 114 13.09 -43.42 2.15
C GLY A 114 12.56 -42.25 2.95
N SER A 115 12.32 -42.48 4.24
CA SER A 115 11.80 -41.42 5.10
C SER A 115 12.79 -40.27 5.20
N GLY A 116 14.09 -40.58 5.27
CA GLY A 116 15.10 -39.53 5.21
C GLY A 116 15.05 -38.75 3.91
N PHE A 117 14.77 -39.45 2.81
CA PHE A 117 14.61 -38.77 1.54
C PHE A 117 13.44 -37.79 1.58
N ILE A 118 12.37 -38.18 2.26
CA ILE A 118 11.22 -37.30 2.42
C ILE A 118 11.60 -36.10 3.28
N ASP A 119 12.46 -36.32 4.28
CA ASP A 119 12.98 -35.20 5.06
C ASP A 119 13.81 -34.28 4.18
N MET A 120 14.55 -34.84 3.23
CA MET A 120 15.24 -34.03 2.24
C MET A 120 14.25 -33.17 1.47
N ILE A 121 13.10 -33.76 1.10
CA ILE A 121 12.08 -32.99 0.39
C ILE A 121 11.66 -31.79 1.25
N LYS A 122 11.39 -32.03 2.54
CA LYS A 122 10.97 -30.90 3.38
C LYS A 122 12.06 -29.83 3.46
N PHE A 123 13.32 -30.26 3.64
CA PHE A 123 14.40 -29.30 3.81
C PHE A 123 14.56 -28.44 2.57
N PHE A 124 14.56 -29.05 1.40
CA PHE A 124 14.74 -28.26 0.19
C PHE A 124 13.54 -27.36 -0.08
N ILE A 125 12.34 -27.82 0.26
CA ILE A 125 11.17 -26.95 0.10
C ILE A 125 11.30 -25.72 1.00
N LYS A 126 11.70 -25.90 2.26
CA LYS A 126 11.77 -24.76 3.16
C LYS A 126 12.87 -23.80 2.76
N VAL A 127 14.03 -24.32 2.32
CA VAL A 127 15.11 -23.41 1.93
C VAL A 127 14.74 -22.67 0.65
N GLY A 128 14.03 -23.33 -0.27
CA GLY A 128 13.53 -22.63 -1.43
C GLY A 128 12.55 -21.54 -1.07
N ALA A 129 11.66 -21.81 -0.11
CA ALA A 129 10.71 -20.80 0.34
C ALA A 129 11.41 -19.60 0.96
N GLU A 130 12.42 -19.86 1.81
CA GLU A 130 13.09 -18.80 2.54
C GLU A 130 14.20 -18.13 1.76
N TYR A 131 14.53 -18.62 0.57
CA TYR A 131 15.55 -17.98 -0.26
C TYR A 131 15.14 -17.75 -1.71
N GLY A 132 13.97 -18.21 -2.13
CA GLY A 132 13.51 -17.98 -3.49
C GLY A 132 14.03 -19.02 -4.46
N GLU A 133 13.70 -18.79 -5.73
CA GLU A 133 14.06 -19.70 -6.82
C GLU A 133 15.29 -19.26 -7.60
N HIS A 134 15.86 -18.10 -7.28
CA HIS A 134 17.01 -17.54 -7.98
C HIS A 134 18.31 -17.81 -7.24
N VAL A 135 18.42 -18.96 -6.59
CA VAL A 135 19.49 -19.24 -5.65
C VAL A 135 20.60 -20.00 -6.38
N ASN A 136 21.76 -20.05 -5.72
CA ASN A 136 22.88 -20.88 -6.18
C ASN A 136 22.78 -22.22 -5.45
N VAL A 137 22.23 -23.22 -6.14
CA VAL A 137 22.04 -24.52 -5.53
C VAL A 137 23.38 -25.23 -5.34
N GLU A 138 24.27 -25.11 -6.32
CA GLU A 138 25.48 -25.94 -6.34
C GLU A 138 26.37 -25.70 -5.13
N GLU A 139 26.57 -24.43 -4.75
CA GLU A 139 27.46 -24.13 -3.64
C GLU A 139 26.93 -24.68 -2.33
N LEU A 140 25.64 -24.99 -2.25
CA LEU A 140 25.07 -25.60 -1.05
C LEU A 140 25.36 -27.08 -0.97
N LEU A 141 25.82 -27.69 -2.06
CA LEU A 141 26.07 -29.12 -2.08
C LEU A 141 27.46 -29.43 -1.52
N PRO A 142 27.56 -30.29 -0.52
CA PRO A 142 28.88 -30.66 0.00
C PRO A 142 29.51 -31.79 -0.81
N SER A 143 30.79 -32.03 -0.53
CA SER A 143 31.52 -33.12 -1.15
C SER A 143 31.33 -34.41 -0.34
N PRO A 144 31.34 -35.56 -1.01
CA PRO A 144 31.16 -36.83 -0.29
C PRO A 144 32.24 -37.09 0.75
N ILE A 145 33.47 -36.64 0.54
CA ILE A 145 34.52 -36.82 1.53
C ILE A 145 34.19 -36.03 2.79
N THR A 146 33.73 -34.79 2.62
CA THR A 146 33.27 -34.00 3.76
C THR A 146 32.10 -34.69 4.44
N LEU A 147 31.24 -35.34 3.65
CA LEU A 147 30.15 -36.11 4.21
C LEU A 147 30.67 -37.20 5.13
N SER A 148 31.65 -37.97 4.65
CA SER A 148 32.21 -39.06 5.46
C SER A 148 32.86 -38.51 6.73
N ARG A 149 33.60 -37.42 6.60
CA ARG A 149 34.24 -36.83 7.76
C ARG A 149 33.23 -36.39 8.80
N LYS A 150 32.15 -35.72 8.36
CA LYS A 150 31.12 -35.28 9.28
C LYS A 150 30.40 -36.47 9.90
N VAL A 151 30.21 -37.54 9.13
CA VAL A 151 29.59 -38.75 9.67
C VAL A 151 30.41 -39.29 10.82
N THR A 152 31.73 -39.44 10.61
CA THR A 152 32.57 -40.00 11.66
C THR A 152 32.61 -39.08 12.87
N SER A 153 32.72 -37.77 12.65
CA SER A 153 32.71 -36.84 13.78
C SER A 153 31.42 -36.98 14.57
N ASP A 154 30.27 -36.84 13.91
CA ASP A 154 28.99 -36.93 14.60
C ASP A 154 28.83 -38.26 15.31
N ALA A 155 29.40 -39.34 14.75
CA ALA A 155 29.46 -40.59 15.46
C ALA A 155 30.18 -40.42 16.78
N LYS A 156 31.31 -39.71 16.77
CA LYS A 156 32.05 -39.49 18.01
C LYS A 156 31.22 -38.71 19.02
N GLU A 157 30.63 -37.59 18.61
CA GLU A 157 29.86 -36.81 19.58
C GLU A 157 28.67 -37.58 20.11
N LYS A 158 27.95 -38.30 19.25
CA LYS A 158 26.76 -38.98 19.72
C LYS A 158 27.09 -40.18 20.59
N LYS A 159 28.14 -40.92 20.26
CA LYS A 159 28.57 -42.01 21.13
C LYS A 159 29.02 -41.48 22.48
N ALA A 160 29.72 -40.33 22.50
CA ALA A 160 30.09 -39.72 23.77
C ALA A 160 28.84 -39.30 24.56
N LEU A 161 27.85 -38.73 23.87
CA LEU A 161 26.66 -38.26 24.55
C LEU A 161 25.88 -39.41 25.17
N ILE A 162 25.75 -40.52 24.44
CA ILE A 162 24.98 -41.67 24.93
C ILE A 162 25.80 -42.57 25.84
N SER A 163 27.10 -42.35 25.95
CA SER A 163 27.90 -43.09 26.92
C SER A 163 27.33 -42.96 28.32
N ARG A 164 26.82 -41.77 28.66
CA ARG A 164 26.29 -41.56 30.00
C ARG A 164 25.01 -42.36 30.24
N GLU A 165 24.10 -42.36 29.27
CA GLU A 165 22.89 -43.17 29.40
C GLU A 165 23.23 -44.64 29.48
N ILE A 166 24.18 -45.10 28.67
CA ILE A 166 24.54 -46.52 28.71
C ILE A 166 25.17 -46.88 30.04
N LYS A 167 26.01 -46.00 30.60
CA LYS A 167 26.57 -46.27 31.92
C LYS A 167 25.49 -46.32 32.99
N SER A 168 24.53 -45.41 32.92
CA SER A 168 23.42 -45.45 33.87
C SER A 168 22.64 -46.75 33.75
N ALA A 169 22.41 -47.22 32.52
CA ALA A 169 21.70 -48.48 32.33
C ALA A 169 22.51 -49.66 32.85
N VAL A 170 23.83 -49.65 32.63
CA VAL A 170 24.66 -50.78 33.04
C VAL A 170 24.78 -50.86 34.56
N GLU A 171 24.91 -49.71 35.23
CA GLU A 171 25.20 -49.74 36.66
C GLU A 171 24.11 -50.45 37.45
N LYS A 172 22.85 -50.25 37.07
CA LYS A 172 21.73 -50.90 37.74
C LYS A 172 21.53 -52.34 37.30
N ASP A 173 22.50 -52.94 36.61
CA ASP A 173 22.40 -54.30 36.07
C ASP A 173 21.23 -54.46 35.11
N GLY A 174 20.77 -53.38 34.52
CA GLY A 174 19.65 -53.48 33.61
C GLY A 174 19.98 -53.89 32.20
N ALA A 175 21.25 -54.17 31.90
CA ALA A 175 21.70 -54.39 30.54
C ALA A 175 22.28 -55.79 30.35
N SER A 176 22.10 -56.33 29.15
CA SER A 176 22.69 -57.58 28.72
C SER A 176 23.38 -57.33 27.38
N ALA A 177 24.02 -58.37 26.84
CA ALA A 177 24.76 -58.20 25.60
C ALA A 177 24.97 -59.53 24.91
N THR A 178 25.25 -59.46 23.60
CA THR A 178 25.65 -60.59 22.78
C THR A 178 26.77 -60.14 21.85
N ILE A 179 27.61 -61.09 21.44
CA ILE A 179 28.76 -60.81 20.57
C ILE A 179 28.98 -61.96 19.59
N ASP A 180 29.78 -61.69 18.57
CA ASP A 180 30.22 -62.68 17.58
C ASP A 180 31.23 -61.99 16.66
N LEU A 181 31.82 -62.77 15.75
CA LEU A 181 32.79 -62.27 14.78
C LEU A 181 32.28 -62.53 13.36
N TRP A 182 32.57 -61.58 12.45
CA TRP A 182 32.03 -61.60 11.10
C TRP A 182 33.14 -61.41 10.08
N THR A 183 32.92 -61.97 8.88
CA THR A 183 33.85 -61.85 7.76
C THR A 183 33.07 -61.55 6.49
N ASP A 184 33.62 -60.69 5.65
CA ASP A 184 33.06 -60.40 4.34
C ASP A 184 33.63 -61.38 3.32
N ASN A 185 33.43 -61.11 2.03
CA ASN A 185 33.91 -62.00 0.98
C ASN A 185 34.99 -61.37 0.10
N TYR A 186 35.30 -60.09 0.29
CA TYR A 186 36.30 -59.42 -0.53
C TYR A 186 37.65 -59.34 0.19
N ILE A 187 37.67 -58.80 1.41
CA ILE A 187 38.93 -58.61 2.14
C ILE A 187 39.06 -59.59 3.29
N LYS A 188 37.98 -60.23 3.72
CA LYS A 188 37.99 -61.26 4.76
C LYS A 188 38.46 -60.71 6.09
N ARG A 189 38.00 -59.53 6.46
CA ARG A 189 38.40 -58.91 7.72
C ARG A 189 37.72 -59.61 8.90
N ASN A 190 38.33 -59.48 10.07
CA ASN A 190 37.88 -60.14 11.29
C ASN A 190 37.05 -59.16 12.10
N PHE A 191 35.82 -58.93 11.65
CA PHE A 191 34.93 -57.97 12.30
C PHE A 191 34.16 -58.63 13.42
N LEU A 192 34.07 -57.92 14.56
CA LEU A 192 33.43 -58.41 15.76
C LEU A 192 32.13 -57.66 16.02
N GLY A 193 31.10 -58.41 16.43
CA GLY A 193 29.81 -57.81 16.74
C GLY A 193 29.72 -57.46 18.22
N VAL A 194 29.28 -56.23 18.49
CA VAL A 194 29.09 -55.74 19.84
C VAL A 194 27.69 -55.15 19.92
N THR A 195 26.77 -55.89 20.53
CA THR A 195 25.38 -55.44 20.69
C THR A 195 25.03 -55.47 22.16
N LEU A 196 24.40 -54.40 22.64
CA LEU A 196 23.99 -54.26 24.03
C LEU A 196 22.48 -54.21 24.12
N HIS A 197 21.89 -55.06 24.97
CA HIS A 197 20.45 -55.13 25.12
C HIS A 197 20.06 -54.79 26.55
N TYR A 198 18.96 -54.06 26.69
CA TYR A 198 18.42 -53.65 27.99
C TYR A 198 17.00 -53.16 27.74
N HIS A 199 16.40 -52.53 28.75
CA HIS A 199 15.05 -52.00 28.62
C HIS A 199 14.93 -50.66 29.32
N GLU A 200 14.20 -49.74 28.69
CA GLU A 200 13.90 -48.43 29.28
C GLU A 200 12.44 -48.11 29.06
N ASN A 201 11.76 -47.72 30.14
CA ASN A 201 10.35 -47.27 30.12
C ASN A 201 9.50 -48.46 29.63
N ASN A 202 8.73 -48.32 28.56
CA ASN A 202 7.91 -49.40 28.02
C ASN A 202 8.39 -49.87 26.65
N GLU A 203 9.57 -49.42 26.22
CA GLU A 203 10.16 -49.85 24.97
C GLU A 203 11.40 -50.69 25.27
N LEU A 204 11.46 -51.89 24.68
CA LEU A 204 12.56 -52.81 24.94
C LEU A 204 13.78 -52.36 24.16
N ARG A 205 14.79 -51.88 24.87
CA ARG A 205 15.99 -51.37 24.21
C ARG A 205 16.77 -52.50 23.57
N ASP A 206 17.41 -52.19 22.45
CA ASP A 206 18.33 -53.11 21.76
C ASP A 206 19.30 -52.30 20.89
N LEU A 207 20.55 -52.25 21.33
CA LEU A 207 21.53 -51.31 20.77
C LEU A 207 22.72 -52.07 20.20
N ILE A 208 23.24 -51.56 19.09
CA ILE A 208 24.44 -52.10 18.45
C ILE A 208 25.58 -51.12 18.72
N LEU A 209 26.54 -51.55 19.55
CA LEU A 209 27.59 -50.63 19.97
C LEU A 209 28.57 -50.35 18.83
N GLY A 210 29.02 -51.38 18.12
CA GLY A 210 29.93 -51.18 17.02
C GLY A 210 30.58 -52.45 16.51
N LEU A 211 30.84 -52.53 15.21
CA LEU A 211 31.51 -53.67 14.58
C LEU A 211 32.96 -53.27 14.33
N LYS A 212 33.85 -53.74 15.20
CA LYS A 212 35.27 -53.43 15.10
C LYS A 212 36.00 -54.65 14.55
N SER A 213 36.74 -54.46 13.46
CA SER A 213 37.54 -55.54 12.91
C SER A 213 38.79 -55.74 13.76
N LEU A 214 39.18 -57.01 13.94
CA LEU A 214 40.33 -57.33 14.76
C LEU A 214 41.66 -57.06 14.06
N ASP A 215 41.64 -56.74 12.76
CA ASP A 215 42.81 -56.72 11.90
C ASP A 215 43.30 -58.15 11.73
N PHE A 216 44.59 -58.35 11.54
CA PHE A 216 45.14 -59.68 11.24
C PHE A 216 46.20 -60.05 12.27
N GLU A 217 45.76 -60.60 13.40
CA GLU A 217 46.68 -61.25 14.36
C GLU A 217 46.09 -62.60 14.76
N ARG A 218 46.26 -63.59 13.87
CA ARG A 218 45.97 -65.00 14.15
C ARG A 218 44.58 -65.22 14.76
N SER A 219 43.71 -64.20 14.70
CA SER A 219 42.35 -64.28 15.22
C SER A 219 42.34 -64.80 16.67
N THR A 220 43.31 -64.35 17.46
CA THR A 220 43.45 -64.81 18.83
C THR A 220 42.42 -64.17 19.74
N ALA A 221 41.83 -64.98 20.62
CA ALA A 221 40.86 -64.48 21.57
C ALA A 221 41.45 -63.45 22.52
N GLU A 222 42.77 -63.48 22.72
CA GLU A 222 43.42 -62.47 23.54
C GLU A 222 43.25 -61.08 22.94
N ASN A 223 43.59 -60.96 21.65
CA ASN A 223 43.35 -59.70 20.95
C ASN A 223 41.86 -59.40 20.88
N ILE A 224 41.02 -60.44 20.84
CA ILE A 224 39.57 -60.24 20.83
C ILE A 224 39.15 -59.49 22.09
N TYR A 225 39.61 -59.95 23.26
CA TYR A 225 39.24 -59.28 24.50
C TYR A 225 39.93 -57.92 24.63
N LYS A 226 41.14 -57.78 24.10
CA LYS A 226 41.81 -56.48 24.13
C LYS A 226 41.01 -55.44 23.36
N LYS A 227 40.64 -55.75 22.12
CA LYS A 227 39.81 -54.84 21.33
C LYS A 227 38.42 -54.71 21.93
N LEU A 228 37.93 -55.75 22.61
CA LEU A 228 36.65 -55.65 23.29
C LEU A 228 36.68 -54.58 24.37
N LYS A 229 37.72 -54.61 25.22
CA LYS A 229 37.80 -53.60 26.26
C LYS A 229 38.14 -52.23 25.69
N ALA A 230 38.84 -52.18 24.56
CA ALA A 230 39.00 -50.91 23.86
C ALA A 230 37.65 -50.36 23.41
N ILE A 231 36.77 -51.23 22.93
CA ILE A 231 35.42 -50.82 22.52
C ILE A 231 34.65 -50.32 23.73
N PHE A 232 34.68 -51.08 24.82
CA PHE A 232 33.93 -50.72 26.02
C PHE A 232 34.42 -49.40 26.61
N SER A 233 35.73 -49.16 26.59
CA SER A 233 36.28 -47.91 27.10
C SER A 233 35.77 -46.70 26.33
N GLN A 234 35.33 -46.89 25.09
CA GLN A 234 34.73 -45.79 24.34
C GLN A 234 33.46 -45.27 24.97
N PHE A 235 32.86 -46.03 25.89
CA PHE A 235 31.68 -45.59 26.62
C PHE A 235 31.90 -45.55 28.12
N ASN A 236 33.15 -45.66 28.57
CA ASN A 236 33.51 -45.65 29.99
C ASN A 236 32.80 -46.78 30.74
N VAL A 237 32.98 -48.00 30.26
CA VAL A 237 32.47 -49.20 30.91
C VAL A 237 33.60 -50.20 31.02
N GLU A 238 33.98 -50.55 32.24
CA GLU A 238 35.11 -51.45 32.48
C GLU A 238 34.74 -52.66 33.33
N ASP A 239 33.45 -52.99 33.44
CA ASP A 239 32.99 -54.18 34.15
C ASP A 239 32.19 -55.06 33.19
N LEU A 240 32.43 -56.37 33.26
CA LEU A 240 31.83 -57.28 32.30
C LEU A 240 31.08 -58.43 32.97
N SER A 241 31.58 -58.88 34.12
CA SER A 241 31.01 -60.05 34.77
C SER A 241 29.54 -59.86 35.13
N SER A 242 29.14 -58.61 35.41
CA SER A 242 27.74 -58.33 35.69
C SER A 242 26.88 -58.40 34.43
N ILE A 243 27.49 -58.30 33.25
CA ILE A 243 26.73 -58.40 32.01
C ILE A 243 26.46 -59.87 31.70
N LYS A 244 25.22 -60.15 31.31
CA LYS A 244 24.78 -61.51 31.02
C LYS A 244 24.86 -61.73 29.51
N PHE A 245 25.60 -62.75 29.10
CA PHE A 245 25.95 -62.97 27.71
C PHE A 245 25.30 -64.24 27.18
N VAL A 246 24.62 -64.13 26.04
CA VAL A 246 24.02 -65.25 25.35
C VAL A 246 24.84 -65.48 24.09
N THR A 247 25.71 -66.49 24.10
CA THR A 247 26.61 -66.76 22.99
C THR A 247 26.63 -68.25 22.70
N ASP A 248 27.05 -68.59 21.48
CA ASP A 248 27.16 -69.98 21.06
C ASP A 248 28.44 -70.59 21.64
N ARG A 249 28.83 -71.76 21.13
CA ARG A 249 29.89 -72.57 21.71
C ARG A 249 31.22 -72.48 20.95
N GLY A 250 31.58 -71.30 20.45
CA GLY A 250 32.91 -71.11 19.89
C GLY A 250 33.98 -71.36 20.93
N ALA A 251 34.99 -72.16 20.58
CA ALA A 251 35.97 -72.60 21.58
C ALA A 251 36.69 -71.42 22.22
N ASN A 252 37.28 -70.55 21.39
CA ASN A 252 37.96 -69.38 21.92
C ASN A 252 36.98 -68.44 22.61
N VAL A 253 35.78 -68.30 22.06
CA VAL A 253 34.79 -67.40 22.63
C VAL A 253 34.40 -67.85 24.03
N VAL A 254 34.04 -69.13 24.17
CA VAL A 254 33.65 -69.64 25.49
C VAL A 254 34.84 -69.63 26.43
N LYS A 255 36.04 -69.91 25.92
CA LYS A 255 37.24 -69.84 26.74
C LYS A 255 37.41 -68.46 27.35
N SER A 256 37.29 -67.41 26.52
CA SER A 256 37.48 -66.06 27.03
C SER A 256 36.30 -65.60 27.89
N LEU A 257 35.10 -66.09 27.60
CA LEU A 257 33.90 -65.62 28.28
C LEU A 257 33.54 -66.46 29.49
N ALA A 258 34.36 -67.47 29.84
CA ALA A 258 34.11 -68.22 31.07
C ALA A 258 34.07 -67.33 32.29
N ASN A 259 34.74 -66.17 32.26
CA ASN A 259 34.63 -65.20 33.34
C ASN A 259 33.24 -64.57 33.42
N ASN A 260 32.44 -64.69 32.37
CA ASN A 260 31.10 -64.13 32.32
C ASN A 260 30.07 -65.25 32.27
N ILE A 261 28.87 -64.94 32.73
CA ILE A 261 27.78 -65.92 32.70
C ILE A 261 27.41 -66.17 31.24
N ARG A 262 27.79 -67.33 30.73
CA ARG A 262 27.65 -67.65 29.32
C ARG A 262 26.38 -68.48 29.11
N ILE A 263 25.48 -67.95 28.29
CA ILE A 263 24.22 -68.59 27.97
C ILE A 263 24.30 -69.09 26.53
N ASN A 264 24.06 -70.37 26.34
CA ASN A 264 24.12 -70.94 25.00
C ASN A 264 23.07 -70.31 24.10
N CYS A 265 23.45 -70.00 22.87
CA CYS A 265 22.54 -69.42 21.90
C CYS A 265 21.44 -70.42 21.58
N SER A 266 20.22 -70.11 21.99
CA SER A 266 19.13 -71.06 21.86
C SER A 266 18.85 -71.40 20.40
N SER A 267 18.88 -70.41 19.53
CA SER A 267 18.68 -70.66 18.10
C SER A 267 19.80 -71.54 17.55
N HIS A 268 21.05 -71.20 17.88
CA HIS A 268 22.17 -71.99 17.39
C HIS A 268 22.15 -73.40 17.96
N LEU A 269 21.76 -73.55 19.23
CA LEU A 269 21.57 -74.87 19.80
C LEU A 269 20.51 -75.65 19.04
N LEU A 270 19.39 -75.00 18.71
CA LEU A 270 18.34 -75.68 17.96
C LEU A 270 18.85 -76.15 16.60
N SER A 271 19.56 -75.27 15.89
CA SER A 271 20.07 -75.64 14.58
C SER A 271 21.06 -76.78 14.66
N ASN A 272 22.01 -76.71 15.61
CA ASN A 272 23.01 -77.75 15.74
C ASN A 272 22.39 -79.09 16.13
N VAL A 273 21.42 -79.07 17.07
CA VAL A 273 20.80 -80.30 17.52
C VAL A 273 19.92 -80.89 16.42
N LEU A 274 19.26 -80.03 15.64
CA LEU A 274 18.50 -80.54 14.49
C LEU A 274 19.40 -81.19 13.47
N GLU A 275 20.56 -80.58 13.20
CA GLU A 275 21.52 -81.19 12.29
C GLU A 275 22.03 -82.53 12.82
N ASN A 276 22.29 -82.59 14.13
CA ASN A 276 22.72 -83.84 14.75
C ASN A 276 21.64 -84.91 14.64
N SER A 277 20.38 -84.53 14.85
CA SER A 277 19.30 -85.49 14.73
C SER A 277 19.16 -85.99 13.30
N PHE A 278 19.30 -85.10 12.32
CA PHE A 278 19.22 -85.53 10.93
C PHE A 278 20.37 -86.45 10.56
N GLU A 279 21.59 -86.13 11.01
CA GLU A 279 22.74 -86.95 10.65
C GLU A 279 22.72 -88.31 11.32
N GLU A 280 21.83 -88.54 12.28
CA GLU A 280 21.68 -89.84 12.92
C GLU A 280 20.66 -90.73 12.23
N THR A 281 19.98 -90.22 11.20
CA THR A 281 18.90 -90.96 10.54
C THR A 281 19.14 -90.97 9.03
N PRO A 282 19.87 -91.98 8.53
CA PRO A 282 20.07 -92.08 7.07
C PRO A 282 18.82 -92.50 6.31
N GLU A 283 17.77 -92.93 7.01
CA GLU A 283 16.58 -93.45 6.33
C GLU A 283 15.85 -92.38 5.53
N LEU A 284 16.15 -91.11 5.76
CA LEU A 284 15.59 -90.03 4.96
C LEU A 284 16.51 -89.60 3.83
N ASN A 285 17.74 -90.15 3.76
CA ASN A 285 18.72 -89.66 2.79
C ASN A 285 18.30 -89.98 1.35
N MET A 286 17.71 -91.15 1.12
CA MET A 286 17.33 -91.52 -0.24
C MET A 286 16.30 -90.55 -0.84
N PRO A 287 15.18 -90.24 -0.17
CA PRO A 287 14.37 -89.12 -0.67
C PRO A 287 15.08 -87.78 -0.60
N ILE A 288 15.98 -87.58 0.37
CA ILE A 288 16.81 -86.38 0.36
C ILE A 288 17.68 -86.35 -0.89
N LEU A 289 18.28 -87.49 -1.25
CA LEU A 289 19.08 -87.55 -2.47
C LEU A 289 18.24 -87.25 -3.70
N ALA A 290 17.03 -87.81 -3.76
CA ALA A 290 16.15 -87.55 -4.88
C ALA A 290 15.78 -86.07 -4.96
N CYS A 291 15.49 -85.45 -3.82
CA CYS A 291 15.18 -84.02 -3.80
C CYS A 291 16.38 -83.19 -4.22
N LYS A 292 17.58 -83.57 -3.78
CA LYS A 292 18.79 -82.86 -4.18
C LYS A 292 18.99 -82.95 -5.69
N ASN A 293 18.76 -84.13 -6.27
CA ASN A 293 18.85 -84.26 -7.72
C ASN A 293 17.79 -83.41 -8.41
N ILE A 294 16.59 -83.38 -7.84
CA ILE A 294 15.52 -82.53 -8.37
C ILE A 294 15.97 -81.08 -8.43
N VAL A 295 16.50 -80.57 -7.31
CA VAL A 295 16.88 -79.17 -7.25
C VAL A 295 18.07 -78.88 -8.16
N LYS A 296 19.01 -79.82 -8.26
CA LYS A 296 20.14 -79.63 -9.18
C LYS A 296 19.63 -79.54 -10.62
N TYR A 297 18.70 -80.43 -10.99
CA TYR A 297 18.10 -80.37 -12.32
C TYR A 297 17.38 -79.05 -12.54
N PHE A 298 16.69 -78.56 -11.52
CA PHE A 298 15.95 -77.31 -11.65
C PHE A 298 16.88 -76.12 -11.84
N LYS A 299 17.97 -76.06 -11.09
CA LYS A 299 18.93 -74.96 -11.25
C LYS A 299 19.82 -75.16 -12.47
N LYS A 300 19.78 -76.34 -13.08
CA LYS A 300 20.57 -76.62 -14.27
C LYS A 300 19.76 -76.47 -15.55
N ALA A 301 18.62 -77.16 -15.63
CA ALA A 301 17.83 -77.17 -16.86
C ALA A 301 17.07 -75.88 -17.10
N ASN A 302 17.03 -74.97 -16.12
CA ASN A 302 16.39 -73.67 -16.27
C ASN A 302 14.91 -73.82 -16.64
N LEU A 303 14.15 -74.42 -15.72
CA LEU A 303 12.73 -74.67 -15.94
C LEU A 303 11.88 -74.18 -14.78
N GLN A 304 12.42 -73.26 -13.95
CA GLN A 304 11.68 -72.76 -12.80
C GLN A 304 10.56 -71.80 -13.20
N HIS A 305 10.56 -71.30 -14.45
CA HIS A 305 9.64 -70.25 -14.85
C HIS A 305 8.17 -70.67 -14.80
N ARG A 306 7.88 -71.96 -14.93
CA ARG A 306 6.51 -72.46 -14.97
C ARG A 306 6.10 -73.14 -13.67
N LEU A 307 6.54 -72.60 -12.53
CA LEU A 307 6.20 -73.14 -11.23
C LEU A 307 5.42 -72.19 -10.33
N ARG A 308 5.58 -70.88 -10.51
CA ARG A 308 5.12 -69.81 -9.62
C ARG A 308 5.88 -69.78 -8.31
N SER A 309 6.86 -70.68 -8.11
CA SER A 309 7.69 -70.68 -6.91
C SER A 309 8.98 -71.40 -7.23
N SER A 310 10.07 -70.65 -7.34
CA SER A 310 11.35 -71.21 -7.72
C SER A 310 11.94 -72.08 -6.61
N LEU A 311 12.51 -73.22 -7.00
CA LEU A 311 13.09 -74.14 -6.04
C LEU A 311 14.32 -73.52 -5.37
N LYS A 312 14.55 -73.90 -4.12
CA LYS A 312 15.64 -73.38 -3.33
C LYS A 312 16.64 -74.50 -2.99
N SER A 313 17.84 -74.09 -2.62
CA SER A 313 18.88 -75.02 -2.21
C SER A 313 18.77 -75.31 -0.71
N GLU A 314 19.78 -75.96 -0.15
CA GLU A 314 19.84 -76.21 1.29
C GLU A 314 20.44 -75.03 2.04
N CYS A 315 21.66 -74.64 1.68
CA CYS A 315 22.39 -73.56 2.33
C CYS A 315 22.47 -73.83 3.84
N PRO A 316 23.31 -74.75 4.28
CA PRO A 316 23.30 -75.16 5.69
C PRO A 316 23.56 -74.04 6.67
N THR A 317 24.25 -72.97 6.24
CA THR A 317 24.41 -71.80 7.10
C THR A 317 23.07 -71.17 7.42
N ARG A 318 22.14 -71.16 6.45
CA ARG A 318 20.79 -70.66 6.69
C ARG A 318 20.12 -71.44 7.81
N TRP A 319 19.47 -70.73 8.72
CA TRP A 319 18.73 -71.35 9.80
C TRP A 319 17.58 -72.17 9.25
N ASN A 320 17.37 -73.35 9.85
CA ASN A 320 16.31 -74.27 9.42
C ASN A 320 16.41 -74.56 7.93
N SER A 321 17.62 -74.91 7.50
CA SER A 321 17.91 -75.06 6.07
C SER A 321 17.05 -76.13 5.42
N THR A 322 16.59 -77.12 6.20
CA THR A 322 15.74 -78.16 5.65
C THR A 322 14.32 -77.66 5.43
N TYR A 323 13.88 -76.70 6.24
CA TYR A 323 12.51 -76.21 6.13
C TYR A 323 12.25 -75.55 4.77
N THR A 324 13.21 -74.76 4.27
CA THR A 324 13.00 -74.06 3.02
C THR A 324 12.84 -75.04 1.86
N MET A 325 13.68 -76.08 1.81
CA MET A 325 13.54 -77.05 0.74
C MET A 325 12.28 -77.89 0.92
N LEU A 326 11.90 -78.21 2.17
CA LEU A 326 10.65 -78.92 2.39
C LEU A 326 9.46 -78.12 1.87
N ARG A 327 9.48 -76.81 2.11
CA ARG A 327 8.43 -75.94 1.58
C ARG A 327 8.45 -75.93 0.06
N SER A 328 9.62 -75.65 -0.53
CA SER A 328 9.72 -75.55 -1.98
C SER A 328 9.40 -76.86 -2.66
N ILE A 329 9.41 -77.98 -1.93
CA ILE A 329 8.98 -79.26 -2.47
C ILE A 329 7.47 -79.46 -2.32
N LEU A 330 6.97 -79.42 -1.08
CA LEU A 330 5.57 -79.73 -0.85
C LEU A 330 4.64 -78.72 -1.49
N ASP A 331 4.95 -77.42 -1.36
CA ASP A 331 4.10 -76.38 -1.93
C ASP A 331 4.06 -76.44 -3.45
N ASN A 332 5.20 -76.68 -4.08
CA ASN A 332 5.28 -76.76 -5.54
C ASN A 332 4.88 -78.13 -6.07
N TRP A 333 4.59 -79.09 -5.19
CA TRP A 333 4.30 -80.47 -5.60
C TRP A 333 3.48 -80.58 -6.88
N GLU A 334 2.33 -79.93 -6.97
CA GLU A 334 1.49 -80.09 -8.15
C GLU A 334 2.21 -79.67 -9.43
N SER A 335 2.78 -78.46 -9.42
CA SER A 335 3.43 -77.95 -10.63
C SER A 335 4.67 -78.77 -10.99
N VAL A 336 5.46 -79.15 -9.99
CA VAL A 336 6.70 -79.88 -10.28
C VAL A 336 6.38 -81.28 -10.77
N ILE A 337 5.38 -81.95 -10.20
CA ILE A 337 5.04 -83.28 -10.68
C ILE A 337 4.46 -83.20 -12.10
N GLN A 338 3.66 -82.18 -12.37
CA GLN A 338 3.11 -82.05 -13.73
C GLN A 338 4.21 -81.76 -14.74
N ILE A 339 5.17 -80.90 -14.41
CA ILE A 339 6.21 -80.60 -15.38
C ILE A 339 7.24 -81.72 -15.51
N LEU A 340 7.43 -82.54 -14.47
CA LEU A 340 8.28 -83.72 -14.66
C LEU A 340 7.57 -84.80 -15.45
N SER A 341 6.24 -84.89 -15.32
CA SER A 341 5.48 -85.79 -16.17
C SER A 341 5.53 -85.35 -17.61
N GLU A 342 5.40 -84.05 -17.87
CA GLU A 342 5.41 -83.57 -19.25
C GLU A 342 6.81 -83.38 -19.82
N ALA A 343 7.85 -83.55 -19.00
CA ALA A 343 9.23 -83.50 -19.49
C ALA A 343 9.89 -84.86 -19.52
N GLY A 344 9.13 -85.93 -19.31
CA GLY A 344 9.70 -87.27 -19.33
C GLY A 344 10.69 -87.55 -18.23
N GLU A 345 10.36 -87.15 -17.00
CA GLU A 345 11.23 -87.38 -15.84
C GLU A 345 10.46 -88.10 -14.74
N THR A 346 9.74 -89.16 -15.13
CA THR A 346 9.04 -89.97 -14.14
C THR A 346 10.01 -90.69 -13.21
N GLN A 347 11.22 -90.96 -13.69
CA GLN A 347 12.23 -91.61 -12.85
C GLN A 347 12.55 -90.78 -11.60
N ARG A 348 12.49 -89.44 -11.73
CA ARG A 348 12.92 -88.57 -10.65
C ARG A 348 12.03 -88.65 -9.41
N ILE A 349 10.83 -89.22 -9.53
CA ILE A 349 9.83 -89.13 -8.47
C ILE A 349 9.37 -90.49 -7.98
N VAL A 350 9.90 -91.59 -8.52
CA VAL A 350 9.42 -92.90 -8.13
C VAL A 350 9.89 -93.30 -6.73
N HIS A 351 10.78 -92.52 -6.11
CA HIS A 351 11.36 -92.87 -4.83
C HIS A 351 11.02 -91.87 -3.73
N ILE A 352 9.82 -91.29 -3.75
CA ILE A 352 9.43 -90.23 -2.82
C ILE A 352 8.12 -90.61 -2.16
N ASN A 353 8.04 -90.41 -0.84
CA ASN A 353 6.84 -90.67 -0.06
C ASN A 353 6.24 -89.35 0.42
N LYS A 354 4.95 -89.16 0.17
CA LYS A 354 4.26 -87.93 0.55
C LYS A 354 3.95 -87.89 2.04
N SER A 355 3.60 -89.04 2.63
CA SER A 355 3.20 -89.08 4.03
C SER A 355 4.34 -88.64 4.95
N ILE A 356 5.56 -89.10 4.66
CA ILE A 356 6.70 -88.69 5.46
C ILE A 356 6.91 -87.19 5.34
N ILE A 357 6.74 -86.65 4.13
CA ILE A 357 6.92 -85.22 3.92
C ILE A 357 5.92 -84.43 4.76
N GLN A 358 4.64 -84.83 4.74
CA GLN A 358 3.64 -84.08 5.47
C GLN A 358 3.84 -84.21 6.98
N THR A 359 4.23 -85.40 7.45
CA THR A 359 4.51 -85.56 8.87
C THR A 359 5.67 -84.68 9.31
N MET A 360 6.73 -84.64 8.50
CA MET A 360 7.89 -83.83 8.87
C MET A 360 7.58 -82.34 8.79
N VAL A 361 6.73 -81.92 7.86
CA VAL A 361 6.30 -80.53 7.85
C VAL A 361 5.50 -80.20 9.10
N ASN A 362 4.58 -81.09 9.49
CA ASN A 362 3.81 -80.87 10.70
C ASN A 362 4.69 -80.85 11.93
N ILE A 363 5.84 -81.53 11.89
CA ILE A 363 6.76 -81.52 13.01
C ILE A 363 7.63 -80.27 12.99
N LEU A 364 8.01 -79.81 11.80
CA LEU A 364 8.99 -78.74 11.66
C LEU A 364 8.37 -77.35 11.66
N ASP A 365 7.05 -77.24 11.49
CA ASP A 365 6.43 -75.93 11.62
C ASP A 365 6.59 -75.38 13.04
N GLY A 366 6.44 -76.25 14.03
CA GLY A 366 6.72 -75.84 15.40
C GLY A 366 8.16 -75.41 15.59
N PHE A 367 9.09 -76.08 14.92
CA PHE A 367 10.50 -75.69 15.01
C PHE A 367 10.73 -74.32 14.38
N GLU A 368 10.07 -74.06 13.25
CA GLU A 368 10.18 -72.75 12.62
C GLU A 368 9.62 -71.66 13.52
N ARG A 369 8.48 -71.91 14.17
CA ARG A 369 7.95 -70.90 15.06
C ARG A 369 8.78 -70.77 16.33
N ILE A 370 9.47 -71.84 16.74
CA ILE A 370 10.44 -71.73 17.84
C ILE A 370 11.58 -70.81 17.42
N PHE A 371 12.07 -70.98 16.19
CA PHE A 371 13.09 -70.08 15.67
C PHE A 371 12.65 -68.62 15.74
N LYS A 372 11.46 -68.34 15.19
CA LYS A 372 11.00 -66.95 15.12
C LYS A 372 10.73 -66.38 16.51
N GLU A 373 10.24 -67.22 17.44
CA GLU A 373 9.97 -66.72 18.77
C GLU A 373 11.23 -66.53 19.60
N LEU A 374 12.28 -67.30 19.30
CA LEU A 374 13.56 -67.12 19.96
C LEU A 374 14.39 -66.01 19.34
N GLN A 375 14.04 -65.56 18.13
CA GLN A 375 14.73 -64.46 17.48
C GLN A 375 14.03 -63.12 17.70
N THR A 376 13.10 -63.06 18.64
CA THR A 376 12.37 -61.83 18.92
C THR A 376 13.29 -60.79 19.56
N CYS A 377 13.31 -59.59 19.00
CA CYS A 377 14.11 -58.51 19.53
C CYS A 377 13.31 -57.63 20.49
N SER A 378 12.22 -57.05 20.01
CA SER A 378 11.40 -56.14 20.80
C SER A 378 10.52 -56.87 21.81
N SER A 379 10.74 -58.16 22.00
CA SER A 379 10.04 -58.96 22.99
C SER A 379 11.04 -59.85 23.68
N PRO A 380 10.88 -60.09 24.98
CA PRO A 380 11.78 -61.03 25.68
C PRO A 380 11.65 -62.43 25.11
N SER A 381 12.77 -63.14 25.03
CA SER A 381 12.78 -64.51 24.57
C SER A 381 13.40 -65.49 25.53
N LEU A 382 14.00 -65.03 26.63
CA LEU A 382 14.55 -65.94 27.62
C LEU A 382 13.48 -66.69 28.41
N CYS A 383 12.27 -66.13 28.48
CA CYS A 383 11.17 -66.81 29.16
C CYS A 383 10.55 -67.92 28.33
N PHE A 384 11.13 -68.24 27.18
CA PHE A 384 10.61 -69.27 26.29
C PHE A 384 11.25 -70.63 26.52
N VAL A 385 12.24 -70.72 27.41
CA VAL A 385 13.14 -71.88 27.40
C VAL A 385 12.42 -73.16 27.82
N VAL A 386 11.69 -73.12 28.93
CA VAL A 386 11.01 -74.31 29.44
C VAL A 386 9.74 -74.60 28.65
N PRO A 387 8.95 -73.58 28.26
CA PRO A 387 7.87 -73.87 27.30
C PRO A 387 8.39 -74.45 26.00
N SER A 388 9.58 -74.05 25.56
CA SER A 388 10.19 -74.71 24.42
C SER A 388 10.45 -76.18 24.70
N ILE A 389 10.91 -76.49 25.92
CA ILE A 389 11.12 -77.89 26.30
C ILE A 389 9.80 -78.66 26.22
N LEU A 390 8.74 -78.07 26.76
CA LEU A 390 7.44 -78.72 26.71
C LEU A 390 6.99 -78.95 25.28
N LYS A 391 7.09 -77.92 24.44
CA LYS A 391 6.64 -78.04 23.05
C LYS A 391 7.45 -79.08 22.30
N VAL A 392 8.77 -79.12 22.52
CA VAL A 392 9.61 -80.09 21.83
C VAL A 392 9.29 -81.50 22.30
N LYS A 393 9.24 -81.72 23.62
CA LYS A 393 8.99 -83.05 24.13
C LYS A 393 7.60 -83.54 23.78
N GLU A 394 6.66 -82.62 23.58
CA GLU A 394 5.35 -83.01 23.04
C GLU A 394 5.46 -83.37 21.56
N ILE A 395 6.18 -82.55 20.79
CA ILE A 395 6.34 -82.81 19.36
C ILE A 395 7.21 -84.03 19.13
N CYS A 396 8.35 -84.11 19.82
CA CYS A 396 9.27 -85.22 19.62
C CYS A 396 8.76 -86.54 20.19
N SER A 397 7.74 -86.51 21.03
CA SER A 397 7.19 -87.75 21.57
C SER A 397 6.63 -88.60 20.44
N PRO A 398 6.89 -89.91 20.45
CA PRO A 398 6.37 -90.77 19.38
C PRO A 398 4.85 -90.76 19.32
N ASP A 399 4.33 -90.84 18.11
CA ASP A 399 2.89 -90.78 17.84
C ASP A 399 2.44 -92.08 17.17
N VAL A 400 1.20 -92.09 16.72
CA VAL A 400 0.65 -93.26 16.03
C VAL A 400 0.96 -93.21 14.54
N GLY A 401 0.94 -92.01 13.96
CA GLY A 401 1.14 -91.82 12.53
C GLY A 401 2.57 -91.77 12.07
N ASP A 402 3.53 -92.14 12.92
CA ASP A 402 4.94 -92.11 12.53
C ASP A 402 5.37 -93.46 11.94
N VAL A 403 6.38 -93.39 11.07
CA VAL A 403 6.98 -94.60 10.53
C VAL A 403 8.02 -95.12 11.52
N ALA A 404 8.39 -96.40 11.36
CA ALA A 404 9.46 -96.97 12.18
C ALA A 404 10.73 -96.13 12.07
N ASP A 405 11.04 -95.66 10.86
CA ASP A 405 12.13 -94.70 10.69
C ASP A 405 11.83 -93.41 11.43
N ILE A 406 10.58 -92.96 11.39
CA ILE A 406 10.22 -91.71 12.07
C ILE A 406 10.25 -91.89 13.59
N ALA A 407 9.79 -93.04 14.09
CA ALA A 407 9.89 -93.30 15.53
C ALA A 407 11.35 -93.40 15.96
N LYS A 408 12.19 -94.02 15.13
CA LYS A 408 13.62 -94.03 15.40
C LYS A 408 14.19 -92.62 15.45
N LEU A 409 13.76 -91.77 14.52
CA LEU A 409 14.16 -90.36 14.54
C LEU A 409 13.74 -89.69 15.83
N LYS A 410 12.51 -89.94 16.28
CA LYS A 410 12.02 -89.31 17.50
C LYS A 410 12.81 -89.78 18.73
N VAL A 411 13.15 -91.07 18.77
CA VAL A 411 13.98 -91.58 19.86
C VAL A 411 15.36 -90.92 19.84
N ASN A 412 15.94 -90.79 18.65
CA ASN A 412 17.24 -90.14 18.54
C ASN A 412 17.16 -88.67 18.98
N ILE A 413 16.07 -88.00 18.62
CA ILE A 413 15.86 -86.61 19.04
C ILE A 413 15.78 -86.53 20.56
N ILE A 414 15.05 -87.46 21.18
CA ILE A 414 14.95 -87.47 22.64
C ILE A 414 16.32 -87.63 23.26
N LYS A 415 17.12 -88.57 22.74
CA LYS A 415 18.46 -88.76 23.28
C LYS A 415 19.31 -87.51 23.12
N ASN A 416 19.27 -86.90 21.94
CA ASN A 416 20.10 -85.73 21.69
C ASN A 416 19.69 -84.56 22.58
N VAL A 417 18.38 -84.33 22.74
CA VAL A 417 17.92 -83.22 23.56
C VAL A 417 18.32 -83.45 25.01
N ARG A 418 18.13 -84.67 25.52
CA ARG A 418 18.48 -84.92 26.92
C ARG A 418 19.99 -84.86 27.16
N ILE A 419 20.80 -85.13 26.14
CA ILE A 419 22.25 -85.03 26.35
C ILE A 419 22.82 -83.65 26.06
N ILE A 420 22.09 -82.78 25.36
CA ILE A 420 22.60 -81.46 24.99
C ILE A 420 21.80 -80.34 25.65
N TRP A 421 20.51 -80.22 25.33
CA TRP A 421 19.73 -79.07 25.77
C TRP A 421 19.61 -79.04 27.30
N GLU A 422 18.93 -80.04 27.85
CA GLU A 422 18.72 -80.08 29.30
C GLU A 422 20.03 -80.26 30.04
N GLU A 423 21.03 -80.88 29.39
CA GLU A 423 22.35 -80.99 29.99
C GLU A 423 22.98 -79.61 30.18
N ASN A 424 22.87 -78.75 29.17
CA ASN A 424 23.49 -77.43 29.21
C ASN A 424 22.60 -76.37 29.84
N LEU A 425 21.30 -76.60 29.91
CA LEU A 425 20.41 -75.65 30.57
C LEU A 425 20.67 -75.65 32.07
N SER A 426 20.53 -74.47 32.68
CA SER A 426 20.96 -74.29 34.06
C SER A 426 20.04 -73.29 34.74
N ILE A 427 20.48 -72.77 35.88
CA ILE A 427 19.60 -72.05 36.79
C ILE A 427 19.03 -70.81 36.13
N TRP A 428 19.82 -70.15 35.28
CA TRP A 428 19.40 -68.88 34.69
C TRP A 428 18.13 -69.04 33.87
N HIS A 429 18.06 -70.10 33.05
CA HIS A 429 16.94 -70.26 32.14
C HIS A 429 15.64 -70.48 32.91
N TYR A 430 15.65 -71.43 33.84
CA TYR A 430 14.46 -71.74 34.63
C TYR A 430 14.05 -70.56 35.50
N THR A 431 15.02 -69.85 36.07
CA THR A 431 14.71 -68.70 36.90
C THR A 431 14.08 -67.58 36.07
N ALA A 432 14.60 -67.35 34.87
CA ALA A 432 14.02 -66.31 34.01
C ALA A 432 12.62 -66.68 33.55
N PHE A 433 12.39 -67.97 33.31
CA PHE A 433 11.02 -68.39 33.01
C PHE A 433 10.11 -68.33 34.24
N PHE A 434 10.69 -68.41 35.45
CA PHE A 434 9.88 -68.47 36.66
C PHE A 434 9.04 -67.21 36.86
N PHE A 435 9.61 -66.05 36.53
CA PHE A 435 8.95 -64.78 36.79
C PHE A 435 7.70 -64.57 35.95
N TYR A 436 7.42 -65.45 35.00
CA TYR A 436 6.18 -65.38 34.26
C TYR A 436 5.00 -65.55 35.21
N PRO A 437 3.98 -64.69 35.13
CA PRO A 437 3.04 -64.51 36.26
C PRO A 437 2.35 -65.80 36.64
N PRO A 438 1.98 -66.68 35.69
CA PRO A 438 1.63 -68.05 36.08
C PRO A 438 2.87 -68.85 36.47
N ALA A 439 3.30 -68.71 37.72
CA ALA A 439 4.51 -69.34 38.22
C ALA A 439 4.28 -70.78 38.68
N LEU A 440 3.21 -71.42 38.21
CA LEU A 440 2.90 -72.80 38.50
C LEU A 440 3.51 -73.77 37.48
N HIS A 441 4.29 -73.26 36.53
CA HIS A 441 4.83 -74.11 35.48
C HIS A 441 5.79 -75.16 36.03
N MET A 442 6.66 -74.77 36.97
CA MET A 442 7.76 -75.61 37.45
C MET A 442 7.62 -75.95 38.93
N GLN A 443 6.41 -76.32 39.36
CA GLN A 443 6.17 -76.71 40.74
C GLN A 443 7.05 -77.87 41.20
N GLN A 444 7.86 -78.44 40.32
CA GLN A 444 8.77 -79.51 40.68
C GLN A 444 9.98 -78.95 41.40
N GLU A 445 11.04 -79.75 41.52
CA GLU A 445 12.18 -79.40 42.37
C GLU A 445 12.88 -78.12 41.94
N LYS A 446 12.69 -77.67 40.70
CA LYS A 446 13.42 -76.51 40.20
C LYS A 446 13.14 -75.25 41.00
N VAL A 447 12.06 -75.23 41.78
CA VAL A 447 11.73 -74.05 42.56
C VAL A 447 12.83 -73.74 43.56
N ALA A 448 13.50 -74.77 44.09
CA ALA A 448 14.57 -74.55 45.06
C ALA A 448 15.73 -73.77 44.45
N GLN A 449 16.23 -74.25 43.31
CA GLN A 449 17.33 -73.57 42.64
C GLN A 449 16.93 -72.19 42.15
N ILE A 450 15.70 -72.07 41.63
CA ILE A 450 15.22 -70.77 41.17
C ILE A 450 15.16 -69.78 42.33
N LYS A 451 14.66 -70.23 43.48
CA LYS A 451 14.58 -69.36 44.66
C LYS A 451 15.96 -68.97 45.17
N GLU A 452 16.90 -69.91 45.15
CA GLU A 452 18.26 -69.59 45.57
C GLU A 452 18.88 -68.53 44.67
N PHE A 453 18.71 -68.69 43.35
CA PHE A 453 19.22 -67.70 42.41
C PHE A 453 18.53 -66.35 42.58
N CYS A 454 17.22 -66.36 42.82
CA CYS A 454 16.49 -65.13 43.05
C CYS A 454 16.98 -64.42 44.30
N LEU A 455 17.27 -65.18 45.36
CA LEU A 455 17.83 -64.58 46.57
C LEU A 455 19.20 -63.97 46.31
N SER A 456 20.05 -64.69 45.58
CA SER A 456 21.37 -64.15 45.26
C SER A 456 21.27 -62.88 44.44
N LYS A 457 20.37 -62.85 43.45
CA LYS A 457 20.23 -61.65 42.62
C LYS A 457 19.59 -60.51 43.39
N MET A 458 18.69 -60.82 44.34
CA MET A 458 18.15 -59.79 45.22
C MET A 458 19.24 -59.18 46.08
N GLU A 459 20.16 -60.01 46.58
CA GLU A 459 21.31 -59.47 47.29
C GLU A 459 22.16 -58.60 46.37
N ASP A 460 22.39 -59.07 45.14
CA ASP A 460 23.24 -58.32 44.20
C ASP A 460 22.65 -56.96 43.88
N LEU A 461 21.34 -56.90 43.63
CA LEU A 461 20.65 -55.65 43.36
C LEU A 461 20.35 -54.87 44.63
N GLU A 462 20.58 -55.46 45.80
CA GLU A 462 20.32 -54.80 47.08
C GLU A 462 21.61 -54.27 47.70
N VAL A 518 7.54 -54.94 51.41
CA VAL A 518 7.41 -56.39 51.44
C VAL A 518 8.79 -57.05 51.28
N CYS A 519 9.05 -58.04 52.13
CA CYS A 519 10.37 -58.65 52.21
C CYS A 519 10.64 -59.53 50.98
N PRO A 520 11.91 -59.78 50.67
CA PRO A 520 12.21 -60.61 49.48
C PRO A 520 11.65 -62.03 49.57
N SER A 521 11.92 -62.75 50.66
CA SER A 521 11.35 -64.08 50.79
C SER A 521 9.83 -64.03 50.93
N ASP A 522 9.33 -62.99 51.61
CA ASP A 522 7.88 -62.77 51.62
C ASP A 522 7.36 -62.52 50.22
N GLU A 523 8.11 -61.78 49.40
CA GLU A 523 7.74 -61.60 48.00
C GLU A 523 7.69 -62.93 47.26
N PHE A 524 8.70 -63.79 47.49
CA PHE A 524 8.74 -65.08 46.82
C PHE A 524 7.54 -65.94 47.21
N GLU A 525 7.18 -65.93 48.50
CA GLU A 525 6.04 -66.72 48.95
C GLU A 525 4.72 -66.15 48.41
N PHE A 526 4.58 -64.83 48.44
CA PHE A 526 3.32 -64.23 47.97
C PHE A 526 3.19 -64.35 46.46
N TYR A 527 4.30 -64.43 45.73
CA TYR A 527 4.26 -64.73 44.32
C TYR A 527 3.71 -66.12 44.05
N ARG A 528 4.05 -67.08 44.92
CA ARG A 528 3.49 -68.43 44.83
C ARG A 528 1.97 -68.42 45.03
N LYS A 529 1.43 -67.39 45.66
CA LYS A 529 -0.01 -67.24 45.82
C LYS A 529 -0.69 -66.62 44.61
N GLU A 530 0.08 -66.15 43.63
CA GLU A 530 -0.47 -65.41 42.51
C GLU A 530 -0.86 -66.34 41.36
N ILE A 531 -2.07 -66.14 40.85
CA ILE A 531 -2.60 -66.90 39.72
C ILE A 531 -3.05 -65.89 38.67
N VAL A 532 -2.56 -66.04 37.44
CA VAL A 532 -2.80 -65.08 36.37
C VAL A 532 -3.29 -65.84 35.14
N ILE A 533 -4.33 -65.29 34.51
CA ILE A 533 -4.95 -65.91 33.34
C ILE A 533 -4.26 -65.41 32.08
N LEU A 534 -3.87 -66.33 31.20
CA LEU A 534 -3.26 -65.97 29.93
C LEU A 534 -4.27 -65.30 29.01
N SER A 535 -3.82 -64.25 28.33
CA SER A 535 -4.58 -63.62 27.26
C SER A 535 -3.67 -63.48 26.04
N GLU A 536 -4.30 -63.44 24.86
CA GLU A 536 -3.55 -63.45 23.62
C GLU A 536 -2.65 -62.23 23.49
N ASP A 537 -2.98 -61.14 24.18
CA ASP A 537 -2.16 -59.93 24.20
C ASP A 537 -1.49 -59.69 25.56
N PHE A 538 -1.50 -60.68 26.44
CA PHE A 538 -0.88 -60.52 27.75
C PHE A 538 0.63 -60.40 27.61
N LYS A 539 1.22 -59.50 28.42
CA LYS A 539 2.67 -59.33 28.46
C LYS A 539 3.13 -59.37 29.92
N VAL A 540 4.19 -60.14 30.17
CA VAL A 540 4.73 -60.25 31.52
C VAL A 540 5.36 -58.94 31.97
N MET A 541 5.96 -58.18 31.05
CA MET A 541 6.65 -56.94 31.41
C MET A 541 5.68 -55.91 31.98
N GLU A 542 4.60 -55.63 31.25
CA GLU A 542 3.59 -54.70 31.73
C GLU A 542 2.94 -55.20 33.02
N TRP A 543 2.76 -56.52 33.13
CA TRP A 543 2.15 -57.09 34.32
C TRP A 543 3.04 -56.87 35.55
N TRP A 544 4.35 -57.10 35.41
CA TRP A 544 5.26 -56.87 36.53
C TRP A 544 5.36 -55.39 36.86
N ASN A 545 5.40 -54.52 35.86
CA ASN A 545 5.50 -53.09 36.14
C ASN A 545 4.22 -52.55 36.79
N LEU A 546 3.07 -53.13 36.47
CA LEU A 546 1.86 -52.76 37.21
C LEU A 546 1.83 -53.40 38.59
N ASN A 547 2.57 -54.49 38.79
CA ASN A 547 2.83 -55.01 40.12
C ASN A 547 4.11 -54.46 40.73
N SER A 548 4.86 -53.64 39.99
CA SER A 548 6.01 -52.97 40.57
C SER A 548 5.61 -52.03 41.69
N LYS A 549 4.40 -51.46 41.61
CA LYS A 549 3.89 -50.62 42.70
C LYS A 549 3.68 -51.43 43.97
N LYS A 550 3.45 -52.73 43.83
CA LYS A 550 3.30 -53.62 44.97
C LYS A 550 4.58 -54.36 45.33
N TYR A 551 5.48 -54.57 44.37
CA TYR A 551 6.75 -55.27 44.59
C TYR A 551 7.90 -54.35 44.25
N PRO A 552 8.69 -53.91 45.24
CA PRO A 552 9.80 -52.99 44.96
C PRO A 552 10.87 -53.54 44.02
N LYS A 553 11.50 -54.66 44.37
CA LYS A 553 12.71 -55.10 43.69
C LYS A 553 12.55 -56.36 42.85
N LEU A 554 11.52 -57.17 43.09
CA LEU A 554 11.30 -58.34 42.25
C LEU A 554 10.92 -57.92 40.83
N SER A 555 10.22 -56.80 40.69
CA SER A 555 9.94 -56.27 39.35
C SER A 555 11.23 -55.85 38.66
N LYS A 556 12.14 -55.20 39.38
CA LYS A 556 13.43 -54.85 38.79
C LYS A 556 14.19 -56.11 38.38
N LEU A 557 14.09 -57.17 39.19
CA LEU A 557 14.65 -58.45 38.80
C LEU A 557 14.02 -58.97 37.51
N ALA A 558 12.70 -58.82 37.38
CA ALA A 558 12.02 -59.27 36.17
C ALA A 558 12.53 -58.53 34.95
N LEU A 559 12.63 -57.20 35.03
CA LEU A 559 13.14 -56.42 33.91
C LEU A 559 14.61 -56.74 33.62
N SER A 560 15.39 -57.04 34.66
CA SER A 560 16.76 -57.47 34.44
C SER A 560 16.81 -58.78 33.67
N LEU A 561 15.92 -59.71 34.01
CA LEU A 561 15.88 -61.00 33.32
C LEU A 561 15.15 -60.90 31.98
N LEU A 562 14.13 -60.04 31.88
CA LEU A 562 13.38 -59.93 30.63
C LEU A 562 14.18 -59.22 29.54
N SER A 563 15.19 -58.44 29.93
CA SER A 563 16.02 -57.76 28.95
C SER A 563 17.01 -58.69 28.26
N ILE A 564 16.84 -59.99 28.41
CA ILE A 564 17.79 -60.97 27.89
C ILE A 564 17.10 -61.77 26.78
N PRO A 565 17.46 -61.57 25.51
CA PRO A 565 17.06 -62.52 24.47
C PRO A 565 17.75 -63.86 24.69
N ALA A 566 17.10 -64.92 24.19
CA ALA A 566 17.61 -66.28 24.37
C ALA A 566 18.64 -66.67 23.31
N SER A 567 18.94 -65.80 22.35
CA SER A 567 19.83 -66.18 21.26
C SER A 567 20.59 -64.94 20.77
N SER A 568 21.63 -65.20 19.98
CA SER A 568 22.40 -64.16 19.31
C SER A 568 21.82 -63.80 17.94
N ALA A 569 20.51 -64.01 17.76
CA ALA A 569 19.85 -63.66 16.51
C ALA A 569 20.12 -62.21 16.13
N ALA A 570 20.10 -61.32 17.11
CA ALA A 570 20.44 -59.93 16.85
C ALA A 570 21.87 -59.80 16.37
N SER A 571 22.79 -60.62 16.91
CA SER A 571 24.19 -60.56 16.49
C SER A 571 24.34 -60.95 15.03
N GLU A 572 23.76 -62.08 14.63
CA GLU A 572 23.89 -62.43 13.21
C GLU A 572 23.05 -61.53 12.32
N ARG A 573 22.02 -60.86 12.85
CA ARG A 573 21.32 -59.87 12.03
C ARG A 573 22.18 -58.63 11.82
N THR A 574 22.96 -58.25 12.84
CA THR A 574 23.95 -57.19 12.64
C THR A 574 24.96 -57.59 11.58
N PHE A 575 25.39 -58.85 11.61
CA PHE A 575 26.29 -59.34 10.56
C PHE A 575 25.63 -59.26 9.20
N SER A 576 24.35 -59.62 9.12
CA SER A 576 23.63 -59.54 7.85
C SER A 576 23.54 -58.10 7.36
N LEU A 577 23.28 -57.15 8.27
CA LEU A 577 23.23 -55.74 7.89
C LEU A 577 24.59 -55.26 7.40
N ALA A 578 25.66 -55.67 8.07
CA ALA A 578 27.00 -55.32 7.59
C ALA A 578 27.25 -55.90 6.21
N GLY A 579 26.77 -57.12 5.96
CA GLY A 579 26.85 -57.66 4.61
C GLY A 579 26.03 -56.84 3.61
N ASN A 580 24.89 -56.33 4.05
CA ASN A 580 24.08 -55.49 3.18
C ASN A 580 24.82 -54.22 2.79
N ILE A 581 25.49 -53.58 3.76
CA ILE A 581 26.19 -52.34 3.45
C ILE A 581 27.47 -52.57 2.67
N ILE A 582 27.97 -53.80 2.60
CA ILE A 582 29.19 -54.11 1.88
C ILE A 582 28.82 -54.67 0.51
N THR A 583 29.58 -54.29 -0.51
CA THR A 583 29.31 -54.69 -1.88
C THR A 583 30.59 -54.50 -2.67
N GLU A 584 30.63 -55.09 -3.88
CA GLU A 584 31.81 -54.99 -4.74
C GLU A 584 32.25 -53.54 -4.91
N LYS A 585 31.30 -52.65 -5.20
CA LYS A 585 31.63 -51.24 -5.38
C LYS A 585 32.06 -50.58 -4.08
N ARG A 586 31.76 -51.19 -2.94
CA ARG A 586 32.09 -50.61 -1.63
C ARG A 586 33.27 -51.31 -0.97
N ASN A 587 34.26 -51.73 -1.77
CA ASN A 587 35.39 -52.50 -1.25
C ASN A 587 36.49 -51.64 -0.64
N ARG A 588 36.38 -50.31 -0.71
CA ARG A 588 37.39 -49.43 -0.17
C ARG A 588 36.97 -48.76 1.13
N ILE A 589 35.89 -49.21 1.75
CA ILE A 589 35.40 -48.58 2.97
C ILE A 589 36.37 -48.82 4.11
N GLY A 590 36.31 -47.95 5.12
CA GLY A 590 37.10 -48.11 6.33
C GLY A 590 36.27 -48.66 7.48
N GLN A 591 36.94 -49.39 8.37
CA GLN A 591 36.25 -50.06 9.46
C GLN A 591 35.58 -49.06 10.40
N GLN A 592 36.27 -47.96 10.71
CA GLN A 592 35.70 -46.94 11.58
C GLN A 592 34.44 -46.37 10.95
N THR A 593 34.48 -46.12 9.64
CA THR A 593 33.29 -45.62 8.96
C THR A 593 32.14 -46.61 9.08
N VAL A 594 32.44 -47.90 8.92
CA VAL A 594 31.39 -48.92 8.96
C VAL A 594 30.74 -48.98 10.32
N ASP A 595 31.55 -49.07 11.38
CA ASP A 595 30.94 -49.21 12.70
C ASP A 595 30.24 -47.91 13.12
N SER A 596 30.76 -46.77 12.68
CA SER A 596 30.04 -45.51 12.86
C SER A 596 28.66 -45.59 12.23
N LEU A 597 28.60 -46.02 10.96
CA LEU A 597 27.33 -46.07 10.26
C LEU A 597 26.33 -46.95 11.00
N LEU A 598 26.78 -48.13 11.43
CA LEU A 598 25.85 -49.06 12.06
C LEU A 598 25.41 -48.55 13.44
N PHE A 599 26.33 -47.94 14.19
CA PHE A 599 25.93 -47.37 15.49
C PHE A 599 24.91 -46.27 15.32
N LEU A 600 25.14 -45.37 14.36
CA LEU A 600 24.17 -44.31 14.12
C LEU A 600 22.83 -44.87 13.67
N ASN A 601 22.86 -45.90 12.82
CA ASN A 601 21.61 -46.51 12.39
C ASN A 601 20.84 -47.10 13.56
N SER A 602 21.55 -47.79 14.47
CA SER A 602 20.88 -48.39 15.62
C SER A 602 20.31 -47.31 16.53
N PHE A 603 21.09 -46.25 16.79
CA PHE A 603 20.60 -45.17 17.63
C PHE A 603 19.37 -44.51 17.01
N TYR A 604 19.40 -44.28 15.70
CA TYR A 604 18.27 -43.66 15.02
C TYR A 604 17.06 -44.55 15.07
N LYS A 605 17.25 -45.87 15.00
CA LYS A 605 16.13 -46.79 15.13
C LYS A 605 15.54 -46.75 16.53
N ASN A 606 16.38 -46.72 17.57
CA ASN A 606 15.91 -46.97 18.93
C ASN A 606 15.49 -45.71 19.68
N PHE A 607 16.28 -44.63 19.62
CA PHE A 607 16.03 -43.50 20.50
C PHE A 607 15.53 -42.27 19.74
N CYS A 608 14.64 -42.47 18.77
CA CYS A 608 14.08 -41.35 18.03
C CYS A 608 12.58 -41.51 17.93
N LYS A 609 11.84 -40.51 18.37
CA LYS A 609 10.37 -40.51 18.33
C LYS A 609 9.84 -39.18 17.81
N ARG B 81 21.06 -13.57 -14.14
CA ARG B 81 22.16 -14.53 -14.25
C ARG B 81 23.02 -14.48 -12.98
N GLU B 82 22.75 -13.51 -12.12
CA GLU B 82 23.39 -13.49 -10.82
C GLU B 82 22.80 -14.56 -9.91
N LEU B 83 23.65 -15.13 -9.05
CA LEU B 83 23.25 -16.16 -8.11
C LEU B 83 23.46 -15.66 -6.69
N LYS B 84 22.59 -16.06 -5.78
CA LYS B 84 22.62 -15.56 -4.42
C LYS B 84 23.31 -16.57 -3.48
N THR B 85 23.38 -16.20 -2.21
CA THR B 85 24.12 -16.96 -1.21
C THR B 85 23.25 -17.12 0.05
N VAL B 86 23.47 -18.22 0.76
CA VAL B 86 22.72 -18.52 1.97
C VAL B 86 23.62 -18.29 3.18
N SER B 87 23.03 -18.35 4.36
CA SER B 87 23.79 -18.27 5.59
C SER B 87 24.64 -19.51 5.78
N ALA B 88 25.74 -19.36 6.53
CA ALA B 88 26.58 -20.51 6.84
C ALA B 88 25.86 -21.51 7.73
N ASP B 89 24.96 -21.02 8.60
CA ASP B 89 24.18 -21.91 9.46
C ASP B 89 23.26 -22.79 8.62
N CYS B 90 22.69 -22.23 7.55
CA CYS B 90 21.88 -23.04 6.65
C CYS B 90 22.71 -24.14 6.02
N LYS B 91 23.95 -23.83 5.63
CA LYS B 91 24.82 -24.86 5.10
C LYS B 91 25.11 -25.93 6.13
N LYS B 92 25.37 -25.53 7.38
CA LYS B 92 25.66 -26.49 8.43
C LYS B 92 24.49 -27.43 8.66
N GLU B 93 23.27 -26.89 8.74
CA GLU B 93 22.11 -27.76 8.94
C GLU B 93 21.84 -28.62 7.71
N ALA B 94 22.19 -28.12 6.52
CA ALA B 94 22.12 -28.98 5.34
C ALA B 94 23.03 -30.18 5.48
N ILE B 95 24.26 -29.95 5.95
CA ILE B 95 25.19 -31.05 6.19
C ILE B 95 24.60 -32.04 7.19
N GLU B 96 24.12 -31.50 8.31
CA GLU B 96 23.58 -32.36 9.37
C GLU B 96 22.45 -33.23 8.84
N LYS B 97 21.51 -32.62 8.13
CA LYS B 97 20.30 -33.35 7.79
C LYS B 97 20.55 -34.30 6.62
N CYS B 98 21.43 -33.93 5.68
CA CYS B 98 21.78 -34.86 4.61
C CYS B 98 22.54 -36.05 5.15
N ALA B 99 23.42 -35.84 6.14
CA ALA B 99 24.08 -36.97 6.78
C ALA B 99 23.06 -37.85 7.49
N GLN B 100 22.10 -37.23 8.17
CA GLN B 100 21.02 -37.98 8.81
C GLN B 100 20.32 -38.88 7.80
N TRP B 101 19.96 -38.31 6.65
CA TRP B 101 19.28 -39.10 5.62
C TRP B 101 20.16 -40.24 5.11
N VAL B 102 21.43 -39.95 4.80
CA VAL B 102 22.25 -40.98 4.16
C VAL B 102 22.54 -42.11 5.13
N VAL B 103 22.77 -41.81 6.40
CA VAL B 103 22.95 -42.89 7.36
C VAL B 103 21.65 -43.65 7.55
N ARG B 104 20.52 -42.95 7.52
CA ARG B 104 19.24 -43.65 7.62
C ARG B 104 18.98 -44.52 6.39
N ASP B 105 19.28 -43.99 5.20
CA ASP B 105 18.98 -44.71 3.97
C ASP B 105 20.06 -45.70 3.56
N CYS B 106 21.25 -45.63 4.14
CA CYS B 106 22.35 -46.52 3.81
C CYS B 106 22.62 -46.53 2.31
N ARG B 107 23.05 -45.37 1.81
CA ARG B 107 23.32 -45.20 0.39
C ARG B 107 24.74 -44.72 0.17
N PRO B 108 25.36 -45.08 -0.95
CA PRO B 108 26.73 -44.64 -1.21
C PRO B 108 26.83 -43.12 -1.34
N PHE B 109 27.98 -42.59 -0.94
CA PHE B 109 28.17 -41.15 -0.90
C PHE B 109 28.23 -40.52 -2.29
N SER B 110 28.37 -41.33 -3.33
CA SER B 110 28.40 -40.80 -4.69
C SER B 110 27.06 -40.24 -5.13
N ALA B 111 25.99 -40.52 -4.38
CA ALA B 111 24.66 -40.11 -4.83
C ALA B 111 24.54 -38.60 -4.92
N VAL B 112 25.10 -37.87 -3.95
CA VAL B 112 25.02 -36.41 -3.97
C VAL B 112 25.73 -35.84 -5.19
N SER B 113 26.80 -36.50 -5.64
CA SER B 113 27.56 -36.01 -6.77
C SER B 113 26.80 -36.13 -8.08
N GLY B 114 25.69 -36.86 -8.11
CA GLY B 114 24.98 -37.06 -9.36
C GLY B 114 24.47 -35.74 -9.92
N SER B 115 24.47 -35.64 -11.25
CA SER B 115 23.93 -34.44 -11.90
C SER B 115 22.41 -34.40 -11.80
N GLY B 116 21.75 -35.54 -11.97
CA GLY B 116 20.32 -35.59 -11.76
C GLY B 116 19.95 -35.21 -10.34
N PHE B 117 20.82 -35.49 -9.38
CA PHE B 117 20.59 -35.11 -8.00
C PHE B 117 20.42 -33.59 -7.87
N ILE B 118 21.38 -32.83 -8.38
CA ILE B 118 21.28 -31.39 -8.29
C ILE B 118 20.17 -30.86 -9.20
N ASP B 119 19.85 -31.57 -10.28
CA ASP B 119 18.69 -31.21 -11.08
C ASP B 119 17.42 -31.24 -10.24
N MET B 120 17.21 -32.35 -9.52
CA MET B 120 16.02 -32.49 -8.69
C MET B 120 16.04 -31.47 -7.57
N ILE B 121 17.23 -31.20 -7.02
CA ILE B 121 17.34 -30.20 -5.97
C ILE B 121 16.92 -28.83 -6.48
N LYS B 122 17.37 -28.45 -7.68
CA LYS B 122 16.97 -27.17 -8.25
C LYS B 122 15.47 -27.12 -8.46
N PHE B 123 14.89 -28.21 -8.95
CA PHE B 123 13.44 -28.26 -9.13
C PHE B 123 12.73 -28.09 -7.78
N PHE B 124 13.24 -28.73 -6.74
CA PHE B 124 12.66 -28.61 -5.41
C PHE B 124 12.73 -27.18 -4.90
N ILE B 125 13.87 -26.52 -5.10
CA ILE B 125 14.02 -25.15 -4.61
C ILE B 125 13.07 -24.22 -5.36
N LYS B 126 12.98 -24.39 -6.67
CA LYS B 126 12.06 -23.58 -7.46
C LYS B 126 10.62 -23.79 -7.02
N VAL B 127 10.22 -25.04 -6.77
CA VAL B 127 8.86 -25.31 -6.34
C VAL B 127 8.61 -24.75 -4.95
N GLY B 128 9.57 -24.89 -4.04
CA GLY B 128 9.40 -24.37 -2.69
C GLY B 128 9.25 -22.87 -2.68
N ALA B 129 10.03 -22.16 -3.48
CA ALA B 129 9.85 -20.73 -3.63
C ALA B 129 8.48 -20.42 -4.22
N GLU B 130 8.10 -21.14 -5.28
CA GLU B 130 6.86 -20.88 -5.99
C GLU B 130 5.63 -21.20 -5.16
N TYR B 131 5.78 -21.98 -4.08
CA TYR B 131 4.63 -22.49 -3.35
C TYR B 131 4.66 -22.18 -1.86
N GLY B 132 5.80 -21.81 -1.29
CA GLY B 132 5.88 -21.51 0.13
C GLY B 132 6.59 -22.59 0.92
N GLU B 133 6.42 -22.51 2.24
CA GLU B 133 7.08 -23.45 3.14
C GLU B 133 6.13 -24.50 3.73
N HIS B 134 4.89 -24.12 4.06
CA HIS B 134 3.95 -25.07 4.64
C HIS B 134 3.23 -25.86 3.55
N VAL B 135 4.06 -26.48 2.71
CA VAL B 135 3.63 -27.21 1.52
C VAL B 135 3.91 -28.68 1.75
N ASN B 136 2.91 -29.52 1.49
CA ASN B 136 2.99 -30.93 1.84
C ASN B 136 3.95 -31.69 0.93
N VAL B 137 4.60 -32.69 1.51
CA VAL B 137 5.50 -33.57 0.79
C VAL B 137 4.86 -34.92 0.50
N GLU B 138 4.15 -35.46 1.49
CA GLU B 138 3.66 -36.83 1.39
C GLU B 138 2.73 -37.02 0.20
N GLU B 139 1.81 -36.09 -0.01
CA GLU B 139 0.93 -36.19 -1.17
C GLU B 139 1.71 -36.00 -2.48
N LEU B 140 2.67 -35.08 -2.49
CA LEU B 140 3.40 -34.79 -3.72
C LEU B 140 4.24 -35.98 -4.16
N LEU B 141 4.90 -36.64 -3.21
CA LEU B 141 5.79 -37.74 -3.56
C LEU B 141 4.97 -38.97 -3.97
N PRO B 142 5.21 -39.53 -5.14
CA PRO B 142 4.44 -40.68 -5.61
C PRO B 142 4.95 -41.99 -5.01
N SER B 143 4.38 -43.11 -5.51
CA SER B 143 4.65 -44.50 -5.17
C SER B 143 5.58 -45.15 -6.20
N PRO B 144 6.37 -46.13 -5.77
CA PRO B 144 7.34 -46.74 -6.70
C PRO B 144 6.71 -47.39 -7.92
N ILE B 145 5.56 -48.04 -7.78
CA ILE B 145 4.93 -48.64 -8.94
C ILE B 145 4.41 -47.56 -9.89
N THR B 146 3.90 -46.45 -9.34
CA THR B 146 3.62 -45.29 -10.16
C THR B 146 4.87 -44.86 -10.91
N LEU B 147 6.02 -44.89 -10.25
CA LEU B 147 7.26 -44.51 -10.89
C LEU B 147 7.60 -45.45 -12.05
N SER B 148 7.41 -46.75 -11.85
CA SER B 148 7.71 -47.70 -12.92
C SER B 148 6.78 -47.49 -14.10
N ARG B 149 5.49 -47.23 -13.83
CA ARG B 149 4.56 -46.94 -14.90
C ARG B 149 4.97 -45.68 -15.66
N LYS B 150 5.34 -44.63 -14.93
CA LYS B 150 5.72 -43.38 -15.57
C LYS B 150 7.01 -43.55 -16.36
N VAL B 151 7.96 -44.33 -15.84
CA VAL B 151 9.21 -44.57 -16.55
C VAL B 151 8.96 -45.32 -17.84
N THR B 152 8.10 -46.33 -17.79
CA THR B 152 7.76 -47.06 -19.02
C THR B 152 7.05 -46.14 -20.01
N SER B 153 6.14 -45.30 -19.52
CA SER B 153 5.45 -44.36 -20.40
C SER B 153 6.41 -43.38 -21.06
N ASP B 154 7.32 -42.82 -20.26
CA ASP B 154 8.30 -41.88 -20.82
C ASP B 154 9.22 -42.58 -21.81
N ALA B 155 9.60 -43.82 -21.50
CA ALA B 155 10.45 -44.58 -22.40
C ALA B 155 9.75 -44.81 -23.74
N LYS B 156 8.48 -45.19 -23.72
CA LYS B 156 7.78 -45.42 -24.97
C LYS B 156 7.56 -44.11 -25.72
N GLU B 157 7.33 -43.01 -24.99
CA GLU B 157 7.19 -41.70 -25.63
C GLU B 157 8.47 -41.33 -26.37
N LYS B 158 9.61 -41.49 -25.71
CA LYS B 158 10.88 -41.20 -26.37
C LYS B 158 11.14 -42.17 -27.52
N LYS B 159 10.72 -43.43 -27.36
CA LYS B 159 10.84 -44.40 -28.45
C LYS B 159 10.13 -43.90 -29.70
N ALA B 160 8.87 -43.50 -29.54
CA ALA B 160 8.09 -43.02 -30.67
C ALA B 160 8.69 -41.74 -31.25
N LEU B 161 9.14 -40.83 -30.38
CA LEU B 161 9.62 -39.54 -30.86
C LEU B 161 10.97 -39.66 -31.56
N ILE B 162 11.79 -40.64 -31.19
CA ILE B 162 13.13 -40.75 -31.77
C ILE B 162 13.22 -41.80 -32.86
N SER B 163 12.19 -42.64 -33.04
CA SER B 163 12.24 -43.65 -34.08
C SER B 163 12.47 -43.05 -35.46
N ARG B 164 11.95 -41.84 -35.70
CA ARG B 164 12.09 -41.23 -37.03
C ARG B 164 13.54 -40.80 -37.29
N GLU B 165 14.17 -40.14 -36.32
CA GLU B 165 15.57 -39.76 -36.49
C GLU B 165 16.46 -40.99 -36.58
N ILE B 166 16.13 -42.04 -35.82
CA ILE B 166 16.92 -43.26 -35.89
C ILE B 166 16.77 -43.93 -37.25
N LYS B 167 15.56 -43.91 -37.83
CA LYS B 167 15.38 -44.41 -39.19
C LYS B 167 16.20 -43.61 -40.19
N SER B 168 16.17 -42.28 -40.06
CA SER B 168 17.02 -41.46 -40.92
C SER B 168 18.48 -41.87 -40.80
N ALA B 169 18.92 -42.18 -39.58
CA ALA B 169 20.27 -42.69 -39.40
C ALA B 169 20.45 -44.07 -40.06
N VAL B 170 19.38 -44.87 -40.07
CA VAL B 170 19.46 -46.21 -40.62
C VAL B 170 19.75 -46.17 -42.11
N GLU B 171 18.99 -45.36 -42.85
CA GLU B 171 19.24 -45.23 -44.28
C GLU B 171 20.17 -44.08 -44.65
N LYS B 172 20.88 -43.48 -43.69
CA LYS B 172 21.99 -42.61 -44.05
C LYS B 172 23.30 -43.37 -44.18
N ASP B 173 23.26 -44.69 -44.04
CA ASP B 173 24.41 -45.57 -44.27
C ASP B 173 25.60 -45.19 -43.38
N GLY B 174 25.30 -44.82 -42.13
CA GLY B 174 26.34 -44.49 -41.18
C GLY B 174 26.06 -45.07 -39.81
N ALA B 175 25.40 -46.22 -39.80
CA ALA B 175 24.88 -46.82 -38.57
C ALA B 175 25.69 -48.04 -38.19
N SER B 176 26.00 -48.14 -36.89
CA SER B 176 26.76 -49.26 -36.34
C SER B 176 26.03 -49.79 -35.12
N ALA B 177 25.90 -51.12 -35.05
CA ALA B 177 25.14 -51.77 -33.98
C ALA B 177 25.95 -52.88 -33.37
N THR B 178 25.70 -53.16 -32.10
CA THR B 178 26.38 -54.21 -31.36
C THR B 178 25.44 -55.37 -31.14
N ILE B 179 25.97 -56.59 -31.27
CA ILE B 179 25.20 -57.81 -31.07
C ILE B 179 26.00 -58.77 -30.22
N ASP B 180 25.36 -59.34 -29.21
CA ASP B 180 26.01 -60.26 -28.29
C ASP B 180 24.95 -60.97 -27.45
N LEU B 181 25.40 -61.87 -26.59
CA LEU B 181 24.55 -62.61 -25.67
C LEU B 181 25.14 -62.53 -24.27
N TRP B 182 24.27 -62.56 -23.27
CA TRP B 182 24.72 -62.53 -21.88
C TRP B 182 23.71 -63.27 -21.02
N THR B 183 24.23 -63.97 -20.01
CA THR B 183 23.41 -64.69 -19.05
C THR B 183 23.52 -64.03 -17.68
N ASP B 184 22.41 -63.96 -16.97
CA ASP B 184 22.42 -63.47 -15.60
C ASP B 184 23.07 -64.49 -14.69
N ASN B 185 23.41 -64.05 -13.47
CA ASN B 185 23.98 -64.94 -12.47
C ASN B 185 23.02 -65.22 -11.31
N TYR B 186 21.85 -64.60 -11.30
CA TYR B 186 20.83 -64.88 -10.30
C TYR B 186 19.67 -65.67 -10.90
N ILE B 187 19.08 -65.15 -11.98
CA ILE B 187 17.98 -65.81 -12.66
C ILE B 187 18.44 -66.57 -13.90
N LYS B 188 19.64 -66.28 -14.40
CA LYS B 188 20.26 -66.99 -15.52
C LYS B 188 19.41 -66.90 -16.79
N ARG B 189 18.83 -65.72 -17.04
CA ARG B 189 18.11 -65.47 -18.27
C ARG B 189 19.07 -65.33 -19.44
N ASN B 190 18.52 -65.36 -20.66
CA ASN B 190 19.30 -65.24 -21.88
C ASN B 190 18.89 -63.95 -22.59
N PHE B 191 19.84 -63.08 -22.85
CA PHE B 191 19.58 -61.73 -23.33
C PHE B 191 20.34 -61.44 -24.61
N LEU B 192 19.63 -60.92 -25.61
CA LEU B 192 20.22 -60.52 -26.89
C LEU B 192 20.40 -59.02 -26.88
N GLY B 193 21.63 -58.57 -27.15
CA GLY B 193 21.97 -57.16 -27.06
C GLY B 193 21.97 -56.48 -28.42
N VAL B 194 21.29 -55.33 -28.47
CA VAL B 194 21.26 -54.49 -29.67
C VAL B 194 21.44 -53.04 -29.23
N THR B 195 22.38 -52.34 -29.88
CA THR B 195 22.58 -50.92 -29.68
C THR B 195 22.69 -50.27 -31.04
N LEU B 196 22.99 -48.98 -31.10
CA LEU B 196 23.25 -48.35 -32.40
C LEU B 196 24.09 -47.11 -32.24
N HIS B 197 25.02 -46.91 -33.18
CA HIS B 197 25.86 -45.73 -33.26
C HIS B 197 25.60 -45.04 -34.59
N TYR B 198 25.65 -43.70 -34.58
CA TYR B 198 25.59 -42.95 -35.82
C TYR B 198 26.17 -41.57 -35.58
N HIS B 199 26.57 -40.92 -36.65
CA HIS B 199 27.11 -39.57 -36.59
C HIS B 199 26.11 -38.59 -37.21
N GLU B 200 25.63 -37.67 -36.40
CA GLU B 200 24.82 -36.55 -36.88
C GLU B 200 25.44 -35.26 -36.36
N ASN B 201 25.55 -34.26 -37.23
CA ASN B 201 26.17 -32.99 -36.89
C ASN B 201 27.57 -33.21 -36.36
N ASN B 202 28.05 -32.31 -35.50
CA ASN B 202 29.39 -32.41 -34.93
C ASN B 202 29.42 -33.28 -33.67
N GLU B 203 28.86 -34.50 -33.77
CA GLU B 203 28.84 -35.41 -32.64
C GLU B 203 28.61 -36.83 -33.14
N LEU B 204 29.24 -37.79 -32.47
CA LEU B 204 29.08 -39.21 -32.76
C LEU B 204 28.12 -39.80 -31.73
N ARG B 205 26.91 -40.12 -32.16
CA ARG B 205 25.89 -40.60 -31.24
C ARG B 205 26.15 -42.07 -30.90
N ASP B 206 26.12 -42.38 -29.60
CA ASP B 206 26.30 -43.73 -29.08
C ASP B 206 25.06 -44.09 -28.27
N LEU B 207 24.15 -44.83 -28.89
CA LEU B 207 22.89 -45.19 -28.27
C LEU B 207 22.84 -46.69 -27.98
N ILE B 208 22.46 -47.03 -26.75
CA ILE B 208 22.19 -48.41 -26.36
C ILE B 208 20.69 -48.63 -26.48
N LEU B 209 20.30 -49.52 -27.40
CA LEU B 209 18.88 -49.75 -27.70
C LEU B 209 18.25 -50.73 -26.71
N GLY B 210 18.77 -51.94 -26.63
CA GLY B 210 18.12 -52.93 -25.80
C GLY B 210 18.82 -54.27 -25.68
N LEU B 211 18.75 -54.86 -24.49
CA LEU B 211 19.27 -56.19 -24.21
C LEU B 211 18.07 -57.08 -23.93
N LYS B 212 17.50 -57.64 -25.00
CA LYS B 212 16.19 -58.27 -24.94
C LYS B 212 16.30 -59.76 -24.67
N SER B 213 15.37 -60.28 -23.87
CA SER B 213 15.37 -61.68 -23.48
C SER B 213 14.98 -62.58 -24.65
N LEU B 214 15.60 -63.76 -24.70
CA LEU B 214 15.24 -64.82 -25.63
C LEU B 214 14.25 -65.80 -25.04
N ASP B 215 13.68 -65.46 -23.88
CA ASP B 215 12.79 -66.35 -23.12
C ASP B 215 13.60 -67.59 -22.76
N PHE B 216 13.10 -68.79 -22.98
CA PHE B 216 13.81 -70.04 -22.67
C PHE B 216 13.79 -70.96 -23.89
N GLU B 217 14.05 -70.38 -25.06
CA GLU B 217 13.98 -71.12 -26.31
C GLU B 217 15.22 -71.99 -26.44
N ARG B 218 15.36 -72.66 -27.59
CA ARG B 218 16.53 -73.50 -27.84
C ARG B 218 17.81 -72.68 -27.99
N SER B 219 17.70 -71.36 -28.12
CA SER B 219 18.86 -70.48 -28.33
C SER B 219 19.56 -70.80 -29.65
N THR B 220 18.80 -70.71 -30.73
CA THR B 220 19.33 -70.88 -32.08
C THR B 220 19.29 -69.55 -32.83
N ALA B 221 19.88 -69.57 -34.04
CA ALA B 221 19.95 -68.36 -34.85
C ALA B 221 18.56 -67.89 -35.27
N GLU B 222 17.58 -68.80 -35.29
CA GLU B 222 16.22 -68.40 -35.63
C GLU B 222 15.60 -67.52 -34.55
N ASN B 223 15.76 -67.93 -33.29
CA ASN B 223 15.28 -67.11 -32.18
C ASN B 223 16.03 -65.78 -32.14
N ILE B 224 17.34 -65.82 -32.41
CA ILE B 224 18.13 -64.59 -32.44
C ILE B 224 17.61 -63.64 -33.52
N TYR B 225 17.33 -64.19 -34.71
CA TYR B 225 16.84 -63.38 -35.81
C TYR B 225 15.47 -62.80 -35.50
N LYS B 226 14.58 -63.62 -34.93
CA LYS B 226 13.27 -63.13 -34.54
C LYS B 226 13.39 -62.00 -33.52
N LYS B 227 14.25 -62.18 -32.51
CA LYS B 227 14.40 -61.18 -31.47
C LYS B 227 14.97 -59.88 -32.04
N LEU B 228 15.95 -59.98 -32.93
CA LEU B 228 16.56 -58.77 -33.48
C LEU B 228 15.59 -58.03 -34.40
N LYS B 229 14.83 -58.77 -35.22
CA LYS B 229 13.79 -58.14 -36.01
C LYS B 229 12.73 -57.46 -35.14
N ALA B 230 12.32 -58.11 -34.04
CA ALA B 230 11.37 -57.47 -33.15
C ALA B 230 11.96 -56.21 -32.54
N ILE B 231 13.24 -56.26 -32.14
CA ILE B 231 13.89 -55.11 -31.54
C ILE B 231 13.89 -53.93 -32.50
N PHE B 232 14.26 -54.18 -33.75
CA PHE B 232 14.36 -53.08 -34.69
C PHE B 232 13.00 -52.61 -35.18
N SER B 233 12.05 -53.52 -35.34
CA SER B 233 10.70 -53.14 -35.73
C SER B 233 9.99 -52.35 -34.63
N GLN B 234 10.41 -52.53 -33.37
CA GLN B 234 9.92 -51.63 -32.32
C GLN B 234 10.29 -50.19 -32.64
N PHE B 235 11.40 -49.98 -33.33
CA PHE B 235 11.78 -48.66 -33.82
C PHE B 235 11.56 -48.51 -35.32
N ASN B 236 10.59 -49.25 -35.87
CA ASN B 236 10.18 -49.11 -37.28
C ASN B 236 11.36 -49.33 -38.22
N VAL B 237 12.13 -50.39 -37.96
CA VAL B 237 13.26 -50.76 -38.81
C VAL B 237 13.05 -52.21 -39.23
N GLU B 238 12.97 -52.44 -40.55
CA GLU B 238 12.72 -53.77 -41.09
C GLU B 238 13.79 -54.27 -42.04
N ASP B 239 14.72 -53.40 -42.47
CA ASP B 239 15.81 -53.78 -43.35
C ASP B 239 17.14 -53.59 -42.64
N LEU B 240 18.09 -54.50 -42.89
CA LEU B 240 19.35 -54.54 -42.14
C LEU B 240 20.57 -54.61 -43.05
N SER B 241 20.47 -54.14 -44.29
CA SER B 241 21.64 -54.19 -45.16
C SER B 241 22.66 -53.11 -44.82
N SER B 242 22.20 -51.93 -44.41
CA SER B 242 23.10 -50.81 -44.13
C SER B 242 23.87 -51.00 -42.83
N ILE B 243 23.31 -51.73 -41.87
CA ILE B 243 23.90 -51.80 -40.54
C ILE B 243 25.17 -52.65 -40.57
N LYS B 244 26.14 -52.26 -39.76
CA LYS B 244 27.45 -52.89 -39.73
C LYS B 244 27.71 -53.45 -38.33
N PHE B 245 28.14 -54.70 -38.26
CA PHE B 245 28.24 -55.44 -37.01
C PHE B 245 29.70 -55.72 -36.68
N VAL B 246 30.02 -55.67 -35.38
CA VAL B 246 31.29 -56.16 -34.85
C VAL B 246 30.97 -57.10 -33.69
N THR B 247 31.52 -58.31 -33.73
CA THR B 247 31.14 -59.35 -32.79
C THR B 247 32.19 -60.47 -32.81
N ASP B 248 31.95 -61.49 -32.00
CA ASP B 248 32.91 -62.57 -31.80
C ASP B 248 32.64 -63.72 -32.78
N ARG B 249 33.25 -64.87 -32.52
CA ARG B 249 33.17 -66.04 -33.37
C ARG B 249 32.36 -67.17 -32.73
N GLY B 250 31.25 -66.83 -32.07
CA GLY B 250 30.41 -67.85 -31.49
C GLY B 250 29.72 -68.70 -32.54
N ALA B 251 29.27 -69.89 -32.13
CA ALA B 251 28.63 -70.79 -33.07
C ALA B 251 27.37 -70.18 -33.67
N ASN B 252 26.46 -69.71 -32.80
CA ASN B 252 25.29 -69.01 -33.30
C ASN B 252 25.67 -67.70 -33.97
N VAL B 253 26.77 -67.09 -33.54
CA VAL B 253 27.21 -65.82 -34.12
C VAL B 253 27.59 -66.00 -35.59
N VAL B 254 28.44 -66.99 -35.88
CA VAL B 254 28.80 -67.26 -37.25
C VAL B 254 27.66 -67.94 -38.00
N LYS B 255 26.68 -68.48 -37.26
CA LYS B 255 25.55 -69.15 -37.87
C LYS B 255 24.56 -68.14 -38.46
N SER B 256 24.10 -67.20 -37.65
CA SER B 256 23.06 -66.27 -38.08
C SER B 256 23.57 -65.19 -39.04
N LEU B 257 24.73 -64.62 -38.78
CA LEU B 257 25.16 -63.38 -39.43
C LEU B 257 25.68 -63.58 -40.84
N ALA B 258 25.51 -64.78 -41.42
CA ALA B 258 25.95 -65.02 -42.78
C ALA B 258 25.14 -64.24 -43.81
N ASN B 259 24.01 -63.66 -43.43
CA ASN B 259 23.14 -62.96 -44.36
C ASN B 259 23.34 -61.44 -44.37
N ASN B 260 24.16 -60.91 -43.48
CA ASN B 260 24.35 -59.46 -43.38
C ASN B 260 25.80 -59.17 -43.04
N ILE B 261 26.08 -57.93 -42.66
CA ILE B 261 27.44 -57.50 -42.40
C ILE B 261 27.98 -58.21 -41.17
N ARG B 262 29.29 -58.52 -41.19
CA ARG B 262 29.94 -59.19 -40.09
C ARG B 262 31.38 -58.74 -39.98
N ILE B 263 31.80 -58.36 -38.78
CA ILE B 263 33.19 -58.04 -38.47
C ILE B 263 33.55 -58.73 -37.17
N ASN B 264 34.71 -59.37 -37.13
CA ASN B 264 35.14 -60.09 -35.95
C ASN B 264 35.61 -59.13 -34.86
N CYS B 265 35.33 -59.49 -33.61
CA CYS B 265 35.65 -58.62 -32.48
C CYS B 265 37.15 -58.52 -32.29
N SER B 266 37.64 -57.28 -32.20
CA SER B 266 39.07 -57.07 -31.98
C SER B 266 39.49 -57.50 -30.58
N SER B 267 38.63 -57.27 -29.58
CA SER B 267 38.99 -57.63 -28.21
C SER B 267 39.01 -59.14 -28.01
N HIS B 268 37.98 -59.83 -28.50
CA HIS B 268 37.94 -61.28 -28.39
C HIS B 268 39.11 -61.92 -29.13
N LEU B 269 39.36 -61.46 -30.35
CA LEU B 269 40.47 -62.00 -31.13
C LEU B 269 41.81 -61.70 -30.48
N LEU B 270 41.95 -60.51 -29.88
CA LEU B 270 43.19 -60.14 -29.22
C LEU B 270 43.45 -61.00 -27.99
N SER B 271 42.41 -61.23 -27.19
CA SER B 271 42.55 -62.13 -26.04
C SER B 271 42.90 -63.54 -26.48
N ASN B 272 42.23 -64.03 -27.52
CA ASN B 272 42.54 -65.36 -28.06
C ASN B 272 43.97 -65.44 -28.55
N VAL B 273 44.44 -64.39 -29.22
CA VAL B 273 45.81 -64.38 -29.74
C VAL B 273 46.81 -64.37 -28.60
N LEU B 274 46.53 -63.61 -27.54
CA LEU B 274 47.43 -63.62 -26.37
C LEU B 274 47.48 -65.00 -25.73
N GLU B 275 46.32 -65.64 -25.58
CA GLU B 275 46.30 -66.98 -25.02
C GLU B 275 47.08 -67.95 -25.89
N ASN B 276 46.94 -67.85 -27.22
CA ASN B 276 47.70 -68.69 -28.13
C ASN B 276 49.19 -68.45 -27.97
N SER B 277 49.59 -67.17 -27.87
CA SER B 277 51.00 -66.82 -27.77
C SER B 277 51.62 -67.38 -26.50
N PHE B 278 50.90 -67.30 -25.38
CA PHE B 278 51.41 -67.84 -24.14
C PHE B 278 51.31 -69.37 -24.08
N GLU B 279 50.41 -69.97 -24.86
CA GLU B 279 50.31 -71.42 -24.90
C GLU B 279 51.41 -72.05 -25.74
N GLU B 280 51.80 -71.40 -26.84
CA GLU B 280 52.74 -71.96 -27.79
C GLU B 280 54.20 -71.81 -27.35
N THR B 281 54.46 -71.23 -26.18
CA THR B 281 55.81 -71.07 -25.66
C THR B 281 55.91 -71.88 -24.37
N PRO B 282 56.42 -73.10 -24.43
CA PRO B 282 56.42 -73.97 -23.25
C PRO B 282 57.29 -73.47 -22.11
N GLU B 283 58.32 -72.67 -22.41
CA GLU B 283 59.28 -72.29 -21.37
C GLU B 283 58.64 -71.39 -20.32
N LEU B 284 57.72 -70.51 -20.74
CA LEU B 284 57.07 -69.58 -19.84
C LEU B 284 55.78 -70.14 -19.23
N ASN B 285 55.59 -71.45 -19.27
CA ASN B 285 54.38 -72.04 -18.70
C ASN B 285 54.39 -71.96 -17.18
N MET B 286 55.49 -72.36 -16.54
CA MET B 286 55.50 -72.46 -15.08
C MET B 286 55.49 -71.11 -14.35
N PRO B 287 56.06 -70.02 -14.87
CA PRO B 287 55.94 -68.75 -14.11
C PRO B 287 54.51 -68.28 -13.92
N ILE B 288 53.59 -68.62 -14.83
CA ILE B 288 52.21 -68.20 -14.68
C ILE B 288 51.60 -68.77 -13.41
N LEU B 289 51.71 -70.09 -13.24
CA LEU B 289 51.18 -70.70 -12.02
C LEU B 289 52.03 -70.37 -10.81
N ALA B 290 53.32 -70.12 -11.00
CA ALA B 290 54.16 -69.69 -9.88
C ALA B 290 53.65 -68.37 -9.31
N CYS B 291 53.43 -67.38 -10.18
CA CYS B 291 52.91 -66.10 -9.74
C CYS B 291 51.49 -66.22 -9.20
N LYS B 292 50.67 -67.09 -9.82
CA LYS B 292 49.31 -67.27 -9.30
C LYS B 292 49.33 -67.84 -7.90
N ASN B 293 50.20 -68.83 -7.64
CA ASN B 293 50.33 -69.37 -6.29
C ASN B 293 50.92 -68.36 -5.32
N ILE B 294 51.82 -67.48 -5.79
CA ILE B 294 52.33 -66.41 -4.94
C ILE B 294 51.19 -65.51 -4.50
N VAL B 295 50.34 -65.10 -5.45
CA VAL B 295 49.19 -64.27 -5.12
C VAL B 295 48.25 -65.03 -4.19
N LYS B 296 48.06 -66.33 -4.44
CA LYS B 296 47.17 -67.12 -3.59
C LYS B 296 47.67 -67.19 -2.16
N TYR B 297 48.98 -67.40 -1.98
CA TYR B 297 49.54 -67.44 -0.64
C TYR B 297 49.43 -66.09 0.04
N PHE B 298 49.68 -65.01 -0.70
CA PHE B 298 49.51 -63.69 -0.11
C PHE B 298 48.05 -63.31 0.09
N LYS B 299 47.12 -64.07 -0.49
CA LYS B 299 45.69 -63.79 -0.36
C LYS B 299 45.06 -64.54 0.79
N LYS B 300 45.13 -65.88 0.76
CA LYS B 300 44.34 -66.70 1.67
C LYS B 300 44.79 -66.50 3.12
N ALA B 301 46.08 -66.32 3.34
CA ALA B 301 46.63 -66.18 4.68
C ALA B 301 46.52 -64.75 5.23
N ASN B 302 45.63 -63.94 4.67
CA ASN B 302 45.45 -62.55 5.08
C ASN B 302 46.76 -61.76 4.96
N LEU B 303 47.45 -61.96 3.85
CA LEU B 303 48.78 -61.38 3.63
C LEU B 303 48.75 -60.21 2.65
N GLN B 304 47.72 -59.37 2.71
CA GLN B 304 47.60 -58.24 1.80
C GLN B 304 47.55 -56.89 2.51
N HIS B 305 47.75 -56.86 3.83
CA HIS B 305 47.57 -55.61 4.57
C HIS B 305 48.72 -54.63 4.34
N ARG B 306 49.96 -55.11 4.37
CA ARG B 306 51.13 -54.25 4.23
C ARG B 306 51.61 -54.13 2.78
N LEU B 307 50.86 -54.67 1.84
CA LEU B 307 51.22 -54.57 0.42
C LEU B 307 50.65 -53.29 -0.17
N ARG B 308 51.54 -52.43 -0.67
CA ARG B 308 51.11 -51.13 -1.18
C ARG B 308 50.21 -51.29 -2.40
N SER B 309 50.68 -52.04 -3.40
CA SER B 309 49.86 -52.39 -4.56
C SER B 309 49.63 -53.89 -4.47
N SER B 310 48.59 -54.27 -3.72
CA SER B 310 48.34 -55.67 -3.43
C SER B 310 48.10 -56.46 -4.71
N LEU B 311 48.58 -57.69 -4.73
CA LEU B 311 48.37 -58.57 -5.88
C LEU B 311 46.96 -59.13 -5.86
N LYS B 312 46.45 -59.44 -7.05
CA LYS B 312 45.19 -60.14 -7.21
C LYS B 312 45.38 -61.27 -8.21
N SER B 313 44.45 -62.22 -8.20
CA SER B 313 44.58 -63.43 -8.99
C SER B 313 44.28 -63.12 -10.45
N GLU B 314 44.17 -64.18 -11.27
CA GLU B 314 44.04 -63.99 -12.71
C GLU B 314 42.65 -63.47 -13.08
N CYS B 315 41.60 -64.22 -12.74
CA CYS B 315 40.28 -64.03 -13.31
C CYS B 315 40.42 -64.06 -14.83
N PRO B 316 40.69 -65.24 -15.41
CA PRO B 316 41.03 -65.29 -16.84
C PRO B 316 39.92 -64.86 -17.77
N THR B 317 38.67 -64.76 -17.27
CA THR B 317 37.58 -64.27 -18.12
C THR B 317 37.82 -62.85 -18.60
N ARG B 318 38.70 -62.10 -17.93
CA ARG B 318 39.04 -60.75 -18.34
C ARG B 318 40.14 -60.78 -19.40
N TRP B 319 40.64 -59.60 -19.76
CA TRP B 319 41.57 -59.45 -20.87
C TRP B 319 42.96 -59.10 -20.35
N ASN B 320 43.95 -59.93 -20.70
CA ASN B 320 45.35 -59.72 -20.33
C ASN B 320 45.51 -59.51 -18.83
N SER B 321 45.06 -60.49 -18.06
CA SER B 321 45.27 -60.46 -16.62
C SER B 321 46.73 -60.78 -16.26
N THR B 322 47.35 -61.68 -17.01
CA THR B 322 48.68 -62.18 -16.69
C THR B 322 49.69 -61.04 -16.66
N TYR B 323 49.70 -60.20 -17.69
CA TYR B 323 50.68 -59.12 -17.77
C TYR B 323 50.48 -58.13 -16.63
N THR B 324 49.23 -57.80 -16.31
CA THR B 324 48.97 -56.85 -15.23
C THR B 324 49.42 -57.40 -13.89
N MET B 325 49.15 -58.68 -13.61
CA MET B 325 49.63 -59.28 -12.37
C MET B 325 51.15 -59.32 -12.32
N LEU B 326 51.80 -59.63 -13.45
CA LEU B 326 53.26 -59.64 -13.48
C LEU B 326 53.82 -58.24 -13.22
N ARG B 327 53.17 -57.22 -13.80
CA ARG B 327 53.57 -55.85 -13.56
C ARG B 327 53.43 -55.49 -12.08
N SER B 328 52.34 -55.89 -11.45
CA SER B 328 52.16 -55.60 -10.03
C SER B 328 53.21 -56.31 -9.17
N ILE B 329 53.54 -57.56 -9.50
CA ILE B 329 54.56 -58.27 -8.75
C ILE B 329 55.91 -57.60 -8.91
N LEU B 330 56.24 -57.16 -10.14
CA LEU B 330 57.48 -56.43 -10.34
C LEU B 330 57.48 -55.13 -9.54
N ASP B 331 56.32 -54.48 -9.43
CA ASP B 331 56.21 -53.25 -8.64
C ASP B 331 56.51 -53.52 -7.17
N ASN B 332 55.92 -54.57 -6.62
CA ASN B 332 56.03 -54.85 -5.19
C ASN B 332 57.23 -55.71 -4.84
N TRP B 333 58.08 -56.06 -5.82
CA TRP B 333 59.26 -56.88 -5.59
C TRP B 333 60.04 -56.54 -4.32
N GLU B 334 60.27 -55.26 -4.05
CA GLU B 334 61.01 -54.87 -2.86
C GLU B 334 60.29 -55.31 -1.58
N SER B 335 59.01 -54.97 -1.48
CA SER B 335 58.24 -55.36 -0.30
C SER B 335 58.23 -56.87 -0.15
N VAL B 336 58.05 -57.59 -1.26
CA VAL B 336 57.89 -59.04 -1.18
C VAL B 336 59.23 -59.71 -0.82
N ILE B 337 60.35 -59.18 -1.31
CA ILE B 337 61.63 -59.81 -0.98
C ILE B 337 61.99 -59.56 0.48
N GLN B 338 61.76 -58.35 1.00
CA GLN B 338 61.97 -58.18 2.44
C GLN B 338 60.94 -58.93 3.28
N ILE B 339 59.71 -59.10 2.80
CA ILE B 339 58.75 -59.92 3.53
C ILE B 339 59.20 -61.38 3.56
N LEU B 340 59.73 -61.87 2.46
CA LEU B 340 60.23 -63.24 2.44
C LEU B 340 61.45 -63.39 3.32
N SER B 341 62.30 -62.37 3.36
CA SER B 341 63.46 -62.40 4.27
C SER B 341 63.02 -62.42 5.72
N GLU B 342 62.00 -61.63 6.08
CA GLU B 342 61.51 -61.60 7.45
C GLU B 342 60.71 -62.83 7.83
N ALA B 343 60.08 -63.49 6.85
CA ALA B 343 59.20 -64.62 7.11
C ALA B 343 59.84 -65.97 6.79
N GLY B 344 61.05 -65.98 6.25
CA GLY B 344 61.72 -67.23 5.94
C GLY B 344 61.05 -68.04 4.85
N GLU B 345 60.44 -67.39 3.87
CA GLU B 345 59.88 -68.05 2.71
C GLU B 345 60.52 -67.55 1.43
N THR B 346 61.82 -67.26 1.49
CA THR B 346 62.56 -66.73 0.34
C THR B 346 62.58 -67.71 -0.83
N GLN B 347 62.35 -69.00 -0.57
CA GLN B 347 62.34 -69.98 -1.65
C GLN B 347 61.18 -69.77 -2.63
N ARG B 348 60.19 -68.97 -2.25
CA ARG B 348 59.04 -68.76 -3.13
C ARG B 348 59.40 -67.87 -4.31
N ILE B 349 60.26 -66.88 -4.11
CA ILE B 349 60.57 -65.92 -5.16
C ILE B 349 61.87 -66.23 -5.90
N VAL B 350 62.78 -67.00 -5.31
CA VAL B 350 64.09 -67.25 -5.91
C VAL B 350 64.00 -68.11 -7.17
N HIS B 351 62.83 -68.69 -7.46
CA HIS B 351 62.66 -69.59 -8.58
C HIS B 351 62.39 -68.88 -9.90
N ILE B 352 62.30 -67.55 -9.89
CA ILE B 352 61.94 -66.78 -11.07
C ILE B 352 63.07 -65.82 -11.41
N ASN B 353 63.48 -65.80 -12.67
CA ASN B 353 64.46 -64.84 -13.16
C ASN B 353 63.77 -63.51 -13.41
N LYS B 354 64.30 -62.43 -12.81
CA LYS B 354 63.68 -61.12 -12.97
C LYS B 354 63.81 -60.64 -14.41
N SER B 355 64.94 -60.92 -15.06
CA SER B 355 65.16 -60.49 -16.43
C SER B 355 64.05 -60.98 -17.34
N ILE B 356 63.47 -62.14 -17.03
CA ILE B 356 62.26 -62.58 -17.72
C ILE B 356 61.14 -61.55 -17.54
N ILE B 357 60.98 -61.02 -16.32
CA ILE B 357 59.91 -60.07 -16.06
C ILE B 357 60.13 -58.78 -16.84
N GLN B 358 61.36 -58.25 -16.85
CA GLN B 358 61.60 -57.06 -17.64
C GLN B 358 61.42 -57.32 -19.13
N THR B 359 61.82 -58.50 -19.61
CA THR B 359 61.59 -58.83 -21.01
C THR B 359 60.10 -58.83 -21.33
N MET B 360 59.30 -59.45 -20.47
CA MET B 360 57.86 -59.51 -20.68
C MET B 360 57.27 -58.10 -20.74
N VAL B 361 57.63 -57.25 -19.78
CA VAL B 361 57.02 -55.91 -19.76
C VAL B 361 57.48 -55.09 -20.96
N ASN B 362 58.75 -55.23 -21.36
CA ASN B 362 59.27 -54.49 -22.50
C ASN B 362 58.58 -54.90 -23.79
N ILE B 363 58.27 -56.19 -23.93
CA ILE B 363 57.52 -56.62 -25.10
C ILE B 363 56.08 -56.14 -25.03
N LEU B 364 55.44 -56.26 -23.87
CA LEU B 364 54.00 -56.13 -23.75
C LEU B 364 53.52 -54.69 -23.58
N ASP B 365 54.42 -53.73 -23.40
CA ASP B 365 53.99 -52.34 -23.27
C ASP B 365 53.26 -51.87 -24.52
N GLY B 366 53.82 -52.17 -25.71
CA GLY B 366 53.15 -51.80 -26.94
C GLY B 366 51.83 -52.53 -27.13
N PHE B 367 51.79 -53.80 -26.71
CA PHE B 367 50.55 -54.56 -26.77
C PHE B 367 49.47 -53.90 -25.93
N GLU B 368 49.82 -53.47 -24.72
CA GLU B 368 48.83 -52.83 -23.85
C GLU B 368 48.42 -51.47 -24.38
N ARG B 369 49.34 -50.73 -24.99
CA ARG B 369 48.95 -49.47 -25.61
C ARG B 369 47.98 -49.73 -26.76
N ILE B 370 48.19 -50.80 -27.52
CA ILE B 370 47.23 -51.19 -28.54
C ILE B 370 45.88 -51.54 -27.91
N PHE B 371 45.91 -52.30 -26.81
CA PHE B 371 44.69 -52.58 -26.06
C PHE B 371 43.92 -51.31 -25.76
N LYS B 372 44.61 -50.32 -25.21
CA LYS B 372 43.95 -49.07 -24.86
C LYS B 372 43.52 -48.28 -26.09
N GLU B 373 44.16 -48.49 -27.23
CA GLU B 373 43.79 -47.78 -28.44
C GLU B 373 42.53 -48.35 -29.06
N LEU B 374 42.36 -49.68 -29.02
CA LEU B 374 41.24 -50.32 -29.70
C LEU B 374 39.91 -50.11 -28.99
N GLN B 375 39.93 -49.82 -27.68
CA GLN B 375 38.71 -49.74 -26.89
C GLN B 375 37.98 -48.42 -27.05
N THR B 376 38.53 -47.47 -27.78
CA THR B 376 37.96 -46.13 -27.86
C THR B 376 36.62 -46.14 -28.57
N CYS B 377 35.68 -45.34 -28.07
CA CYS B 377 34.37 -45.17 -28.69
C CYS B 377 34.08 -43.73 -29.08
N SER B 378 34.26 -42.77 -28.17
CA SER B 378 34.08 -41.37 -28.50
C SER B 378 35.11 -40.88 -29.51
N SER B 379 36.17 -41.65 -29.73
CA SER B 379 37.13 -41.44 -30.80
C SER B 379 37.18 -42.71 -31.64
N PRO B 380 37.55 -42.59 -32.91
CA PRO B 380 37.53 -43.77 -33.79
C PRO B 380 38.44 -44.86 -33.27
N SER B 381 38.01 -46.11 -33.47
CA SER B 381 38.79 -47.29 -33.11
C SER B 381 38.84 -48.34 -34.20
N LEU B 382 37.90 -48.35 -35.15
CA LEU B 382 37.95 -49.28 -36.26
C LEU B 382 39.18 -49.05 -37.12
N CYS B 383 39.50 -47.78 -37.39
CA CYS B 383 40.61 -47.45 -38.27
C CYS B 383 41.96 -47.60 -37.58
N PHE B 384 41.99 -47.64 -36.26
CA PHE B 384 43.23 -47.65 -35.49
C PHE B 384 43.65 -49.07 -35.10
N VAL B 385 43.35 -50.06 -35.93
CA VAL B 385 43.78 -51.43 -35.70
C VAL B 385 44.82 -51.88 -36.73
N VAL B 386 44.70 -51.42 -37.97
CA VAL B 386 45.76 -51.65 -38.96
C VAL B 386 47.03 -50.90 -38.58
N PRO B 387 46.99 -49.64 -38.15
CA PRO B 387 48.21 -49.05 -37.56
C PRO B 387 48.66 -49.79 -36.32
N SER B 388 47.75 -50.47 -35.63
CA SER B 388 48.18 -51.40 -34.60
C SER B 388 48.90 -52.60 -35.18
N ILE B 389 48.53 -53.02 -36.41
CA ILE B 389 49.32 -54.04 -37.11
C ILE B 389 50.72 -53.50 -37.38
N LEU B 390 50.81 -52.24 -37.80
CA LEU B 390 52.12 -51.61 -38.00
C LEU B 390 52.93 -51.63 -36.71
N LYS B 391 52.31 -51.23 -35.61
CA LYS B 391 53.00 -51.19 -34.32
C LYS B 391 53.43 -52.59 -33.88
N VAL B 392 52.60 -53.60 -34.13
CA VAL B 392 52.94 -54.97 -33.76
C VAL B 392 54.14 -55.46 -34.57
N LYS B 393 54.11 -55.25 -35.88
CA LYS B 393 55.22 -55.67 -36.71
C LYS B 393 56.50 -54.91 -36.35
N GLU B 394 56.35 -53.66 -35.87
CA GLU B 394 57.48 -52.95 -35.29
C GLU B 394 57.97 -53.66 -34.03
N ILE B 395 57.06 -54.04 -33.15
CA ILE B 395 57.43 -54.72 -31.90
C ILE B 395 57.92 -56.14 -32.18
N CYS B 396 57.25 -56.84 -33.09
CA CYS B 396 57.61 -58.23 -33.40
C CYS B 396 58.92 -58.34 -34.16
N SER B 397 59.50 -57.23 -34.60
CA SER B 397 60.82 -57.29 -35.20
C SER B 397 61.81 -57.82 -34.19
N PRO B 398 62.72 -58.72 -34.60
CA PRO B 398 63.60 -59.38 -33.63
C PRO B 398 64.51 -58.38 -32.90
N ASP B 399 64.79 -58.70 -31.64
CA ASP B 399 65.70 -57.93 -30.81
C ASP B 399 67.01 -58.71 -30.63
N VAL B 400 68.01 -58.02 -30.11
CA VAL B 400 69.34 -58.60 -29.93
C VAL B 400 69.45 -59.32 -28.60
N GLY B 401 69.12 -58.64 -27.51
CA GLY B 401 69.20 -59.22 -26.19
C GLY B 401 68.06 -60.16 -25.84
N ASP B 402 67.16 -60.42 -26.78
CA ASP B 402 66.07 -61.35 -26.52
C ASP B 402 66.61 -62.75 -26.34
N VAL B 403 66.16 -63.43 -25.28
CA VAL B 403 66.56 -64.81 -25.04
C VAL B 403 66.00 -65.70 -26.14
N ALA B 404 66.63 -66.87 -26.33
CA ALA B 404 66.11 -67.84 -27.28
C ALA B 404 64.66 -68.20 -26.98
N ASP B 405 64.29 -68.21 -25.69
CA ASP B 405 62.89 -68.38 -25.33
C ASP B 405 62.05 -67.22 -25.86
N ILE B 406 62.58 -66.00 -25.73
CA ILE B 406 61.87 -64.83 -26.24
C ILE B 406 61.79 -64.88 -27.76
N ALA B 407 62.85 -65.36 -28.41
CA ALA B 407 62.81 -65.52 -29.87
C ALA B 407 61.75 -66.53 -30.28
N LYS B 408 61.64 -67.64 -29.53
CA LYS B 408 60.57 -68.60 -29.80
C LYS B 408 59.21 -67.97 -29.63
N LEU B 409 59.03 -67.18 -28.55
CA LEU B 409 57.76 -66.52 -28.33
C LEU B 409 57.41 -65.57 -29.46
N LYS B 410 58.39 -64.78 -29.93
CA LYS B 410 58.10 -63.81 -30.98
C LYS B 410 57.86 -64.49 -32.33
N VAL B 411 58.54 -65.60 -32.60
CA VAL B 411 58.26 -66.35 -33.83
C VAL B 411 56.86 -66.93 -33.79
N ASN B 412 56.47 -67.49 -32.64
CA ASN B 412 55.11 -68.00 -32.49
C ASN B 412 54.08 -66.89 -32.64
N ILE B 413 54.39 -65.70 -32.10
CA ILE B 413 53.47 -64.57 -32.21
C ILE B 413 53.33 -64.14 -33.67
N ILE B 414 54.44 -64.11 -34.41
CA ILE B 414 54.38 -63.77 -35.83
C ILE B 414 53.52 -64.78 -36.59
N LYS B 415 53.72 -66.07 -36.29
CA LYS B 415 52.89 -67.10 -36.92
C LYS B 415 51.41 -66.90 -36.59
N ASN B 416 51.11 -66.60 -35.33
CA ASN B 416 49.72 -66.38 -34.93
C ASN B 416 49.12 -65.18 -35.64
N VAL B 417 49.89 -64.10 -35.77
CA VAL B 417 49.42 -62.94 -36.52
C VAL B 417 49.08 -63.33 -37.95
N ARG B 418 50.01 -64.00 -38.62
CA ARG B 418 49.81 -64.37 -40.02
C ARG B 418 48.59 -65.27 -40.18
N ILE B 419 48.36 -66.18 -39.24
CA ILE B 419 47.28 -67.16 -39.40
C ILE B 419 45.94 -66.69 -38.87
N ILE B 420 45.89 -65.63 -38.05
CA ILE B 420 44.64 -65.18 -37.43
C ILE B 420 44.23 -63.80 -37.90
N TRP B 421 45.11 -62.80 -37.76
CA TRP B 421 44.70 -61.42 -37.95
C TRP B 421 44.24 -61.16 -39.38
N GLU B 422 45.12 -61.43 -40.36
CA GLU B 422 44.74 -61.24 -41.74
C GLU B 422 43.66 -62.23 -42.19
N GLU B 423 43.55 -63.37 -41.50
CA GLU B 423 42.47 -64.30 -41.78
C GLU B 423 41.11 -63.70 -41.43
N ASN B 424 41.02 -63.03 -40.29
CA ASN B 424 39.75 -62.49 -39.81
C ASN B 424 39.49 -61.06 -40.26
N LEU B 425 40.41 -60.45 -41.00
CA LEU B 425 40.21 -59.10 -41.50
C LEU B 425 39.19 -59.08 -42.62
N SER B 426 38.53 -57.94 -42.77
CA SER B 426 37.61 -57.66 -43.87
C SER B 426 38.03 -56.35 -44.53
N ILE B 427 37.30 -55.98 -45.58
CA ILE B 427 37.60 -54.73 -46.27
C ILE B 427 37.28 -53.51 -45.41
N TRP B 428 36.46 -53.67 -44.36
CA TRP B 428 36.11 -52.54 -43.52
C TRP B 428 37.33 -51.92 -42.86
N HIS B 429 38.22 -52.75 -42.32
CA HIS B 429 39.38 -52.23 -41.61
C HIS B 429 40.37 -51.55 -42.56
N TYR B 430 40.58 -52.16 -43.74
CA TYR B 430 41.45 -51.54 -44.73
C TYR B 430 40.91 -50.19 -45.16
N THR B 431 39.61 -50.13 -45.45
CA THR B 431 39.00 -48.87 -45.87
C THR B 431 39.07 -47.83 -44.75
N ALA B 432 38.88 -48.27 -43.50
CA ALA B 432 38.96 -47.34 -42.37
C ALA B 432 40.37 -46.77 -42.22
N PHE B 433 41.39 -47.61 -42.35
CA PHE B 433 42.76 -47.10 -42.23
C PHE B 433 43.17 -46.27 -43.44
N PHE B 434 42.53 -46.47 -44.59
CA PHE B 434 42.93 -45.72 -45.78
C PHE B 434 42.76 -44.22 -45.59
N PHE B 435 41.67 -43.81 -44.92
CA PHE B 435 41.33 -42.40 -44.81
C PHE B 435 42.34 -41.60 -43.99
N TYR B 436 43.41 -42.22 -43.54
CA TYR B 436 44.50 -41.50 -42.91
C TYR B 436 45.09 -40.52 -43.93
N PRO B 437 45.18 -39.23 -43.60
CA PRO B 437 45.50 -38.21 -44.62
C PRO B 437 46.83 -38.47 -45.31
N PRO B 438 47.88 -38.91 -44.58
CA PRO B 438 49.04 -39.44 -45.34
C PRO B 438 48.81 -40.89 -45.78
N ALA B 439 48.06 -41.03 -46.88
CA ALA B 439 47.71 -42.35 -47.39
C ALA B 439 48.87 -43.08 -48.05
N LEU B 440 50.04 -42.44 -48.15
CA LEU B 440 51.21 -43.04 -48.76
C LEU B 440 51.75 -44.23 -47.97
N HIS B 441 51.31 -44.40 -46.73
CA HIS B 441 51.84 -45.50 -45.90
C HIS B 441 51.49 -46.85 -46.50
N MET B 442 50.26 -47.02 -46.98
CA MET B 442 49.76 -48.30 -47.48
C MET B 442 49.71 -48.35 -49.00
N GLN B 443 50.72 -47.77 -49.68
CA GLN B 443 50.70 -47.71 -51.13
C GLN B 443 50.96 -49.09 -51.73
N GLN B 444 49.92 -49.92 -51.76
CA GLN B 444 50.02 -51.29 -52.25
C GLN B 444 48.74 -51.59 -53.02
N GLU B 445 48.47 -52.87 -53.27
CA GLU B 445 47.18 -53.27 -53.83
C GLU B 445 46.03 -52.96 -52.87
N LYS B 446 46.33 -52.71 -51.59
CA LYS B 446 45.29 -52.40 -50.62
C LYS B 446 44.53 -51.15 -51.01
N VAL B 447 45.24 -50.09 -51.39
CA VAL B 447 44.55 -48.86 -51.75
C VAL B 447 43.76 -49.03 -53.05
N ALA B 448 44.24 -49.89 -53.96
CA ALA B 448 43.47 -50.17 -55.17
C ALA B 448 42.15 -50.88 -54.85
N GLN B 449 42.21 -51.87 -53.97
CA GLN B 449 40.98 -52.56 -53.55
C GLN B 449 40.05 -51.58 -52.84
N ILE B 450 40.60 -50.71 -52.00
CA ILE B 450 39.79 -49.72 -51.30
C ILE B 450 39.16 -48.75 -52.29
N LYS B 451 39.89 -48.39 -53.35
CA LYS B 451 39.34 -47.53 -54.39
C LYS B 451 38.17 -48.20 -55.10
N GLU B 452 38.33 -49.48 -55.45
CA GLU B 452 37.24 -50.20 -56.11
C GLU B 452 36.01 -50.30 -55.20
N PHE B 453 36.24 -50.64 -53.93
CA PHE B 453 35.13 -50.75 -52.98
C PHE B 453 34.43 -49.42 -52.78
N CYS B 454 35.21 -48.34 -52.62
CA CYS B 454 34.62 -47.02 -52.42
C CYS B 454 33.87 -46.55 -53.66
N LEU B 455 34.41 -46.82 -54.85
CA LEU B 455 33.68 -46.48 -56.07
C LEU B 455 32.36 -47.22 -56.15
N SER B 456 32.37 -48.52 -55.84
CA SER B 456 31.12 -49.28 -55.84
C SER B 456 30.12 -48.70 -54.85
N LYS B 457 30.58 -48.42 -53.63
CA LYS B 457 29.68 -47.89 -52.61
C LYS B 457 29.13 -46.53 -53.00
N MET B 458 29.99 -45.65 -53.52
CA MET B 458 29.55 -44.30 -53.89
C MET B 458 28.60 -44.33 -55.08
N GLU B 459 28.85 -45.19 -56.08
CA GLU B 459 27.84 -45.41 -57.11
C GLU B 459 26.55 -45.90 -56.49
N ASP B 460 26.65 -46.68 -55.41
CA ASP B 460 25.47 -47.08 -54.65
C ASP B 460 24.97 -45.96 -53.75
N LEU B 461 25.89 -45.11 -53.24
CA LEU B 461 25.54 -44.08 -52.27
C LEU B 461 25.08 -42.78 -52.90
N GLU B 462 25.45 -42.49 -54.14
CA GLU B 462 25.02 -41.26 -54.79
C GLU B 462 23.53 -41.30 -55.12
N SER B 513 42.06 -35.15 -65.96
CA SER B 513 41.72 -36.04 -64.86
C SER B 513 40.72 -35.40 -63.92
N ARG B 514 40.33 -34.17 -64.22
CA ARG B 514 39.37 -33.42 -63.40
C ARG B 514 39.87 -33.31 -61.95
N GLU B 515 40.95 -32.55 -61.78
CA GLU B 515 41.46 -32.33 -60.44
C GLU B 515 40.45 -31.70 -59.47
N PRO B 516 39.42 -30.97 -59.90
CA PRO B 516 38.30 -30.70 -58.98
C PRO B 516 37.58 -31.98 -58.62
N PRO B 517 37.04 -32.08 -57.39
CA PRO B 517 36.47 -33.37 -56.94
C PRO B 517 35.50 -33.98 -57.93
N VAL B 518 34.40 -33.27 -58.22
CA VAL B 518 33.50 -33.57 -59.32
C VAL B 518 32.94 -34.98 -59.26
N CYS B 519 33.81 -35.98 -59.37
CA CYS B 519 33.40 -37.37 -59.47
C CYS B 519 34.04 -38.21 -58.38
N PRO B 520 33.37 -39.28 -57.95
CA PRO B 520 33.96 -40.13 -56.90
C PRO B 520 35.28 -40.76 -57.29
N SER B 521 35.44 -41.20 -58.54
CA SER B 521 36.72 -41.73 -58.98
C SER B 521 37.79 -40.63 -58.94
N ASP B 522 37.45 -39.44 -59.43
CA ASP B 522 38.34 -38.30 -59.32
C ASP B 522 38.48 -37.84 -57.87
N GLU B 523 37.46 -38.07 -57.04
CA GLU B 523 37.57 -37.81 -55.61
C GLU B 523 38.70 -38.64 -55.00
N PHE B 524 38.71 -39.94 -55.28
CA PHE B 524 39.79 -40.81 -54.81
C PHE B 524 41.12 -40.41 -55.43
N GLU B 525 41.12 -40.06 -56.72
CA GLU B 525 42.35 -39.67 -57.40
C GLU B 525 42.96 -38.43 -56.74
N PHE B 526 42.12 -37.47 -56.36
CA PHE B 526 42.61 -36.25 -55.73
C PHE B 526 43.04 -36.50 -54.30
N TYR B 527 42.29 -37.33 -53.55
CA TYR B 527 42.66 -37.62 -52.18
C TYR B 527 43.97 -38.42 -52.11
N ARG B 528 44.27 -39.20 -53.14
CA ARG B 528 45.47 -40.03 -53.13
C ARG B 528 46.73 -39.18 -52.99
N LYS B 529 46.79 -38.05 -53.70
CA LYS B 529 48.01 -37.25 -53.74
C LYS B 529 48.15 -36.31 -52.55
N GLU B 530 47.15 -36.22 -51.68
CA GLU B 530 47.21 -35.29 -50.56
C GLU B 530 48.27 -35.71 -49.55
N ILE B 531 48.99 -34.73 -49.02
CA ILE B 531 50.03 -34.94 -48.01
C ILE B 531 49.75 -33.99 -46.86
N VAL B 532 49.64 -34.53 -45.65
CA VAL B 532 49.35 -33.74 -44.45
C VAL B 532 50.37 -34.08 -43.38
N ILE B 533 50.78 -33.06 -42.62
CA ILE B 533 51.75 -33.26 -41.55
C ILE B 533 51.15 -34.13 -40.45
N LEU B 534 51.99 -34.97 -39.84
CA LEU B 534 51.61 -35.72 -38.64
C LEU B 534 51.63 -34.76 -37.45
N SER B 535 50.56 -33.96 -37.36
CA SER B 535 50.39 -33.12 -36.19
C SER B 535 50.06 -33.96 -34.97
N GLU B 536 50.64 -33.58 -33.83
CA GLU B 536 50.48 -34.37 -32.62
C GLU B 536 49.03 -34.42 -32.18
N ASP B 537 48.32 -33.30 -32.28
CA ASP B 537 46.93 -33.20 -31.84
C ASP B 537 45.93 -33.46 -32.96
N PHE B 538 46.30 -34.29 -33.93
CA PHE B 538 45.44 -34.54 -35.08
C PHE B 538 44.26 -35.42 -34.71
N LYS B 539 43.06 -34.96 -35.03
CA LYS B 539 41.84 -35.76 -34.94
C LYS B 539 41.22 -35.85 -36.33
N VAL B 540 41.09 -37.07 -36.83
CA VAL B 540 40.59 -37.27 -38.19
C VAL B 540 39.10 -36.96 -38.28
N MET B 541 38.40 -36.92 -37.15
CA MET B 541 36.95 -36.64 -37.17
C MET B 541 36.68 -35.26 -37.76
N GLU B 542 37.15 -34.21 -37.10
CA GLU B 542 36.92 -32.86 -37.60
C GLU B 542 37.71 -32.59 -38.88
N TRP B 543 38.83 -33.30 -39.07
CA TRP B 543 39.56 -33.18 -40.33
C TRP B 543 38.68 -33.59 -41.50
N TRP B 544 37.98 -34.72 -41.37
CA TRP B 544 37.07 -35.14 -42.43
C TRP B 544 35.80 -34.30 -42.45
N ASN B 545 35.38 -33.77 -41.30
CA ASN B 545 34.23 -32.88 -41.27
C ASN B 545 34.47 -31.63 -42.13
N LEU B 546 35.67 -31.05 -42.03
CA LEU B 546 36.01 -29.93 -42.88
C LEU B 546 36.57 -30.36 -44.23
N ASN B 547 36.89 -31.64 -44.39
CA ASN B 547 37.23 -32.19 -45.69
C ASN B 547 36.00 -32.54 -46.52
N SER B 548 34.82 -32.56 -45.91
CA SER B 548 33.59 -32.79 -46.65
C SER B 548 33.36 -31.71 -47.68
N LYS B 549 33.84 -30.49 -47.42
CA LYS B 549 33.83 -29.46 -48.46
C LYS B 549 34.65 -29.91 -49.66
N LYS B 550 35.75 -30.62 -49.39
CA LYS B 550 36.61 -31.11 -50.47
C LYS B 550 36.14 -32.46 -51.00
N TYR B 551 35.90 -33.42 -50.11
CA TYR B 551 35.54 -34.79 -50.48
C TYR B 551 34.25 -35.16 -49.79
N PRO B 552 33.09 -34.79 -50.34
CA PRO B 552 31.81 -35.06 -49.66
C PRO B 552 31.49 -36.53 -49.47
N LYS B 553 31.46 -37.29 -50.56
CA LYS B 553 31.09 -38.70 -50.49
C LYS B 553 32.12 -39.53 -49.72
N LEU B 554 33.41 -39.23 -49.90
CA LEU B 554 34.43 -39.91 -49.12
C LEU B 554 34.31 -39.55 -47.65
N SER B 555 33.87 -38.32 -47.34
CA SER B 555 33.62 -37.96 -45.94
C SER B 555 32.42 -38.71 -45.38
N LYS B 556 31.40 -38.94 -46.21
CA LYS B 556 30.28 -39.76 -45.76
C LYS B 556 30.74 -41.19 -45.46
N LEU B 557 31.60 -41.73 -46.32
CA LEU B 557 32.21 -43.03 -46.04
C LEU B 557 33.00 -43.00 -44.74
N ALA B 558 33.70 -41.89 -44.49
CA ALA B 558 34.48 -41.75 -43.26
C ALA B 558 33.58 -41.77 -42.03
N LEU B 559 32.49 -41.00 -42.06
CA LEU B 559 31.59 -40.96 -40.91
C LEU B 559 30.87 -42.29 -40.72
N SER B 560 30.65 -43.04 -41.81
CA SER B 560 30.13 -44.39 -41.68
C SER B 560 31.14 -45.30 -41.00
N LEU B 561 32.40 -45.24 -41.41
CA LEU B 561 33.41 -46.17 -40.91
C LEU B 561 33.81 -45.86 -39.46
N LEU B 562 34.00 -44.59 -39.13
CA LEU B 562 34.47 -44.22 -37.81
C LEU B 562 33.42 -44.47 -36.72
N SER B 563 32.14 -44.45 -37.08
CA SER B 563 31.08 -44.76 -36.12
C SER B 563 31.11 -46.22 -35.69
N ILE B 564 31.89 -47.06 -36.36
CA ILE B 564 32.01 -48.47 -36.02
C ILE B 564 33.15 -48.61 -35.01
N PRO B 565 32.88 -49.06 -33.78
CA PRO B 565 33.98 -49.56 -32.94
C PRO B 565 34.55 -50.84 -33.53
N ALA B 566 35.85 -51.05 -33.31
CA ALA B 566 36.50 -52.23 -33.89
C ALA B 566 36.08 -53.52 -33.19
N SER B 567 35.68 -53.43 -31.91
CA SER B 567 35.40 -54.61 -31.11
C SER B 567 34.06 -54.42 -30.40
N SER B 568 33.77 -55.34 -29.48
CA SER B 568 32.48 -55.37 -28.77
C SER B 568 32.60 -54.92 -27.32
N ALA B 569 33.57 -54.06 -27.02
CA ALA B 569 33.76 -53.62 -25.63
C ALA B 569 32.55 -52.84 -25.14
N ALA B 570 31.81 -52.19 -26.05
CA ALA B 570 30.59 -51.51 -25.65
C ALA B 570 29.56 -52.49 -25.12
N SER B 571 29.54 -53.71 -25.65
CA SER B 571 28.64 -54.73 -25.12
C SER B 571 28.95 -55.05 -23.67
N GLU B 572 30.24 -55.17 -23.34
CA GLU B 572 30.62 -55.40 -21.95
C GLU B 572 30.36 -54.18 -21.07
N ARG B 573 30.47 -52.97 -21.65
CA ARG B 573 30.07 -51.78 -20.90
C ARG B 573 28.59 -51.82 -20.57
N THR B 574 27.76 -52.22 -21.53
CA THR B 574 26.34 -52.36 -21.28
C THR B 574 26.08 -53.45 -20.23
N PHE B 575 26.83 -54.54 -20.29
CA PHE B 575 26.71 -55.58 -19.28
C PHE B 575 27.09 -55.06 -17.90
N SER B 576 28.10 -54.20 -17.84
CA SER B 576 28.47 -53.58 -16.58
C SER B 576 27.37 -52.67 -16.07
N LEU B 577 26.75 -51.91 -16.97
CA LEU B 577 25.60 -51.10 -16.56
C LEU B 577 24.48 -51.97 -16.03
N ALA B 578 24.22 -53.10 -16.69
CA ALA B 578 23.23 -54.04 -16.20
C ALA B 578 23.59 -54.55 -14.81
N GLY B 579 24.86 -54.89 -14.61
CA GLY B 579 25.30 -55.30 -13.28
C GLY B 579 25.10 -54.21 -12.25
N ASN B 580 25.27 -52.95 -12.66
CA ASN B 580 24.89 -51.84 -11.79
C ASN B 580 23.38 -51.85 -11.56
N ILE B 581 22.61 -52.40 -12.49
CA ILE B 581 21.16 -52.51 -12.30
C ILE B 581 20.80 -53.81 -11.57
N ILE B 582 21.25 -54.95 -12.07
CA ILE B 582 20.88 -56.24 -11.49
C ILE B 582 21.85 -56.57 -10.37
N THR B 583 21.33 -56.98 -9.22
CA THR B 583 22.13 -57.20 -8.04
C THR B 583 21.49 -58.30 -7.21
N GLU B 584 22.28 -58.89 -6.31
CA GLU B 584 21.79 -59.95 -5.44
C GLU B 584 20.51 -59.55 -4.74
N LYS B 585 20.48 -58.32 -4.21
CA LYS B 585 19.28 -57.78 -3.59
C LYS B 585 18.31 -57.18 -4.60
N ARG B 586 18.75 -56.93 -5.83
CA ARG B 586 17.91 -56.32 -6.86
C ARG B 586 17.33 -57.36 -7.81
N ASN B 587 16.99 -58.54 -7.30
CA ASN B 587 16.40 -59.58 -8.12
C ASN B 587 14.99 -59.18 -8.56
N ARG B 588 14.40 -60.02 -9.42
CA ARG B 588 12.97 -60.01 -9.69
C ARG B 588 12.51 -58.77 -10.44
N ILE B 589 13.19 -58.39 -11.53
CA ILE B 589 12.83 -57.22 -12.31
C ILE B 589 12.47 -57.66 -13.73
N GLY B 590 11.40 -57.06 -14.27
CA GLY B 590 10.97 -57.42 -15.60
C GLY B 590 11.96 -56.98 -16.67
N GLN B 591 11.99 -57.77 -17.75
CA GLN B 591 12.95 -57.54 -18.82
C GLN B 591 12.63 -56.26 -19.58
N GLN B 592 11.35 -56.00 -19.85
CA GLN B 592 10.97 -54.80 -20.56
C GLN B 592 11.34 -53.55 -19.75
N THR B 593 11.15 -53.63 -18.43
CA THR B 593 11.48 -52.50 -17.58
C THR B 593 12.96 -52.15 -17.66
N VAL B 594 13.83 -53.15 -17.46
CA VAL B 594 15.26 -52.88 -17.46
C VAL B 594 15.72 -52.46 -18.84
N ASP B 595 15.14 -53.04 -19.89
CA ASP B 595 15.48 -52.65 -21.25
C ASP B 595 15.15 -51.18 -21.49
N SER B 596 13.98 -50.74 -21.03
CA SER B 596 13.60 -49.35 -21.16
C SER B 596 14.52 -48.46 -20.34
N LEU B 597 14.90 -48.90 -19.14
CA LEU B 597 15.83 -48.13 -18.31
C LEU B 597 17.14 -47.89 -19.05
N LEU B 598 17.75 -48.95 -19.58
CA LEU B 598 19.04 -48.79 -20.25
C LEU B 598 18.90 -47.95 -21.51
N PHE B 599 17.83 -48.16 -22.29
CA PHE B 599 17.64 -47.35 -23.49
C PHE B 599 17.50 -45.87 -23.15
N LEU B 600 16.69 -45.56 -22.13
CA LEU B 600 16.45 -44.16 -21.79
C LEU B 600 17.72 -43.52 -21.24
N ASN B 601 18.50 -44.27 -20.48
CA ASN B 601 19.77 -43.76 -19.98
C ASN B 601 20.71 -43.44 -21.13
N SER B 602 20.78 -44.34 -22.12
CA SER B 602 21.62 -44.07 -23.28
C SER B 602 21.11 -42.86 -24.08
N PHE B 603 19.79 -42.74 -24.21
CA PHE B 603 19.22 -41.58 -24.88
C PHE B 603 19.63 -40.29 -24.18
N TYR B 604 19.55 -40.28 -22.85
CA TYR B 604 19.95 -39.08 -22.10
C TYR B 604 21.44 -38.81 -22.27
N LYS B 605 22.25 -39.87 -22.33
CA LYS B 605 23.67 -39.69 -22.60
C LYS B 605 23.95 -39.42 -24.08
N ASN B 606 22.90 -39.32 -24.90
CA ASN B 606 23.04 -38.94 -26.30
C ASN B 606 22.47 -37.57 -26.64
N PHE B 607 21.42 -37.12 -25.94
CA PHE B 607 20.63 -35.98 -26.38
C PHE B 607 20.37 -34.99 -25.25
N CYS B 608 21.27 -34.89 -24.29
CA CYS B 608 21.15 -33.92 -23.21
C CYS B 608 22.37 -33.02 -23.20
N LYS B 609 22.12 -31.71 -23.17
CA LYS B 609 23.20 -30.73 -23.13
C LYS B 609 23.34 -30.14 -21.73
N ARG C 81 -12.66 21.65 -12.91
CA ARG C 81 -13.67 21.79 -13.96
C ARG C 81 -14.97 21.09 -13.57
N GLU C 82 -14.95 19.76 -13.56
CA GLU C 82 -16.12 18.99 -13.16
C GLU C 82 -16.37 19.20 -11.67
N LEU C 83 -17.43 19.93 -11.35
CA LEU C 83 -17.72 20.30 -9.97
C LEU C 83 -18.71 19.32 -9.34
N LYS C 84 -18.79 19.38 -8.02
CA LYS C 84 -19.55 18.39 -7.26
C LYS C 84 -21.03 18.73 -7.22
N THR C 85 -21.87 17.70 -7.31
CA THR C 85 -23.31 17.84 -7.12
C THR C 85 -23.62 17.60 -5.65
N VAL C 86 -24.08 18.64 -4.96
CA VAL C 86 -24.18 18.57 -3.50
C VAL C 86 -25.37 17.73 -3.10
N SER C 87 -25.22 16.99 -2.01
CA SER C 87 -26.37 16.45 -1.31
C SER C 87 -27.21 17.61 -0.77
N ALA C 88 -28.53 17.51 -0.95
CA ALA C 88 -29.40 18.67 -0.81
C ALA C 88 -29.41 19.20 0.62
N ASP C 89 -29.46 18.32 1.61
CA ASP C 89 -29.48 18.76 3.00
C ASP C 89 -28.23 19.55 3.35
N CYS C 90 -27.11 19.23 2.72
CA CYS C 90 -25.90 20.04 2.90
C CYS C 90 -26.12 21.46 2.41
N LYS C 91 -26.81 21.61 1.28
CA LYS C 91 -27.11 22.95 0.79
C LYS C 91 -28.03 23.70 1.76
N LYS C 92 -29.02 23.01 2.34
CA LYS C 92 -29.83 23.69 3.36
C LYS C 92 -29.00 24.10 4.57
N GLU C 93 -28.08 23.25 5.02
CA GLU C 93 -27.26 23.66 6.15
C GLU C 93 -26.36 24.85 5.78
N ALA C 94 -25.85 24.86 4.55
CA ALA C 94 -25.04 26.00 4.10
C ALA C 94 -25.85 27.29 4.12
N ILE C 95 -27.08 27.23 3.60
CA ILE C 95 -27.87 28.45 3.53
C ILE C 95 -28.27 28.88 4.93
N GLU C 96 -28.48 27.93 5.84
CA GLU C 96 -28.80 28.30 7.22
C GLU C 96 -27.61 28.99 7.88
N LYS C 97 -26.40 28.48 7.70
CA LYS C 97 -25.22 29.13 8.25
C LYS C 97 -25.06 30.55 7.70
N CYS C 98 -25.18 30.70 6.37
CA CYS C 98 -25.05 32.03 5.78
C CYS C 98 -26.15 32.97 6.28
N ALA C 99 -27.37 32.47 6.41
CA ALA C 99 -28.48 33.31 6.83
C ALA C 99 -28.33 33.76 8.27
N GLN C 100 -27.94 32.85 9.16
CA GLN C 100 -27.71 33.28 10.54
C GLN C 100 -26.57 34.26 10.61
N TRP C 101 -25.54 34.08 9.77
CA TRP C 101 -24.48 35.09 9.71
C TRP C 101 -25.04 36.46 9.35
N VAL C 102 -25.78 36.54 8.25
CA VAL C 102 -26.19 37.85 7.77
C VAL C 102 -27.18 38.49 8.71
N VAL C 103 -28.08 37.71 9.30
CA VAL C 103 -29.04 38.28 10.23
C VAL C 103 -28.37 38.75 11.50
N ARG C 104 -27.33 38.03 11.94
CA ARG C 104 -26.68 38.42 13.18
C ARG C 104 -25.61 39.49 12.97
N ASP C 105 -25.37 39.90 11.73
CA ASP C 105 -24.38 40.94 11.43
C ASP C 105 -24.89 41.99 10.45
N CYS C 106 -26.19 42.09 10.26
CA CYS C 106 -26.84 43.12 9.44
C CYS C 106 -26.09 43.36 8.13
N ARG C 107 -25.93 42.31 7.39
CA ARG C 107 -25.20 42.53 6.16
C ARG C 107 -26.14 42.50 4.96
N PRO C 108 -25.82 43.26 3.91
CA PRO C 108 -26.68 43.26 2.73
C PRO C 108 -26.67 41.92 2.02
N PHE C 109 -27.80 41.59 1.39
CA PHE C 109 -27.96 40.27 0.78
C PHE C 109 -27.13 40.10 -0.49
N SER C 110 -26.64 41.18 -1.08
CA SER C 110 -25.82 41.06 -2.27
C SER C 110 -24.41 40.57 -1.97
N ALA C 111 -24.02 40.53 -0.69
CA ALA C 111 -22.70 40.03 -0.33
C ALA C 111 -22.55 38.55 -0.60
N VAL C 112 -23.66 37.84 -0.84
CA VAL C 112 -23.58 36.43 -1.17
C VAL C 112 -23.18 36.24 -2.63
N SER C 113 -23.36 37.26 -3.47
CA SER C 113 -23.01 37.18 -4.88
C SER C 113 -21.78 37.98 -5.22
N GLY C 114 -20.91 38.25 -4.25
CA GLY C 114 -19.71 39.01 -4.53
C GLY C 114 -18.80 38.26 -5.49
N SER C 115 -18.13 39.02 -6.37
CA SER C 115 -17.22 38.41 -7.32
C SER C 115 -16.07 37.72 -6.59
N GLY C 116 -15.51 38.36 -5.57
CA GLY C 116 -14.41 37.76 -4.85
C GLY C 116 -14.84 36.75 -3.81
N PHE C 117 -16.10 36.81 -3.38
CA PHE C 117 -16.52 36.00 -2.25
C PHE C 117 -16.59 34.52 -2.61
N ILE C 118 -17.05 34.22 -3.83
CA ILE C 118 -17.00 32.83 -4.31
C ILE C 118 -15.56 32.33 -4.33
N ASP C 119 -14.63 33.18 -4.77
CA ASP C 119 -13.23 32.80 -4.79
C ASP C 119 -12.72 32.53 -3.38
N MET C 120 -13.10 33.37 -2.44
CA MET C 120 -12.49 33.31 -1.12
C MET C 120 -12.97 32.06 -0.39
N ILE C 121 -14.27 31.79 -0.49
CA ILE C 121 -14.79 30.54 0.05
C ILE C 121 -14.22 29.33 -0.70
N LYS C 122 -13.91 29.47 -1.99
CA LYS C 122 -13.22 28.39 -2.68
C LYS C 122 -11.87 28.12 -2.03
N PHE C 123 -11.14 29.18 -1.74
CA PHE C 123 -9.82 29.03 -1.12
C PHE C 123 -9.94 28.37 0.25
N PHE C 124 -10.98 28.74 1.00
CA PHE C 124 -11.13 28.19 2.34
C PHE C 124 -11.55 26.72 2.32
N ILE C 125 -12.44 26.34 1.39
CA ILE C 125 -12.76 24.92 1.30
C ILE C 125 -11.54 24.14 0.81
N LYS C 126 -10.71 24.75 -0.04
CA LYS C 126 -9.48 24.10 -0.47
C LYS C 126 -8.57 23.82 0.72
N VAL C 127 -8.32 24.84 1.54
CA VAL C 127 -7.41 24.65 2.66
C VAL C 127 -8.02 23.68 3.68
N GLY C 128 -9.34 23.69 3.84
CA GLY C 128 -9.97 22.73 4.73
C GLY C 128 -9.82 21.30 4.24
N ALA C 129 -9.98 21.08 2.93
CA ALA C 129 -9.73 19.76 2.37
C ALA C 129 -8.27 19.36 2.57
N GLU C 130 -7.36 20.33 2.49
CA GLU C 130 -5.95 20.04 2.76
C GLU C 130 -5.75 19.58 4.20
N TYR C 131 -6.33 20.30 5.16
CA TYR C 131 -5.99 20.06 6.57
C TYR C 131 -7.02 19.24 7.32
N GLY C 132 -8.31 19.34 6.98
CA GLY C 132 -9.35 18.58 7.65
C GLY C 132 -10.44 19.50 8.21
N GLU C 133 -10.76 19.31 9.50
CA GLU C 133 -11.87 20.04 10.11
C GLU C 133 -11.56 20.54 11.52
N HIS C 134 -10.29 20.59 11.93
CA HIS C 134 -9.98 20.86 13.32
C HIS C 134 -8.81 21.84 13.44
N VAL C 135 -8.82 22.87 12.60
CA VAL C 135 -7.77 23.89 12.60
C VAL C 135 -8.10 24.97 13.62
N ASN C 136 -7.12 25.83 13.92
CA ASN C 136 -7.31 26.97 14.81
C ASN C 136 -7.83 28.15 13.99
N VAL C 137 -9.10 28.06 13.62
CA VAL C 137 -9.72 29.06 12.73
C VAL C 137 -9.56 30.45 13.32
N GLU C 138 -10.13 30.66 14.50
CA GLU C 138 -10.19 32.00 15.09
C GLU C 138 -8.83 32.63 15.23
N GLU C 139 -7.79 31.81 15.44
CA GLU C 139 -6.44 32.36 15.48
C GLU C 139 -5.93 32.69 14.09
N LEU C 140 -6.16 31.81 13.12
CA LEU C 140 -5.55 31.98 11.80
C LEU C 140 -6.27 33.02 10.95
N LEU C 141 -7.40 33.54 11.42
CA LEU C 141 -8.09 34.60 10.71
C LEU C 141 -7.45 35.94 11.03
N PRO C 142 -6.93 36.67 10.05
CA PRO C 142 -6.19 37.89 10.36
C PRO C 142 -7.09 38.98 10.93
N SER C 143 -6.47 39.83 11.76
CA SER C 143 -7.13 40.95 12.42
C SER C 143 -7.33 42.11 11.44
N PRO C 144 -8.40 42.88 11.59
CA PRO C 144 -8.69 43.93 10.60
C PRO C 144 -7.58 44.94 10.39
N ILE C 145 -6.90 45.34 11.47
CA ILE C 145 -5.82 46.32 11.33
C ILE C 145 -4.74 45.76 10.42
N THR C 146 -4.45 44.47 10.59
CA THR C 146 -3.52 43.80 9.69
C THR C 146 -3.99 43.90 8.25
N LEU C 147 -5.29 43.75 8.02
CA LEU C 147 -5.82 43.88 6.67
C LEU C 147 -5.58 45.28 6.13
N SER C 148 -5.80 46.30 6.96
CA SER C 148 -5.56 47.67 6.52
C SER C 148 -4.12 47.86 6.10
N ARG C 149 -3.18 47.42 6.94
CA ARG C 149 -1.77 47.62 6.64
C ARG C 149 -1.36 46.82 5.41
N LYS C 150 -1.88 45.60 5.28
CA LYS C 150 -1.58 44.79 4.10
C LYS C 150 -2.09 45.46 2.84
N VAL C 151 -3.28 46.06 2.91
CA VAL C 151 -3.83 46.76 1.76
C VAL C 151 -2.94 47.94 1.38
N THR C 152 -2.49 48.70 2.38
CA THR C 152 -1.59 49.81 2.09
C THR C 152 -0.31 49.32 1.41
N SER C 153 0.31 48.29 1.98
CA SER C 153 1.56 47.79 1.42
C SER C 153 1.37 47.27 0.01
N ASP C 154 0.28 46.55 -0.23
CA ASP C 154 0.00 46.05 -1.57
C ASP C 154 -0.26 47.21 -2.54
N ALA C 155 -0.87 48.28 -2.05
CA ALA C 155 -1.04 49.46 -2.89
C ALA C 155 0.30 50.00 -3.33
N LYS C 156 1.24 50.10 -2.39
CA LYS C 156 2.57 50.58 -2.73
C LYS C 156 3.23 49.66 -3.75
N GLU C 157 3.15 48.34 -3.52
CA GLU C 157 3.78 47.40 -4.42
C GLU C 157 3.18 47.47 -5.82
N LYS C 158 1.86 47.54 -5.91
CA LYS C 158 1.21 47.53 -7.22
C LYS C 158 1.47 48.84 -7.97
N LYS C 159 1.43 49.97 -7.26
CA LYS C 159 1.73 51.23 -7.94
C LYS C 159 3.17 51.24 -8.42
N ALA C 160 4.09 50.69 -7.63
CA ALA C 160 5.47 50.58 -8.08
C ALA C 160 5.58 49.71 -9.33
N LEU C 161 4.85 48.59 -9.35
CA LEU C 161 4.91 47.71 -10.51
C LEU C 161 4.34 48.38 -11.75
N ILE C 162 3.23 49.12 -11.61
CA ILE C 162 2.55 49.67 -12.77
C ILE C 162 3.11 51.03 -13.21
N SER C 163 4.00 51.63 -12.42
CA SER C 163 4.60 52.89 -12.84
C SER C 163 5.31 52.75 -14.19
N ARG C 164 5.96 51.61 -14.42
CA ARG C 164 6.64 51.39 -15.69
C ARG C 164 5.65 51.39 -16.84
N GLU C 165 4.55 50.64 -16.70
CA GLU C 165 3.55 50.61 -17.75
C GLU C 165 2.94 51.98 -17.98
N ILE C 166 2.74 52.74 -16.90
CA ILE C 166 2.23 54.10 -17.01
C ILE C 166 3.16 54.94 -17.87
N LYS C 167 4.46 54.87 -17.57
CA LYS C 167 5.43 55.66 -18.33
C LYS C 167 5.47 55.23 -19.79
N SER C 168 5.44 53.91 -20.03
CA SER C 168 5.47 53.41 -21.40
C SER C 168 4.26 53.90 -22.19
N ALA C 169 3.09 53.87 -21.57
CA ALA C 169 1.89 54.34 -22.26
C ALA C 169 1.96 55.84 -22.50
N VAL C 170 2.41 56.61 -21.51
CA VAL C 170 2.30 58.06 -21.61
C VAL C 170 3.34 58.62 -22.57
N GLU C 171 4.45 57.90 -22.76
CA GLU C 171 5.48 58.40 -23.68
C GLU C 171 4.93 58.58 -25.09
N LYS C 172 4.05 57.68 -25.52
CA LYS C 172 3.53 57.68 -26.88
C LYS C 172 2.35 58.62 -27.08
N ASP C 173 2.16 59.59 -26.17
CA ASP C 173 1.22 60.70 -26.31
C ASP C 173 -0.24 60.27 -26.21
N GLY C 174 -0.52 58.97 -26.13
CA GLY C 174 -1.89 58.48 -26.11
C GLY C 174 -2.53 58.42 -24.74
N ALA C 175 -2.89 59.57 -24.18
CA ALA C 175 -3.39 59.64 -22.82
C ALA C 175 -4.51 60.65 -22.71
N SER C 176 -5.31 60.51 -21.66
CA SER C 176 -6.39 61.43 -21.32
C SER C 176 -6.84 61.14 -19.90
N ALA C 177 -7.57 62.08 -19.32
CA ALA C 177 -8.16 61.94 -17.99
C ALA C 177 -9.10 63.11 -17.75
N THR C 178 -9.72 63.12 -16.57
CA THR C 178 -10.52 64.24 -16.12
C THR C 178 -10.09 64.63 -14.71
N ILE C 179 -10.17 65.92 -14.41
CA ILE C 179 -9.78 66.46 -13.12
C ILE C 179 -10.94 67.25 -12.56
N ASP C 180 -11.28 66.99 -11.30
CA ASP C 180 -12.39 67.68 -10.66
C ASP C 180 -12.21 67.66 -9.15
N LEU C 181 -12.70 68.72 -8.51
CA LEU C 181 -12.76 68.77 -7.06
C LEU C 181 -13.89 67.88 -6.56
N TRP C 182 -13.75 67.40 -5.32
CA TRP C 182 -14.82 66.69 -4.65
C TRP C 182 -14.90 67.14 -3.20
N THR C 183 -16.07 66.96 -2.61
CA THR C 183 -16.30 67.24 -1.20
C THR C 183 -17.20 66.17 -0.62
N ASP C 184 -17.00 65.87 0.65
CA ASP C 184 -17.85 64.91 1.34
C ASP C 184 -18.93 65.63 2.13
N ASN C 185 -20.14 65.07 2.08
CA ASN C 185 -21.27 65.62 2.80
C ASN C 185 -21.32 65.13 4.25
N TYR C 186 -20.23 64.58 4.76
CA TYR C 186 -20.13 64.15 6.14
C TYR C 186 -19.12 64.98 6.93
N ILE C 187 -17.88 65.05 6.46
CA ILE C 187 -16.82 65.77 7.16
C ILE C 187 -16.50 67.10 6.48
N LYS C 188 -16.98 67.32 5.25
CA LYS C 188 -16.78 68.57 4.54
C LYS C 188 -15.30 68.83 4.28
N ARG C 189 -14.59 67.80 3.85
CA ARG C 189 -13.21 67.91 3.39
C ARG C 189 -13.21 67.89 1.86
N ASN C 190 -12.56 68.88 1.26
CA ASN C 190 -12.50 68.97 -0.18
C ASN C 190 -11.31 68.20 -0.74
N PHE C 191 -11.48 67.68 -1.95
CA PHE C 191 -10.53 66.76 -2.56
C PHE C 191 -10.24 67.16 -4.00
N LEU C 192 -9.29 66.44 -4.60
CA LEU C 192 -8.97 66.61 -6.02
C LEU C 192 -8.82 65.24 -6.66
N GLY C 193 -9.58 65.01 -7.73
CA GLY C 193 -9.61 63.73 -8.39
C GLY C 193 -8.62 63.64 -9.53
N VAL C 194 -7.72 62.67 -9.44
CA VAL C 194 -6.73 62.39 -10.48
C VAL C 194 -6.98 61.00 -11.01
N THR C 195 -7.15 60.88 -12.33
CA THR C 195 -7.48 59.61 -12.94
C THR C 195 -6.74 59.51 -14.27
N LEU C 196 -7.15 58.54 -15.10
CA LEU C 196 -6.53 58.31 -16.39
C LEU C 196 -7.54 57.64 -17.32
N HIS C 197 -7.46 58.00 -18.61
CA HIS C 197 -8.25 57.35 -19.64
C HIS C 197 -7.41 57.28 -20.91
N TYR C 198 -7.16 56.06 -21.38
CA TYR C 198 -6.36 55.88 -22.59
C TYR C 198 -6.85 54.65 -23.33
N HIS C 199 -6.22 54.38 -24.46
CA HIS C 199 -6.63 53.33 -25.38
C HIS C 199 -5.70 52.13 -25.30
N GLU C 200 -6.30 50.94 -25.31
CA GLU C 200 -5.58 49.70 -25.57
C GLU C 200 -6.24 48.99 -26.74
N ASN C 201 -5.61 47.94 -27.23
CA ASN C 201 -6.04 47.26 -28.45
C ASN C 201 -7.49 46.79 -28.36
N ASN C 202 -8.36 47.41 -29.16
CA ASN C 202 -9.78 47.06 -29.22
C ASN C 202 -10.49 47.24 -27.88
N GLU C 203 -10.01 48.19 -27.08
CA GLU C 203 -10.64 48.44 -25.79
C GLU C 203 -10.24 49.83 -25.29
N LEU C 204 -11.04 50.34 -24.37
CA LEU C 204 -10.72 51.57 -23.65
C LEU C 204 -10.20 51.23 -22.27
N ARG C 205 -9.25 52.02 -21.80
CA ARG C 205 -8.64 51.81 -20.49
C ARG C 205 -8.89 53.02 -19.61
N ASP C 206 -9.40 52.78 -18.41
CA ASP C 206 -9.60 53.82 -17.39
C ASP C 206 -8.96 53.34 -16.10
N LEU C 207 -7.91 54.03 -15.67
CA LEU C 207 -7.25 53.75 -14.41
C LEU C 207 -7.41 54.96 -13.50
N ILE C 208 -7.92 54.72 -12.30
CA ILE C 208 -8.11 55.78 -11.32
C ILE C 208 -6.76 56.02 -10.66
N LEU C 209 -6.17 57.19 -10.89
CA LEU C 209 -4.85 57.46 -10.34
C LEU C 209 -4.93 57.65 -8.83
N GLY C 210 -5.64 58.67 -8.39
CA GLY C 210 -5.73 58.93 -6.95
C GLY C 210 -6.66 60.08 -6.65
N LEU C 211 -7.15 60.08 -5.41
CA LEU C 211 -8.05 61.12 -4.92
C LEU C 211 -7.46 61.64 -3.61
N LYS C 212 -7.14 62.93 -3.56
CA LYS C 212 -6.46 63.50 -2.41
C LYS C 212 -7.11 64.83 -2.02
N SER C 213 -6.92 65.19 -0.76
CA SER C 213 -7.42 66.43 -0.19
C SER C 213 -6.35 67.51 -0.23
N LEU C 214 -6.76 68.73 0.10
CA LEU C 214 -5.88 69.88 0.19
C LEU C 214 -5.93 70.51 1.57
N ASP C 215 -6.10 69.69 2.60
CA ASP C 215 -6.34 70.14 3.98
C ASP C 215 -7.51 71.12 3.94
N PHE C 216 -7.46 72.23 4.67
CA PHE C 216 -8.47 73.28 4.59
C PHE C 216 -7.89 74.55 3.98
N GLU C 217 -6.78 74.41 3.25
CA GLU C 217 -6.13 75.54 2.61
C GLU C 217 -7.06 76.16 1.56
N ARG C 218 -6.79 77.42 1.24
CA ARG C 218 -7.49 78.08 0.15
C ARG C 218 -7.28 77.28 -1.12
N SER C 219 -8.35 76.67 -1.64
CA SER C 219 -8.24 75.73 -2.74
C SER C 219 -8.03 76.49 -4.06
N THR C 220 -6.93 77.24 -4.08
CA THR C 220 -6.58 78.04 -5.24
C THR C 220 -5.97 77.16 -6.33
N ALA C 221 -5.95 77.71 -7.54
CA ALA C 221 -5.56 76.92 -8.71
C ALA C 221 -4.12 76.44 -8.63
N GLU C 222 -3.23 77.23 -8.03
CA GLU C 222 -1.85 76.78 -7.85
C GLU C 222 -1.75 75.64 -6.86
N ASN C 223 -2.62 75.61 -5.85
CA ASN C 223 -2.69 74.45 -4.97
C ASN C 223 -3.09 73.21 -5.76
N ILE C 224 -4.04 73.37 -6.68
CA ILE C 224 -4.44 72.26 -7.55
C ILE C 224 -3.26 71.80 -8.39
N TYR C 225 -2.52 72.75 -8.95
CA TYR C 225 -1.34 72.40 -9.75
C TYR C 225 -0.32 71.64 -8.92
N LYS C 226 -0.06 72.11 -7.70
CA LYS C 226 0.89 71.43 -6.82
C LYS C 226 0.41 70.00 -6.51
N LYS C 227 -0.88 69.85 -6.20
CA LYS C 227 -1.39 68.53 -5.86
C LYS C 227 -1.31 67.57 -7.04
N LEU C 228 -1.70 68.04 -8.23
CA LEU C 228 -1.62 67.17 -9.39
C LEU C 228 -0.18 66.78 -9.70
N LYS C 229 0.74 67.74 -9.57
CA LYS C 229 2.15 67.43 -9.79
C LYS C 229 2.63 66.38 -8.79
N ALA C 230 2.21 66.50 -7.53
CA ALA C 230 2.58 65.50 -6.54
C ALA C 230 2.04 64.13 -6.89
N ILE C 231 0.78 64.07 -7.31
CA ILE C 231 0.17 62.77 -7.62
C ILE C 231 0.87 62.13 -8.81
N PHE C 232 1.18 62.94 -9.83
CA PHE C 232 1.89 62.39 -10.98
C PHE C 232 3.31 61.99 -10.63
N SER C 233 3.94 62.70 -9.70
CA SER C 233 5.22 62.25 -9.18
C SER C 233 5.10 60.91 -8.47
N GLN C 234 3.94 60.63 -7.88
CA GLN C 234 3.75 59.35 -7.21
C GLN C 234 3.90 58.19 -8.17
N PHE C 235 3.41 58.35 -9.40
CA PHE C 235 3.51 57.30 -10.42
C PHE C 235 4.63 57.57 -11.42
N ASN C 236 5.64 58.33 -11.03
CA ASN C 236 6.76 58.68 -11.90
C ASN C 236 6.29 59.33 -13.19
N VAL C 237 5.38 60.29 -13.07
CA VAL C 237 4.93 61.10 -14.19
C VAL C 237 5.44 62.51 -13.96
N GLU C 238 6.23 63.02 -14.90
CA GLU C 238 6.90 64.30 -14.68
C GLU C 238 6.63 65.28 -15.81
N ASP C 239 6.55 64.79 -17.05
CA ASP C 239 6.37 65.70 -18.18
C ASP C 239 4.95 66.23 -18.23
N LEU C 240 3.97 65.34 -18.45
CA LEU C 240 2.54 65.66 -18.47
C LEU C 240 2.23 66.91 -19.30
N SER C 241 3.10 67.23 -20.26
CA SER C 241 2.97 68.46 -21.03
C SER C 241 2.32 68.26 -22.39
N SER C 242 1.85 67.05 -22.71
CA SER C 242 1.13 66.79 -23.95
C SER C 242 -0.09 65.92 -23.72
N ILE C 243 -0.72 66.02 -22.56
CA ILE C 243 -1.86 65.18 -22.21
C ILE C 243 -3.14 65.95 -22.49
N LYS C 244 -4.17 65.23 -22.92
CA LYS C 244 -5.39 65.83 -23.44
C LYS C 244 -6.51 65.62 -22.44
N PHE C 245 -7.21 66.71 -22.09
CA PHE C 245 -8.22 66.68 -21.05
C PHE C 245 -9.51 67.34 -21.52
N VAL C 246 -10.63 66.77 -21.11
CA VAL C 246 -11.95 67.36 -21.30
C VAL C 246 -12.44 67.78 -19.93
N THR C 247 -12.58 69.09 -19.71
CA THR C 247 -12.94 69.61 -18.39
C THR C 247 -14.14 70.53 -18.45
N ASP C 248 -14.46 71.17 -17.33
CA ASP C 248 -15.55 72.13 -17.27
C ASP C 248 -15.01 73.53 -17.54
N ARG C 249 -15.83 74.55 -17.30
CA ARG C 249 -15.45 75.94 -17.49
C ARG C 249 -15.02 76.61 -16.19
N GLY C 250 -14.69 75.83 -15.15
CA GLY C 250 -14.24 76.38 -13.90
C GLY C 250 -13.02 77.25 -14.07
N ALA C 251 -13.05 78.46 -13.50
CA ALA C 251 -11.99 79.43 -13.76
C ALA C 251 -10.64 78.92 -13.26
N ASN C 252 -10.60 78.35 -12.05
CA ASN C 252 -9.36 77.76 -11.56
C ASN C 252 -8.96 76.57 -12.41
N VAL C 253 -9.94 75.78 -12.86
CA VAL C 253 -9.64 74.67 -13.76
C VAL C 253 -9.07 75.19 -15.06
N VAL C 254 -9.66 76.26 -15.61
CA VAL C 254 -9.17 76.82 -16.86
C VAL C 254 -7.74 77.34 -16.70
N LYS C 255 -7.46 78.03 -15.59
CA LYS C 255 -6.13 78.61 -15.43
C LYS C 255 -5.08 77.54 -15.15
N SER C 256 -5.39 76.56 -14.30
CA SER C 256 -4.42 75.53 -13.98
C SER C 256 -4.03 74.73 -15.21
N LEU C 257 -5.00 74.36 -16.04
CA LEU C 257 -4.77 73.49 -17.19
C LEU C 257 -4.53 74.31 -18.46
N ALA C 258 -4.54 75.65 -18.35
CA ALA C 258 -4.23 76.48 -19.51
C ALA C 258 -2.84 76.20 -20.05
N ASN C 259 -1.95 75.63 -19.23
CA ASN C 259 -0.62 75.25 -19.70
C ASN C 259 -0.67 74.17 -20.77
N ASN C 260 -1.78 73.45 -20.89
CA ASN C 260 -1.82 72.30 -21.78
C ASN C 260 -3.24 72.17 -22.35
N ILE C 261 -3.54 71.00 -22.91
CA ILE C 261 -4.80 70.78 -23.62
C ILE C 261 -5.96 70.88 -22.64
N ARG C 262 -6.77 71.91 -22.79
CA ARG C 262 -7.99 72.08 -22.00
C ARG C 262 -9.18 72.11 -22.95
N ILE C 263 -10.10 71.17 -22.78
CA ILE C 263 -11.28 71.05 -23.63
C ILE C 263 -12.52 71.03 -22.74
N ASN C 264 -13.57 71.69 -23.19
CA ASN C 264 -14.78 71.83 -22.37
C ASN C 264 -15.59 70.55 -22.38
N CYS C 265 -16.20 70.24 -21.24
CA CYS C 265 -17.16 69.17 -21.14
C CYS C 265 -18.42 69.54 -21.91
N SER C 266 -18.65 68.86 -23.03
CA SER C 266 -19.70 69.26 -23.95
C SER C 266 -21.07 69.20 -23.29
N SER C 267 -21.30 68.18 -22.47
CA SER C 267 -22.60 68.04 -21.80
C SER C 267 -22.87 69.22 -20.88
N HIS C 268 -21.85 69.68 -20.16
CA HIS C 268 -21.99 70.89 -19.36
C HIS C 268 -22.46 72.05 -20.22
N LEU C 269 -21.80 72.23 -21.37
CA LEU C 269 -22.13 73.36 -22.23
C LEU C 269 -23.56 73.29 -22.73
N LEU C 270 -23.96 72.11 -23.24
CA LEU C 270 -25.31 71.96 -23.77
C LEU C 270 -26.36 72.13 -22.69
N SER C 271 -26.09 71.60 -21.49
CA SER C 271 -27.01 71.80 -20.38
C SER C 271 -27.18 73.29 -20.10
N ASN C 272 -26.06 73.99 -19.86
CA ASN C 272 -26.11 75.42 -19.59
C ASN C 272 -26.86 76.15 -20.69
N VAL C 273 -26.70 75.71 -21.94
CA VAL C 273 -27.49 76.25 -23.03
C VAL C 273 -28.98 76.08 -22.76
N LEU C 274 -29.36 74.89 -22.31
CA LEU C 274 -30.78 74.62 -22.08
C LEU C 274 -31.35 75.50 -20.96
N GLU C 275 -30.66 75.57 -19.82
CA GLU C 275 -31.17 76.41 -18.74
C GLU C 275 -31.19 77.89 -19.13
N ASN C 276 -30.14 78.37 -19.81
CA ASN C 276 -30.16 79.76 -20.24
C ASN C 276 -31.30 80.03 -21.20
N SER C 277 -31.58 79.08 -22.10
CA SER C 277 -32.68 79.26 -23.04
C SER C 277 -34.03 79.27 -22.33
N PHE C 278 -34.18 78.48 -21.27
CA PHE C 278 -35.43 78.50 -20.52
C PHE C 278 -35.55 79.75 -19.65
N GLU C 279 -34.42 80.32 -19.21
CA GLU C 279 -34.47 81.53 -18.41
C GLU C 279 -34.78 82.78 -19.24
N GLU C 280 -34.55 82.74 -20.55
CA GLU C 280 -34.90 83.85 -21.41
C GLU C 280 -36.31 83.72 -21.98
N THR C 281 -37.06 82.72 -21.54
CA THR C 281 -38.47 82.55 -21.89
C THR C 281 -39.24 82.44 -20.57
N PRO C 282 -39.69 83.57 -20.02
CA PRO C 282 -40.34 83.51 -18.70
C PRO C 282 -41.70 82.86 -18.71
N GLU C 283 -42.33 82.70 -19.88
CA GLU C 283 -43.66 82.11 -19.94
C GLU C 283 -43.66 80.63 -19.59
N LEU C 284 -42.49 80.02 -19.45
CA LEU C 284 -42.39 78.62 -19.06
C LEU C 284 -42.16 78.44 -17.57
N ASN C 285 -41.55 79.41 -16.89
CA ASN C 285 -41.24 79.25 -15.47
C ASN C 285 -42.50 79.16 -14.62
N MET C 286 -43.54 79.90 -14.99
CA MET C 286 -44.80 79.82 -14.26
C MET C 286 -45.39 78.41 -14.28
N PRO C 287 -45.55 77.74 -15.43
CA PRO C 287 -45.93 76.32 -15.38
C PRO C 287 -44.90 75.47 -14.64
N ILE C 288 -43.61 75.81 -14.79
CA ILE C 288 -42.57 75.09 -14.05
C ILE C 288 -42.74 75.29 -12.56
N LEU C 289 -43.02 76.52 -12.12
CA LEU C 289 -43.24 76.76 -10.71
C LEU C 289 -44.47 76.01 -10.20
N ALA C 290 -45.55 75.99 -11.00
CA ALA C 290 -46.74 75.27 -10.58
C ALA C 290 -46.48 73.78 -10.43
N CYS C 291 -45.77 73.19 -11.40
CA CYS C 291 -45.43 71.77 -11.31
C CYS C 291 -44.53 71.50 -10.10
N LYS C 292 -43.57 72.38 -9.85
CA LYS C 292 -42.70 72.23 -8.69
C LYS C 292 -43.50 72.30 -7.39
N ASN C 293 -44.46 73.22 -7.32
CA ASN C 293 -45.29 73.32 -6.12
C ASN C 293 -46.15 72.08 -5.95
N ILE C 294 -46.68 71.54 -7.04
CA ILE C 294 -47.46 70.32 -6.94
C ILE C 294 -46.60 69.17 -6.43
N VAL C 295 -45.36 69.07 -6.92
CA VAL C 295 -44.46 68.01 -6.47
C VAL C 295 -44.07 68.23 -5.01
N LYS C 296 -43.86 69.48 -4.60
CA LYS C 296 -43.57 69.76 -3.20
C LYS C 296 -44.72 69.33 -2.30
N TYR C 297 -45.95 69.65 -2.70
CA TYR C 297 -47.12 69.20 -1.95
C TYR C 297 -47.18 67.68 -1.90
N PHE C 298 -46.90 67.02 -3.02
CA PHE C 298 -46.92 65.57 -3.05
C PHE C 298 -45.91 64.98 -2.07
N LYS C 299 -44.71 65.56 -2.03
CA LYS C 299 -43.67 65.01 -1.17
C LYS C 299 -43.98 65.26 0.30
N LYS C 300 -44.35 66.49 0.66
CA LYS C 300 -44.48 66.82 2.08
C LYS C 300 -45.75 66.25 2.69
N ALA C 301 -46.83 66.16 1.91
CA ALA C 301 -48.11 65.72 2.47
C ALA C 301 -48.17 64.23 2.72
N ASN C 302 -47.18 63.46 2.25
CA ASN C 302 -47.07 62.03 2.53
C ASN C 302 -48.30 61.27 2.02
N LEU C 303 -48.51 61.36 0.71
CA LEU C 303 -49.70 60.78 0.09
C LEU C 303 -49.36 59.99 -1.17
N GLN C 304 -48.09 59.67 -1.39
CA GLN C 304 -47.70 58.86 -2.54
C GLN C 304 -48.14 57.41 -2.42
N HIS C 305 -48.90 57.05 -1.38
CA HIS C 305 -49.33 55.67 -1.22
C HIS C 305 -50.17 55.21 -2.40
N ARG C 306 -51.09 56.05 -2.86
CA ARG C 306 -51.81 55.72 -4.09
C ARG C 306 -50.91 55.87 -5.30
N LEU C 307 -50.02 56.85 -5.29
CA LEU C 307 -49.23 57.18 -6.48
C LEU C 307 -48.39 55.98 -6.91
N ARG C 308 -48.56 55.56 -8.16
CA ARG C 308 -47.84 54.39 -8.64
C ARG C 308 -46.38 54.73 -8.96
N SER C 309 -46.10 55.96 -9.34
CA SER C 309 -44.74 56.39 -9.67
C SER C 309 -44.36 57.54 -8.73
N SER C 310 -43.22 57.40 -8.06
CA SER C 310 -42.76 58.44 -7.15
C SER C 310 -42.05 59.55 -7.91
N LEU C 311 -42.25 60.78 -7.44
CA LEU C 311 -41.73 61.95 -8.15
C LEU C 311 -40.24 62.13 -7.89
N LYS C 312 -39.66 63.11 -8.59
CA LYS C 312 -38.22 63.29 -8.65
C LYS C 312 -37.80 64.55 -7.89
N SER C 313 -36.49 64.75 -7.81
CA SER C 313 -35.95 65.95 -7.17
C SER C 313 -36.29 67.19 -8.00
N GLU C 314 -36.70 68.25 -7.32
CA GLU C 314 -37.12 69.46 -8.01
C GLU C 314 -35.98 70.09 -8.80
N CYS C 315 -34.95 70.58 -8.13
CA CYS C 315 -33.83 71.22 -8.81
C CYS C 315 -32.57 71.16 -7.94
N PRO C 316 -31.94 69.98 -7.77
CA PRO C 316 -30.66 69.90 -7.06
C PRO C 316 -29.47 70.17 -7.98
N THR C 317 -29.60 71.20 -8.83
CA THR C 317 -28.59 71.55 -9.83
C THR C 317 -28.13 70.34 -10.63
N ARG C 318 -29.07 69.44 -10.93
CA ARG C 318 -28.75 68.18 -11.59
C ARG C 318 -29.06 68.22 -13.06
N TRP C 319 -28.44 67.32 -13.80
CA TRP C 319 -28.59 67.27 -15.25
C TRP C 319 -29.88 66.55 -15.63
N ASN C 320 -30.71 67.22 -16.43
CA ASN C 320 -31.89 66.65 -17.06
C ASN C 320 -32.93 66.15 -16.07
N SER C 321 -32.75 66.41 -14.77
CA SER C 321 -33.74 66.02 -13.78
C SER C 321 -35.08 66.69 -14.07
N THR C 322 -35.04 67.87 -14.68
CA THR C 322 -36.28 68.52 -15.10
C THR C 322 -37.01 67.70 -16.15
N TYR C 323 -36.26 67.06 -17.06
CA TYR C 323 -36.90 66.24 -18.08
C TYR C 323 -37.65 65.08 -17.45
N THR C 324 -37.02 64.37 -16.53
CA THR C 324 -37.70 63.27 -15.86
C THR C 324 -38.85 63.77 -15.02
N MET C 325 -38.69 64.94 -14.41
CA MET C 325 -39.79 65.54 -13.65
C MET C 325 -41.01 65.73 -14.53
N LEU C 326 -40.84 66.39 -15.68
CA LEU C 326 -41.97 66.65 -16.56
C LEU C 326 -42.48 65.37 -17.20
N ARG C 327 -41.61 64.40 -17.46
CA ARG C 327 -42.04 63.13 -18.01
C ARG C 327 -42.95 62.40 -17.02
N SER C 328 -42.54 62.35 -15.76
CA SER C 328 -43.37 61.73 -14.73
C SER C 328 -44.67 62.49 -14.54
N ILE C 329 -44.62 63.82 -14.71
CA ILE C 329 -45.84 64.62 -14.62
C ILE C 329 -46.80 64.23 -15.75
N LEU C 330 -46.29 64.13 -16.97
CA LEU C 330 -47.14 63.73 -18.09
C LEU C 330 -47.66 62.32 -17.91
N ASP C 331 -46.91 61.47 -17.22
CA ASP C 331 -47.35 60.10 -16.99
C ASP C 331 -48.43 60.03 -15.92
N ASN C 332 -48.34 60.87 -14.89
CA ASN C 332 -49.20 60.77 -13.72
C ASN C 332 -50.23 61.89 -13.61
N TRP C 333 -50.45 62.65 -14.69
CA TRP C 333 -51.42 63.74 -14.68
C TRP C 333 -52.79 63.30 -14.15
N GLU C 334 -53.24 62.10 -14.53
CA GLU C 334 -54.54 61.62 -14.10
C GLU C 334 -54.61 61.58 -12.58
N SER C 335 -53.79 60.72 -11.97
CA SER C 335 -53.78 60.58 -10.52
C SER C 335 -53.56 61.94 -9.85
N VAL C 336 -52.75 62.80 -10.47
CA VAL C 336 -52.51 64.12 -9.91
C VAL C 336 -53.82 64.91 -9.82
N ILE C 337 -54.59 64.93 -10.91
CA ILE C 337 -55.77 65.77 -10.91
C ILE C 337 -56.85 65.20 -9.99
N GLN C 338 -57.05 63.88 -9.98
CA GLN C 338 -58.05 63.36 -9.03
C GLN C 338 -57.62 63.58 -7.59
N ILE C 339 -56.35 63.37 -7.25
CA ILE C 339 -55.95 63.56 -5.85
C ILE C 339 -55.97 65.03 -5.47
N LEU C 340 -55.68 65.93 -6.40
CA LEU C 340 -55.79 67.35 -6.10
C LEU C 340 -57.24 67.77 -5.89
N SER C 341 -58.15 67.22 -6.70
CA SER C 341 -59.57 67.49 -6.50
C SER C 341 -60.04 66.96 -5.16
N GLU C 342 -59.55 65.77 -4.77
CA GLU C 342 -59.91 65.20 -3.48
C GLU C 342 -59.33 66.00 -2.33
N ALA C 343 -58.14 66.57 -2.51
CA ALA C 343 -57.49 67.38 -1.50
C ALA C 343 -57.87 68.85 -1.58
N GLY C 344 -58.62 69.25 -2.62
CA GLY C 344 -59.06 70.61 -2.74
C GLY C 344 -57.97 71.60 -3.11
N GLU C 345 -56.94 71.17 -3.84
CA GLU C 345 -55.86 72.05 -4.25
C GLU C 345 -55.64 72.03 -5.76
N THR C 346 -56.70 71.71 -6.52
CA THR C 346 -56.61 71.74 -7.97
C THR C 346 -56.43 73.16 -8.50
N GLN C 347 -56.62 74.17 -7.66
CA GLN C 347 -56.52 75.56 -8.10
C GLN C 347 -55.10 75.92 -8.54
N ARG C 348 -54.11 75.09 -8.23
CA ARG C 348 -52.72 75.37 -8.58
C ARG C 348 -52.29 74.66 -9.86
N ILE C 349 -53.22 74.05 -10.61
CA ILE C 349 -52.85 73.28 -11.79
C ILE C 349 -53.68 73.61 -13.02
N VAL C 350 -54.79 74.34 -12.90
CA VAL C 350 -55.61 74.64 -14.07
C VAL C 350 -54.87 75.50 -15.08
N HIS C 351 -53.84 76.23 -14.65
CA HIS C 351 -53.14 77.19 -15.50
C HIS C 351 -51.90 76.59 -16.17
N ILE C 352 -51.93 75.31 -16.51
CA ILE C 352 -50.88 74.67 -17.32
C ILE C 352 -51.54 73.96 -18.49
N ASN C 353 -50.98 74.13 -19.69
CA ASN C 353 -51.55 73.56 -20.90
C ASN C 353 -50.86 72.25 -21.26
N LYS C 354 -51.66 71.21 -21.50
CA LYS C 354 -51.13 69.86 -21.68
C LYS C 354 -50.47 69.65 -23.04
N SER C 355 -51.01 70.28 -24.10
CA SER C 355 -50.40 70.13 -25.42
C SER C 355 -49.00 70.71 -25.45
N ILE C 356 -48.80 71.86 -24.80
CA ILE C 356 -47.46 72.41 -24.64
C ILE C 356 -46.58 71.40 -23.91
N ILE C 357 -47.14 70.74 -22.90
CA ILE C 357 -46.39 69.74 -22.14
C ILE C 357 -45.90 68.63 -23.06
N GLN C 358 -46.79 68.07 -23.88
CA GLN C 358 -46.39 66.95 -24.73
C GLN C 358 -45.41 67.38 -25.83
N THR C 359 -45.60 68.57 -26.40
CA THR C 359 -44.66 69.03 -27.42
C THR C 359 -43.27 69.22 -26.83
N MET C 360 -43.19 69.83 -25.64
CA MET C 360 -41.92 69.92 -24.93
C MET C 360 -41.38 68.54 -24.59
N VAL C 361 -42.24 67.58 -24.28
CA VAL C 361 -41.76 66.23 -24.01
C VAL C 361 -41.03 65.69 -25.23
N ASN C 362 -41.63 65.85 -26.40
CA ASN C 362 -40.98 65.37 -27.63
C ASN C 362 -39.63 66.07 -27.84
N ILE C 363 -39.62 67.39 -27.70
CA ILE C 363 -38.43 68.17 -28.05
C ILE C 363 -37.30 67.88 -27.05
N LEU C 364 -37.62 67.92 -25.77
CA LEU C 364 -36.67 67.61 -24.72
C LEU C 364 -36.26 66.14 -24.73
N ASP C 365 -37.09 65.24 -25.24
CA ASP C 365 -36.67 63.87 -25.45
C ASP C 365 -35.63 63.77 -26.56
N GLY C 366 -35.81 64.58 -27.61
CA GLY C 366 -34.76 64.64 -28.63
C GLY C 366 -33.43 65.07 -28.03
N PHE C 367 -33.43 66.12 -27.22
CA PHE C 367 -32.15 66.46 -26.58
C PHE C 367 -31.72 65.43 -25.54
N GLU C 368 -32.65 64.68 -24.96
CA GLU C 368 -32.23 63.60 -24.08
C GLU C 368 -31.46 62.55 -24.84
N ARG C 369 -31.93 62.21 -26.04
CA ARG C 369 -31.16 61.33 -26.92
C ARG C 369 -29.80 61.93 -27.21
N ILE C 370 -29.75 63.24 -27.46
CA ILE C 370 -28.47 63.87 -27.77
C ILE C 370 -27.51 63.77 -26.60
N PHE C 371 -27.98 64.07 -25.38
CA PHE C 371 -27.13 63.96 -24.21
C PHE C 371 -26.64 62.53 -24.00
N LYS C 372 -27.54 61.55 -24.10
CA LYS C 372 -27.12 60.17 -23.85
C LYS C 372 -26.13 59.71 -24.92
N GLU C 373 -26.27 60.21 -26.15
CA GLU C 373 -25.31 59.88 -27.19
C GLU C 373 -23.95 60.50 -26.89
N LEU C 374 -23.93 61.78 -26.52
CA LEU C 374 -22.68 62.46 -26.22
C LEU C 374 -22.02 61.95 -24.97
N GLN C 375 -22.77 61.37 -24.04
CA GLN C 375 -22.29 61.01 -22.71
C GLN C 375 -21.64 59.65 -22.67
N THR C 376 -21.20 59.13 -23.81
CA THR C 376 -20.62 57.80 -23.85
C THR C 376 -19.13 57.90 -23.53
N CYS C 377 -18.71 57.21 -22.47
CA CYS C 377 -17.33 57.20 -22.03
C CYS C 377 -16.68 55.83 -22.15
N SER C 378 -17.42 54.76 -21.83
CA SER C 378 -16.97 53.42 -22.16
C SER C 378 -16.82 53.22 -23.65
N SER C 379 -17.21 54.20 -24.46
CA SER C 379 -17.02 54.20 -25.90
C SER C 379 -16.90 55.65 -26.35
N PRO C 380 -15.99 55.96 -27.26
CA PRO C 380 -15.84 57.36 -27.69
C PRO C 380 -17.08 57.88 -28.39
N SER C 381 -17.36 59.17 -28.17
CA SER C 381 -18.52 59.83 -28.77
C SER C 381 -18.20 61.17 -29.42
N LEU C 382 -16.93 61.51 -29.61
CA LEU C 382 -16.55 62.82 -30.14
C LEU C 382 -16.71 62.94 -31.64
N CYS C 383 -17.07 61.85 -32.33
CA CYS C 383 -17.15 61.90 -33.79
C CYS C 383 -18.43 62.56 -34.29
N PHE C 384 -19.41 62.81 -33.43
CA PHE C 384 -20.71 63.30 -33.85
C PHE C 384 -20.95 64.74 -33.37
N VAL C 385 -19.92 65.59 -33.43
CA VAL C 385 -20.01 66.90 -32.81
C VAL C 385 -20.91 67.82 -33.63
N VAL C 386 -20.49 68.15 -34.85
CA VAL C 386 -21.29 69.04 -35.70
C VAL C 386 -22.63 68.42 -36.07
N PRO C 387 -22.71 67.16 -36.49
CA PRO C 387 -24.03 66.60 -36.83
C PRO C 387 -25.00 66.61 -35.66
N SER C 388 -24.50 66.57 -34.42
CA SER C 388 -25.39 66.79 -33.28
C SER C 388 -25.98 68.19 -33.31
N ILE C 389 -25.15 69.18 -33.67
CA ILE C 389 -25.63 70.55 -33.82
C ILE C 389 -26.70 70.60 -34.90
N LEU C 390 -26.49 69.88 -36.00
CA LEU C 390 -27.49 69.84 -37.06
C LEU C 390 -28.77 69.17 -36.59
N LYS C 391 -28.66 68.10 -35.79
CA LYS C 391 -29.83 67.48 -35.19
C LYS C 391 -30.61 68.48 -34.36
N VAL C 392 -29.89 69.25 -33.54
CA VAL C 392 -30.55 70.26 -32.70
C VAL C 392 -31.24 71.30 -33.56
N LYS C 393 -30.57 71.74 -34.63
CA LYS C 393 -31.16 72.70 -35.53
C LYS C 393 -32.43 72.16 -36.17
N GLU C 394 -32.43 70.89 -36.56
CA GLU C 394 -33.61 70.33 -37.20
C GLU C 394 -34.76 70.16 -36.23
N ILE C 395 -34.48 69.64 -35.03
CA ILE C 395 -35.55 69.45 -34.05
C ILE C 395 -36.10 70.80 -33.58
N CYS C 396 -35.26 71.83 -33.52
CA CYS C 396 -35.69 73.17 -33.14
C CYS C 396 -35.87 74.07 -34.36
N SER C 397 -36.02 73.49 -35.55
CA SER C 397 -36.21 74.28 -36.75
C SER C 397 -37.53 75.07 -36.65
N PRO C 398 -37.56 76.28 -37.17
CA PRO C 398 -38.78 77.11 -37.09
C PRO C 398 -39.95 76.46 -37.81
N ASP C 399 -41.14 76.66 -37.25
CA ASP C 399 -42.36 76.11 -37.81
C ASP C 399 -43.52 77.02 -37.43
N VAL C 400 -44.62 76.90 -38.19
CA VAL C 400 -45.80 77.72 -37.94
C VAL C 400 -46.78 77.04 -36.98
N GLY C 401 -46.67 75.73 -36.79
CA GLY C 401 -47.55 75.02 -35.89
C GLY C 401 -47.19 75.19 -34.43
N ASP C 402 -46.63 76.34 -34.09
CA ASP C 402 -46.22 76.67 -32.74
C ASP C 402 -46.93 77.92 -32.27
N VAL C 403 -47.38 77.91 -31.01
CA VAL C 403 -48.00 79.08 -30.42
C VAL C 403 -46.89 80.06 -30.06
N ALA C 404 -47.24 81.31 -29.76
CA ALA C 404 -46.25 82.37 -29.62
C ALA C 404 -45.13 82.01 -28.67
N ASP C 405 -45.49 81.41 -27.52
CA ASP C 405 -44.47 81.02 -26.55
C ASP C 405 -43.53 79.97 -27.14
N ILE C 406 -44.08 79.01 -27.87
CA ILE C 406 -43.25 77.94 -28.43
C ILE C 406 -42.31 78.48 -29.50
N ALA C 407 -42.82 79.32 -30.39
CA ALA C 407 -41.96 79.91 -31.41
C ALA C 407 -40.87 80.78 -30.81
N LYS C 408 -41.24 81.61 -29.83
CA LYS C 408 -40.25 82.45 -29.17
C LYS C 408 -39.20 81.61 -28.45
N LEU C 409 -39.62 80.52 -27.82
CA LEU C 409 -38.67 79.62 -27.17
C LEU C 409 -37.73 78.99 -28.19
N LYS C 410 -38.26 78.59 -29.35
CA LYS C 410 -37.40 78.03 -30.39
C LYS C 410 -36.36 79.03 -30.84
N VAL C 411 -36.77 80.28 -31.02
CA VAL C 411 -35.83 81.33 -31.41
C VAL C 411 -34.77 81.53 -30.34
N ASN C 412 -35.18 81.57 -29.08
CA ASN C 412 -34.21 81.77 -27.99
C ASN C 412 -33.21 80.62 -27.92
N ILE C 413 -33.70 79.40 -28.08
CA ILE C 413 -32.82 78.24 -28.03
C ILE C 413 -31.82 78.26 -29.18
N ILE C 414 -32.28 78.53 -30.40
CA ILE C 414 -31.34 78.55 -31.53
C ILE C 414 -30.34 79.70 -31.38
N LYS C 415 -30.79 80.81 -30.80
CA LYS C 415 -29.89 81.93 -30.51
C LYS C 415 -28.78 81.49 -29.56
N ASN C 416 -29.15 80.83 -28.46
CA ASN C 416 -28.15 80.37 -27.50
C ASN C 416 -27.24 79.32 -28.13
N VAL C 417 -27.82 78.45 -28.95
CA VAL C 417 -27.07 77.43 -29.67
C VAL C 417 -25.96 78.08 -30.49
N ARG C 418 -26.32 79.12 -31.23
CA ARG C 418 -25.34 79.89 -31.97
C ARG C 418 -24.26 80.46 -31.04
N ILE C 419 -24.69 81.36 -30.14
CA ILE C 419 -23.78 82.10 -29.26
C ILE C 419 -22.83 81.21 -28.48
N ILE C 420 -23.19 79.96 -28.25
CA ILE C 420 -22.35 79.02 -27.52
C ILE C 420 -21.45 78.23 -28.48
N TRP C 421 -22.03 77.60 -29.50
CA TRP C 421 -21.29 76.63 -30.29
C TRP C 421 -20.29 77.27 -31.25
N GLU C 422 -20.68 78.30 -32.02
CA GLU C 422 -19.58 78.70 -32.91
C GLU C 422 -18.53 79.55 -32.19
N GLU C 423 -18.59 79.63 -30.86
CA GLU C 423 -17.65 80.41 -30.07
C GLU C 423 -16.77 79.53 -29.19
N ASN C 424 -17.34 78.50 -28.57
CA ASN C 424 -16.55 77.61 -27.73
C ASN C 424 -16.17 76.32 -28.42
N LEU C 425 -16.50 76.15 -29.70
CA LEU C 425 -15.97 75.02 -30.45
C LEU C 425 -14.51 75.28 -30.79
N SER C 426 -13.83 74.21 -31.19
CA SER C 426 -12.41 74.27 -31.52
C SER C 426 -12.15 73.52 -32.83
N ILE C 427 -10.97 73.81 -33.40
CA ILE C 427 -10.57 73.08 -34.60
C ILE C 427 -10.30 71.63 -34.26
N TRP C 428 -9.99 71.32 -32.99
CA TRP C 428 -9.91 69.94 -32.56
C TRP C 428 -11.25 69.24 -32.74
N HIS C 429 -12.35 69.93 -32.44
CA HIS C 429 -13.68 69.38 -32.66
C HIS C 429 -13.91 69.09 -34.14
N TYR C 430 -13.48 70.03 -35.00
CA TYR C 430 -13.66 69.85 -36.45
C TYR C 430 -12.84 68.68 -36.96
N THR C 431 -11.62 68.52 -36.48
CA THR C 431 -10.81 67.38 -36.88
C THR C 431 -11.37 66.07 -36.35
N ALA C 432 -11.93 66.09 -35.13
CA ALA C 432 -12.55 64.89 -34.58
C ALA C 432 -13.75 64.46 -35.40
N PHE C 433 -14.57 65.43 -35.83
CA PHE C 433 -15.68 65.08 -36.71
C PHE C 433 -15.18 64.71 -38.11
N PHE C 434 -14.02 65.23 -38.52
CA PHE C 434 -13.52 65.00 -39.87
C PHE C 434 -13.26 63.52 -40.12
N PHE C 435 -12.87 62.78 -39.08
CA PHE C 435 -12.61 61.35 -39.23
C PHE C 435 -13.89 60.55 -39.47
N TYR C 436 -15.06 61.16 -39.31
CA TYR C 436 -16.33 60.46 -39.47
C TYR C 436 -16.45 59.89 -40.88
N PRO C 437 -16.67 58.58 -41.01
CA PRO C 437 -16.46 57.90 -42.30
C PRO C 437 -17.34 58.45 -43.42
N PRO C 438 -18.57 58.93 -43.14
CA PRO C 438 -19.26 59.71 -44.19
C PRO C 438 -18.63 61.08 -44.38
N ALA C 439 -17.58 61.12 -45.20
CA ALA C 439 -16.79 62.33 -45.41
C ALA C 439 -17.42 63.31 -46.38
N LEU C 440 -18.71 63.18 -46.68
CA LEU C 440 -19.38 64.08 -47.60
C LEU C 440 -19.93 65.34 -46.92
N HIS C 441 -19.94 65.39 -45.60
CA HIS C 441 -20.60 66.50 -44.91
C HIS C 441 -19.60 67.57 -44.49
N MET C 442 -18.40 67.17 -44.06
CA MET C 442 -17.37 68.14 -43.71
C MET C 442 -16.54 68.52 -44.93
N GLN C 443 -17.24 68.82 -46.04
CA GLN C 443 -16.60 69.13 -47.30
C GLN C 443 -16.38 70.62 -47.50
N GLN C 444 -16.76 71.44 -46.52
CA GLN C 444 -16.75 72.89 -46.66
C GLN C 444 -15.34 73.43 -46.52
N GLU C 445 -15.23 74.75 -46.33
CA GLU C 445 -13.92 75.42 -46.27
C GLU C 445 -13.07 74.92 -45.12
N LYS C 446 -13.69 74.24 -44.14
CA LYS C 446 -12.94 73.76 -42.98
C LYS C 446 -11.88 72.75 -43.38
N VAL C 447 -11.94 72.21 -44.59
CA VAL C 447 -10.90 71.30 -45.07
C VAL C 447 -9.54 72.00 -45.05
N ALA C 448 -9.53 73.31 -45.31
CA ALA C 448 -8.28 74.06 -45.24
C ALA C 448 -7.72 74.10 -43.83
N GLN C 449 -8.58 74.37 -42.84
CA GLN C 449 -8.12 74.47 -41.46
C GLN C 449 -7.72 73.12 -40.87
N ILE C 450 -8.48 72.07 -41.18
CA ILE C 450 -8.15 70.75 -40.63
C ILE C 450 -6.87 70.23 -41.27
N LYS C 451 -6.69 70.45 -42.58
CA LYS C 451 -5.43 70.07 -43.21
C LYS C 451 -4.29 70.93 -42.71
N GLU C 452 -4.55 72.21 -42.47
CA GLU C 452 -3.54 73.09 -41.89
C GLU C 452 -3.11 72.60 -40.52
N PHE C 453 -4.10 72.24 -39.67
CA PHE C 453 -3.77 71.80 -38.32
C PHE C 453 -3.19 70.40 -38.32
N CYS C 454 -3.77 69.49 -39.12
CA CYS C 454 -3.30 68.11 -39.10
C CYS C 454 -1.88 67.99 -39.62
N LEU C 455 -1.46 68.88 -40.51
CA LEU C 455 -0.07 68.85 -40.99
C LEU C 455 0.89 69.04 -39.83
N SER C 456 0.64 70.02 -38.97
CA SER C 456 1.43 70.17 -37.77
C SER C 456 1.12 69.04 -36.78
N LYS C 457 -0.09 68.47 -36.85
CA LYS C 457 -0.46 67.33 -36.03
C LYS C 457 -0.03 66.01 -36.64
N MET C 458 0.53 66.01 -37.85
CA MET C 458 0.98 64.79 -38.50
C MET C 458 2.47 64.53 -38.27
N GLU C 459 3.27 65.61 -38.17
CA GLU C 459 4.70 65.46 -37.98
C GLU C 459 5.04 64.91 -36.60
N ASP C 460 4.30 65.33 -35.58
CA ASP C 460 4.70 65.03 -34.21
C ASP C 460 4.66 63.55 -33.90
N LEU C 461 3.67 62.82 -34.41
CA LEU C 461 3.59 61.38 -34.16
C LEU C 461 4.85 60.67 -34.63
N GLU C 462 5.35 61.05 -35.80
CA GLU C 462 6.63 60.52 -36.27
C GLU C 462 7.78 61.03 -35.42
N LEU C 463 7.70 62.29 -34.96
CA LEU C 463 8.71 62.80 -34.04
C LEU C 463 8.57 62.14 -32.67
N ILE C 464 7.35 61.83 -32.26
CA ILE C 464 7.11 61.13 -31.00
C ILE C 464 7.40 59.64 -31.18
N PRO C 517 4.78 56.47 -51.94
CA PRO C 517 3.37 56.16 -51.68
C PRO C 517 2.93 56.59 -50.28
N VAL C 518 1.65 56.34 -49.96
CA VAL C 518 1.01 56.64 -48.67
C VAL C 518 1.45 57.99 -48.13
N CYS C 519 1.64 58.96 -49.04
CA CYS C 519 2.02 60.30 -48.63
C CYS C 519 0.87 60.97 -47.86
N PRO C 520 1.19 61.91 -46.97
CA PRO C 520 0.11 62.54 -46.19
C PRO C 520 -0.95 63.22 -47.04
N SER C 521 -0.55 63.91 -48.10
CA SER C 521 -1.53 64.58 -48.96
C SER C 521 -2.43 63.58 -49.66
N ASP C 522 -1.86 62.50 -50.20
CA ASP C 522 -2.63 61.44 -50.85
C ASP C 522 -3.51 60.69 -49.85
N GLU C 523 -2.96 60.39 -48.67
CA GLU C 523 -3.75 59.70 -47.66
C GLU C 523 -4.93 60.55 -47.21
N PHE C 524 -4.74 61.87 -47.19
CA PHE C 524 -5.83 62.79 -46.80
C PHE C 524 -7.00 62.67 -47.77
N GLU C 525 -6.74 62.82 -49.06
CA GLU C 525 -7.80 62.73 -50.05
C GLU C 525 -8.38 61.33 -50.14
N PHE C 526 -7.56 60.31 -49.88
CA PHE C 526 -8.07 58.95 -49.91
C PHE C 526 -9.02 58.69 -48.75
N TYR C 527 -8.70 59.20 -47.55
CA TYR C 527 -9.59 59.01 -46.41
C TYR C 527 -10.84 59.87 -46.53
N ARG C 528 -10.73 61.02 -47.20
CA ARG C 528 -11.92 61.84 -47.43
C ARG C 528 -12.77 61.32 -48.59
N LYS C 529 -12.21 60.48 -49.46
CA LYS C 529 -12.97 59.93 -50.57
C LYS C 529 -13.87 58.76 -50.18
N GLU C 530 -13.50 57.99 -49.16
CA GLU C 530 -14.20 56.76 -48.84
C GLU C 530 -15.68 56.99 -48.52
N ILE C 531 -16.52 56.09 -49.00
CA ILE C 531 -17.95 56.07 -48.69
C ILE C 531 -18.22 54.84 -47.84
N VAL C 532 -18.66 55.06 -46.60
CA VAL C 532 -18.85 54.00 -45.62
C VAL C 532 -20.31 53.98 -45.20
N ILE C 533 -20.89 52.79 -45.17
CA ILE C 533 -22.31 52.63 -44.88
C ILE C 533 -22.55 52.76 -43.39
N LEU C 534 -23.71 53.33 -43.04
CA LEU C 534 -24.14 53.45 -41.65
C LEU C 534 -25.22 52.41 -41.37
N SER C 535 -24.78 51.24 -40.92
CA SER C 535 -25.72 50.30 -40.32
C SER C 535 -26.27 50.89 -39.02
N GLU C 536 -27.51 50.53 -38.68
CA GLU C 536 -28.15 51.18 -37.55
C GLU C 536 -27.51 50.82 -36.22
N ASP C 537 -26.62 49.82 -36.20
CA ASP C 537 -25.83 49.50 -35.03
C ASP C 537 -24.34 49.75 -35.24
N PHE C 538 -24.00 50.61 -36.20
CA PHE C 538 -22.59 50.91 -36.49
C PHE C 538 -21.95 51.60 -35.30
N LYS C 539 -20.70 51.23 -35.01
CA LYS C 539 -20.03 51.65 -33.79
C LYS C 539 -18.69 52.29 -34.09
N VAL C 540 -18.21 53.05 -33.09
CA VAL C 540 -16.91 53.72 -33.20
C VAL C 540 -15.75 52.78 -32.85
N MET C 541 -15.99 51.73 -32.07
CA MET C 541 -14.95 50.75 -31.74
C MET C 541 -14.30 50.09 -32.94
N GLU C 542 -15.06 49.25 -33.64
CA GLU C 542 -14.45 48.22 -34.48
C GLU C 542 -14.11 48.68 -35.89
N TRP C 543 -14.83 49.67 -36.43
CA TRP C 543 -14.58 50.08 -37.81
C TRP C 543 -13.15 50.56 -38.00
N TRP C 544 -12.68 51.47 -37.15
CA TRP C 544 -11.33 51.96 -37.33
C TRP C 544 -10.30 50.95 -36.86
N ASN C 545 -10.62 50.17 -35.82
CA ASN C 545 -9.70 49.11 -35.39
C ASN C 545 -9.43 48.12 -36.51
N LEU C 546 -10.42 47.85 -37.36
CA LEU C 546 -10.19 47.02 -38.53
C LEU C 546 -9.65 47.80 -39.72
N ASN C 547 -9.85 49.12 -39.75
CA ASN C 547 -9.34 49.95 -40.82
C ASN C 547 -7.92 50.44 -40.54
N SER C 548 -7.30 49.95 -39.45
CA SER C 548 -5.98 50.42 -39.07
C SER C 548 -4.90 50.02 -40.08
N LYS C 549 -5.12 48.95 -40.85
CA LYS C 549 -4.06 48.43 -41.71
C LYS C 549 -3.74 49.38 -42.86
N LYS C 550 -4.78 49.92 -43.50
CA LYS C 550 -4.55 50.86 -44.60
C LYS C 550 -3.91 52.14 -44.10
N TYR C 551 -4.14 52.50 -42.85
CA TYR C 551 -3.72 53.78 -42.30
C TYR C 551 -2.62 53.56 -41.28
N PRO C 552 -1.34 53.72 -41.65
CA PRO C 552 -0.27 53.24 -40.77
C PRO C 552 0.03 54.15 -39.58
N LYS C 553 -0.03 55.45 -39.76
CA LYS C 553 0.42 56.39 -38.74
C LYS C 553 -0.68 57.30 -38.23
N LEU C 554 -1.65 57.66 -39.07
CA LEU C 554 -2.81 58.40 -38.61
C LEU C 554 -3.69 57.55 -37.68
N SER C 555 -3.49 56.23 -37.71
CA SER C 555 -4.28 55.34 -36.86
C SER C 555 -4.07 55.65 -35.38
N LYS C 556 -2.82 55.87 -34.98
CA LYS C 556 -2.57 56.23 -33.59
C LYS C 556 -3.12 57.60 -33.26
N LEU C 557 -3.14 58.51 -34.23
CA LEU C 557 -3.82 59.80 -34.04
C LEU C 557 -5.29 59.58 -33.72
N ALA C 558 -5.94 58.68 -34.45
CA ALA C 558 -7.33 58.34 -34.15
C ALA C 558 -7.46 57.71 -32.77
N LEU C 559 -6.55 56.80 -32.43
CA LEU C 559 -6.66 56.08 -31.16
C LEU C 559 -6.54 57.04 -29.98
N SER C 560 -5.59 57.97 -30.04
CA SER C 560 -5.55 59.03 -29.04
C SER C 560 -6.80 59.87 -29.10
N LEU C 561 -7.31 60.09 -30.31
CA LEU C 561 -8.58 60.81 -30.48
C LEU C 561 -9.76 60.05 -29.89
N LEU C 562 -9.68 58.72 -29.81
CA LEU C 562 -10.80 57.93 -29.31
C LEU C 562 -10.77 57.73 -27.80
N SER C 563 -9.60 57.88 -27.18
CA SER C 563 -9.51 57.72 -25.73
C SER C 563 -10.02 58.94 -24.98
N ILE C 564 -10.38 60.01 -25.69
CA ILE C 564 -10.90 61.24 -25.08
C ILE C 564 -12.42 61.24 -25.26
N PRO C 565 -13.19 61.25 -24.18
CA PRO C 565 -14.65 61.26 -24.31
C PRO C 565 -15.16 62.66 -24.65
N ALA C 566 -16.47 62.72 -24.91
CA ALA C 566 -17.12 63.99 -25.16
C ALA C 566 -17.52 64.70 -23.87
N SER C 567 -17.36 64.05 -22.72
CA SER C 567 -17.71 64.68 -21.45
C SER C 567 -16.91 64.01 -20.34
N SER C 568 -17.12 64.49 -19.12
CA SER C 568 -16.30 64.14 -17.96
C SER C 568 -16.97 63.15 -17.03
N ALA C 569 -17.66 62.15 -17.57
CA ALA C 569 -18.35 61.18 -16.73
C ALA C 569 -17.43 60.37 -15.83
N ALA C 570 -16.13 60.32 -16.14
CA ALA C 570 -15.19 59.60 -15.29
C ALA C 570 -15.21 60.17 -13.88
N SER C 571 -15.15 61.50 -13.76
CA SER C 571 -15.12 62.12 -12.44
C SER C 571 -16.37 61.79 -11.65
N GLU C 572 -17.54 61.85 -12.29
CA GLU C 572 -18.77 61.63 -11.55
C GLU C 572 -18.93 60.16 -11.14
N ARG C 573 -18.55 59.22 -12.01
CA ARG C 573 -18.65 57.83 -11.59
C ARG C 573 -17.63 57.50 -10.51
N THR C 574 -16.44 58.09 -10.58
CA THR C 574 -15.49 57.88 -9.50
C THR C 574 -15.98 58.47 -8.21
N PHE C 575 -16.66 59.62 -8.27
CA PHE C 575 -17.23 60.19 -7.06
C PHE C 575 -18.40 59.38 -6.54
N SER C 576 -19.12 58.70 -7.45
CA SER C 576 -20.10 57.72 -7.01
C SER C 576 -19.43 56.61 -6.22
N LEU C 577 -18.33 56.08 -6.75
CA LEU C 577 -17.61 55.03 -6.04
C LEU C 577 -17.12 55.53 -4.69
N ALA C 578 -16.56 56.73 -4.65
CA ALA C 578 -16.10 57.30 -3.39
C ALA C 578 -17.23 57.43 -2.39
N GLY C 579 -18.34 58.06 -2.81
CA GLY C 579 -19.46 58.23 -1.92
C GLY C 579 -20.01 56.91 -1.40
N ASN C 580 -19.97 55.88 -2.24
CA ASN C 580 -20.32 54.55 -1.74
C ASN C 580 -19.32 54.11 -0.67
N ILE C 581 -18.03 54.35 -0.89
CA ILE C 581 -17.03 53.92 0.08
C ILE C 581 -17.17 54.70 1.38
N ILE C 582 -16.99 56.01 1.33
CA ILE C 582 -17.06 56.85 2.53
C ILE C 582 -18.51 57.05 2.91
N THR C 583 -18.87 56.64 4.13
CA THR C 583 -20.23 56.75 4.62
C THR C 583 -20.18 57.26 6.05
N GLU C 584 -21.37 57.43 6.64
CA GLU C 584 -21.46 57.83 8.04
C GLU C 584 -20.81 56.80 8.94
N LYS C 585 -20.98 55.53 8.59
CA LYS C 585 -20.44 54.40 9.33
C LYS C 585 -18.92 54.42 9.41
N ARG C 586 -18.25 55.17 8.54
CA ARG C 586 -16.79 55.08 8.41
C ARG C 586 -16.18 56.48 8.40
N ASN C 587 -16.60 57.34 9.32
CA ASN C 587 -16.12 58.72 9.30
C ASN C 587 -14.66 58.86 9.72
N ARG C 588 -14.11 57.88 10.43
CA ARG C 588 -12.75 57.98 10.98
C ARG C 588 -11.74 57.30 10.08
N ILE C 589 -11.94 57.37 8.76
CA ILE C 589 -11.04 56.73 7.83
C ILE C 589 -9.83 57.63 7.58
N GLY C 590 -8.72 57.02 7.15
CA GLY C 590 -7.56 57.74 6.70
C GLY C 590 -7.60 57.88 5.19
N GLN C 591 -7.43 59.12 4.72
CA GLN C 591 -7.57 59.40 3.30
C GLN C 591 -6.61 58.58 2.45
N GLN C 592 -5.42 58.28 2.98
CA GLN C 592 -4.46 57.48 2.22
C GLN C 592 -5.02 56.09 1.97
N THR C 593 -5.68 55.51 2.97
CA THR C 593 -6.36 54.24 2.79
C THR C 593 -7.45 54.35 1.74
N VAL C 594 -8.16 55.49 1.72
CA VAL C 594 -9.17 55.71 0.70
C VAL C 594 -8.54 55.67 -0.68
N ASP C 595 -7.41 56.34 -0.84
CA ASP C 595 -6.68 56.29 -2.12
C ASP C 595 -6.33 54.85 -2.47
N SER C 596 -5.83 54.09 -1.50
CA SER C 596 -5.47 52.70 -1.76
C SER C 596 -6.68 51.92 -2.26
N LEU C 597 -7.79 51.98 -1.52
CA LEU C 597 -8.99 51.25 -1.90
C LEU C 597 -9.44 51.63 -3.30
N LEU C 598 -9.51 52.93 -3.59
CA LEU C 598 -10.03 53.34 -4.89
C LEU C 598 -9.14 52.87 -6.02
N PHE C 599 -7.83 53.06 -5.91
CA PHE C 599 -6.98 52.66 -7.01
C PHE C 599 -6.96 51.15 -7.18
N LEU C 600 -6.95 50.40 -6.08
CA LEU C 600 -6.91 48.95 -6.21
C LEU C 600 -8.21 48.42 -6.79
N ASN C 601 -9.35 49.01 -6.43
CA ASN C 601 -10.59 48.60 -7.08
C ASN C 601 -10.56 48.91 -8.57
N SER C 602 -9.99 50.07 -8.94
CA SER C 602 -9.83 50.39 -10.35
C SER C 602 -8.98 49.33 -11.05
N PHE C 603 -7.87 48.95 -10.43
CA PHE C 603 -6.98 47.96 -11.02
C PHE C 603 -7.69 46.64 -11.21
N TYR C 604 -8.43 46.20 -10.19
CA TYR C 604 -9.12 44.92 -10.28
C TYR C 604 -10.20 44.95 -11.37
N LYS C 605 -10.92 46.06 -11.46
CA LYS C 605 -11.89 46.19 -12.55
C LYS C 605 -11.20 46.26 -13.91
N ASN C 606 -9.92 46.64 -13.94
CA ASN C 606 -9.20 46.82 -15.19
C ASN C 606 -8.39 45.61 -15.61
N PHE C 607 -7.72 44.93 -14.68
CA PHE C 607 -6.79 43.87 -15.00
C PHE C 607 -7.26 42.52 -14.47
N CYS C 608 -8.55 42.23 -14.66
CA CYS C 608 -9.11 40.92 -14.32
C CYS C 608 -9.99 40.47 -15.47
N LYS C 609 -10.15 39.15 -15.61
CA LYS C 609 -11.01 38.60 -16.64
C LYS C 609 -12.42 38.32 -16.09
N ARG D 81 -9.93 18.50 19.48
CA ARG D 81 -10.13 19.61 20.41
C ARG D 81 -8.86 20.44 20.46
N GLU D 82 -7.72 19.79 20.23
CA GLU D 82 -6.46 20.48 20.02
C GLU D 82 -6.41 20.93 18.57
N LEU D 83 -6.41 22.25 18.35
CA LEU D 83 -6.59 22.79 17.02
C LEU D 83 -5.25 22.86 16.28
N LYS D 84 -5.17 22.17 15.15
CA LYS D 84 -3.97 22.17 14.31
C LYS D 84 -3.75 23.55 13.69
N THR D 85 -2.50 23.85 13.41
CA THR D 85 -2.10 25.17 12.90
C THR D 85 -1.32 24.99 11.61
N VAL D 86 -1.40 26.01 10.75
CA VAL D 86 -0.83 25.96 9.42
C VAL D 86 0.44 26.80 9.42
N SER D 87 1.20 26.71 8.32
CA SER D 87 2.41 27.49 8.16
C SER D 87 2.08 28.98 8.07
N ALA D 88 3.05 29.80 8.48
CA ALA D 88 2.86 31.25 8.48
C ALA D 88 2.62 31.76 7.06
N ASP D 89 3.36 31.25 6.09
CA ASP D 89 3.18 31.65 4.70
C ASP D 89 1.75 31.42 4.24
N CYS D 90 1.14 30.31 4.68
CA CYS D 90 -0.25 30.04 4.33
C CYS D 90 -1.17 31.14 4.82
N LYS D 91 -1.01 31.55 6.08
CA LYS D 91 -1.80 32.67 6.56
C LYS D 91 -1.43 33.97 5.85
N LYS D 92 -0.21 34.06 5.31
CA LYS D 92 0.12 35.24 4.51
C LYS D 92 -0.69 35.30 3.22
N GLU D 93 -0.80 34.20 2.49
CA GLU D 93 -1.69 34.30 1.33
C GLU D 93 -3.13 34.44 1.78
N ALA D 94 -3.48 33.91 2.96
CA ALA D 94 -4.83 34.07 3.48
C ALA D 94 -5.16 35.55 3.70
N ILE D 95 -4.25 36.27 4.35
CA ILE D 95 -4.47 37.70 4.58
C ILE D 95 -4.45 38.46 3.26
N GLU D 96 -3.61 38.05 2.32
CA GLU D 96 -3.61 38.71 1.02
C GLU D 96 -4.97 38.57 0.32
N LYS D 97 -5.51 37.35 0.33
CA LYS D 97 -6.80 37.12 -0.28
C LYS D 97 -7.92 37.83 0.47
N CYS D 98 -7.85 37.88 1.79
CA CYS D 98 -8.87 38.61 2.55
C CYS D 98 -8.83 40.09 2.22
N ALA D 99 -7.62 40.64 2.04
CA ALA D 99 -7.51 42.02 1.61
C ALA D 99 -8.15 42.21 0.24
N GLN D 100 -7.91 41.27 -0.69
CA GLN D 100 -8.57 41.34 -1.98
C GLN D 100 -10.08 41.39 -1.82
N TRP D 101 -10.62 40.50 -1.01
CA TRP D 101 -12.06 40.44 -0.82
C TRP D 101 -12.60 41.75 -0.27
N VAL D 102 -11.96 42.28 0.77
CA VAL D 102 -12.43 43.52 1.36
C VAL D 102 -12.40 44.65 0.33
N VAL D 103 -11.30 44.77 -0.41
CA VAL D 103 -11.19 45.89 -1.32
C VAL D 103 -12.10 45.76 -2.53
N ARG D 104 -12.49 44.54 -2.89
CA ARG D 104 -13.23 44.37 -4.14
C ARG D 104 -14.68 44.86 -4.02
N ASP D 105 -15.34 44.60 -2.90
CA ASP D 105 -16.77 44.86 -2.77
C ASP D 105 -17.09 45.96 -1.76
N CYS D 106 -16.09 46.77 -1.39
CA CYS D 106 -16.29 47.91 -0.51
C CYS D 106 -16.98 47.50 0.80
N ARG D 107 -16.55 46.41 1.34
CA ARG D 107 -17.16 46.10 2.62
C ARG D 107 -16.32 46.65 3.76
N PRO D 108 -16.92 46.92 4.92
CA PRO D 108 -16.14 47.45 6.03
C PRO D 108 -15.10 46.46 6.53
N PHE D 109 -13.99 46.99 7.04
CA PHE D 109 -12.90 46.15 7.50
C PHE D 109 -13.29 45.30 8.69
N SER D 110 -14.09 45.84 9.61
CA SER D 110 -14.48 45.11 10.80
C SER D 110 -15.33 43.89 10.51
N ALA D 111 -15.90 43.79 9.30
CA ALA D 111 -16.76 42.65 8.98
C ALA D 111 -16.03 41.33 9.04
N VAL D 112 -14.70 41.34 8.92
CA VAL D 112 -13.95 40.09 8.96
C VAL D 112 -14.05 39.44 10.32
N SER D 113 -14.27 40.22 11.37
CA SER D 113 -14.44 39.71 12.73
C SER D 113 -15.89 39.37 13.04
N GLY D 114 -16.70 39.09 12.03
CA GLY D 114 -18.10 38.77 12.27
C GLY D 114 -18.24 37.47 13.05
N SER D 115 -19.20 37.47 13.97
CA SER D 115 -19.44 36.29 14.78
C SER D 115 -19.89 35.11 13.92
N GLY D 116 -20.80 35.37 12.97
CA GLY D 116 -21.18 34.35 12.02
C GLY D 116 -20.17 34.11 10.92
N PHE D 117 -19.23 35.04 10.75
CA PHE D 117 -18.18 34.84 9.76
C PHE D 117 -17.34 33.61 10.10
N ILE D 118 -16.98 33.47 11.38
CA ILE D 118 -16.19 32.31 11.80
C ILE D 118 -17.00 31.03 11.64
N ASP D 119 -18.29 31.09 11.94
CA ASP D 119 -19.16 29.94 11.69
C ASP D 119 -19.12 29.55 10.22
N MET D 120 -19.19 30.54 9.33
CA MET D 120 -19.09 30.27 7.90
C MET D 120 -17.78 29.59 7.56
N ILE D 121 -16.68 30.09 8.12
CA ILE D 121 -15.37 29.56 7.77
C ILE D 121 -15.28 28.10 8.19
N LYS D 122 -15.70 27.80 9.42
CA LYS D 122 -15.62 26.44 9.91
C LYS D 122 -16.52 25.51 9.12
N PHE D 123 -17.75 25.93 8.84
CA PHE D 123 -18.64 25.08 8.07
C PHE D 123 -18.08 24.80 6.69
N PHE D 124 -17.50 25.81 6.04
CA PHE D 124 -16.99 25.62 4.70
C PHE D 124 -15.77 24.72 4.68
N ILE D 125 -14.85 24.88 5.63
CA ILE D 125 -13.70 23.99 5.64
C ILE D 125 -14.16 22.55 5.90
N LYS D 126 -15.15 22.37 6.77
CA LYS D 126 -15.65 21.03 7.04
C LYS D 126 -16.24 20.41 5.78
N VAL D 127 -17.09 21.17 5.06
CA VAL D 127 -17.73 20.64 3.88
C VAL D 127 -16.70 20.33 2.79
N GLY D 128 -15.72 21.21 2.62
CA GLY D 128 -14.68 20.96 1.63
C GLY D 128 -13.89 19.69 1.94
N ALA D 129 -13.46 19.55 3.19
CA ALA D 129 -12.75 18.33 3.57
C ALA D 129 -13.63 17.10 3.48
N GLU D 130 -14.95 17.26 3.56
CA GLU D 130 -15.86 16.13 3.46
C GLU D 130 -16.03 15.66 2.03
N TYR D 131 -16.57 16.53 1.16
CA TYR D 131 -16.98 16.15 -0.18
C TYR D 131 -15.89 16.33 -1.22
N GLY D 132 -14.70 16.76 -0.83
CA GLY D 132 -13.65 17.04 -1.78
C GLY D 132 -13.65 18.48 -2.24
N GLU D 133 -12.54 18.88 -2.87
CA GLU D 133 -12.28 20.28 -3.18
C GLU D 133 -12.65 20.65 -4.61
N HIS D 134 -13.64 19.99 -5.18
CA HIS D 134 -14.17 20.30 -6.51
C HIS D 134 -15.67 20.52 -6.44
N VAL D 135 -16.09 21.36 -5.51
CA VAL D 135 -17.51 21.60 -5.24
C VAL D 135 -18.03 22.64 -6.23
N ASN D 136 -19.34 22.61 -6.47
CA ASN D 136 -20.00 23.55 -7.36
C ASN D 136 -20.57 24.70 -6.55
N VAL D 137 -19.79 25.78 -6.41
CA VAL D 137 -20.25 26.95 -5.67
C VAL D 137 -21.41 27.62 -6.38
N GLU D 138 -21.41 27.61 -7.72
CA GLU D 138 -22.26 28.52 -8.49
C GLU D 138 -23.73 28.30 -8.21
N GLU D 139 -24.10 27.13 -7.68
CA GLU D 139 -25.44 26.92 -7.15
C GLU D 139 -25.44 26.65 -5.66
N LEU D 140 -24.29 26.26 -5.09
CA LEU D 140 -24.19 26.08 -3.65
C LEU D 140 -24.54 27.36 -2.91
N LEU D 141 -24.26 28.50 -3.52
CA LEU D 141 -24.50 29.77 -2.85
C LEU D 141 -25.89 30.28 -3.21
N PRO D 142 -26.80 30.38 -2.25
CA PRO D 142 -28.18 30.75 -2.57
C PRO D 142 -28.28 32.18 -3.09
N SER D 143 -29.28 32.41 -3.93
CA SER D 143 -29.57 33.74 -4.39
C SER D 143 -30.04 34.61 -3.22
N PRO D 144 -29.76 35.90 -3.25
CA PRO D 144 -30.20 36.78 -2.15
C PRO D 144 -31.70 36.75 -1.93
N ILE D 145 -32.49 36.62 -3.00
CA ILE D 145 -33.94 36.51 -2.83
C ILE D 145 -34.28 35.27 -2.02
N THR D 146 -33.55 34.18 -2.25
CA THR D 146 -33.75 32.98 -1.45
C THR D 146 -33.37 33.23 0.00
N LEU D 147 -32.32 34.03 0.24
CA LEU D 147 -31.99 34.42 1.60
C LEU D 147 -33.16 35.11 2.26
N SER D 148 -33.77 36.07 1.56
CA SER D 148 -34.90 36.80 2.11
C SER D 148 -36.05 35.85 2.39
N ARG D 149 -36.33 34.94 1.47
CA ARG D 149 -37.42 33.99 1.65
C ARG D 149 -37.18 33.12 2.88
N LYS D 150 -35.96 32.62 3.03
CA LYS D 150 -35.64 31.75 4.16
C LYS D 150 -35.76 32.51 5.48
N VAL D 151 -35.28 33.76 5.51
CA VAL D 151 -35.40 34.55 6.73
C VAL D 151 -36.87 34.78 7.06
N THR D 152 -37.68 35.09 6.04
CA THR D 152 -39.09 35.33 6.28
C THR D 152 -39.77 34.09 6.83
N SER D 153 -39.45 32.92 6.27
CA SER D 153 -40.00 31.68 6.78
C SER D 153 -39.55 31.43 8.22
N ASP D 154 -38.26 31.62 8.49
CA ASP D 154 -37.72 31.32 9.80
C ASP D 154 -38.26 32.27 10.85
N ALA D 155 -38.65 33.47 10.47
CA ALA D 155 -39.24 34.39 11.43
C ALA D 155 -40.53 33.81 12.00
N LYS D 156 -41.45 33.41 11.12
CA LYS D 156 -42.67 32.78 11.57
C LYS D 156 -42.38 31.50 12.32
N GLU D 157 -41.42 30.71 11.82
CA GLU D 157 -41.07 29.46 12.49
C GLU D 157 -40.67 29.70 13.93
N LYS D 158 -39.71 30.61 14.16
CA LYS D 158 -39.16 30.77 15.50
C LYS D 158 -40.14 31.48 16.43
N LYS D 159 -40.91 32.44 15.91
CA LYS D 159 -41.91 33.06 16.77
C LYS D 159 -42.96 32.04 17.19
N ALA D 160 -43.33 31.13 16.27
CA ALA D 160 -44.23 30.06 16.64
C ALA D 160 -43.62 29.16 17.70
N LEU D 161 -42.33 28.84 17.55
CA LEU D 161 -41.66 27.97 18.52
C LEU D 161 -41.65 28.59 19.91
N ILE D 162 -41.40 29.90 19.99
CA ILE D 162 -41.20 30.54 21.29
C ILE D 162 -42.46 31.19 21.84
N SER D 163 -43.58 31.12 21.12
CA SER D 163 -44.82 31.69 21.64
C SER D 163 -45.21 31.08 22.98
N ARG D 164 -45.05 29.76 23.12
CA ARG D 164 -45.42 29.11 24.38
C ARG D 164 -44.51 29.56 25.52
N GLU D 165 -43.22 29.72 25.24
CA GLU D 165 -42.31 30.26 26.25
C GLU D 165 -42.72 31.66 26.64
N ILE D 166 -43.14 32.47 25.67
CA ILE D 166 -43.59 33.83 25.95
C ILE D 166 -44.80 33.79 26.88
N LYS D 167 -45.76 32.92 26.58
CA LYS D 167 -46.97 32.84 27.39
C LYS D 167 -46.64 32.38 28.81
N SER D 168 -45.75 31.39 28.93
CA SER D 168 -45.34 30.92 30.25
C SER D 168 -44.66 32.03 31.04
N ALA D 169 -43.83 32.83 30.37
CA ALA D 169 -43.17 33.94 31.06
C ALA D 169 -44.17 34.97 31.53
N VAL D 170 -45.08 35.38 30.64
CA VAL D 170 -45.99 36.48 30.99
C VAL D 170 -47.06 36.04 31.96
N GLU D 171 -47.33 34.74 32.08
CA GLU D 171 -48.41 34.29 32.93
C GLU D 171 -48.17 34.66 34.39
N LYS D 172 -46.92 34.60 34.84
CA LYS D 172 -46.58 34.84 36.24
C LYS D 172 -46.36 36.30 36.56
N ASP D 173 -46.57 37.20 35.59
CA ASP D 173 -46.52 38.65 35.72
C ASP D 173 -45.10 39.20 35.86
N GLY D 174 -44.08 38.34 35.95
CA GLY D 174 -42.72 38.83 36.10
C GLY D 174 -42.18 39.44 34.82
N ALA D 175 -42.85 40.45 34.29
CA ALA D 175 -42.52 40.99 32.98
C ALA D 175 -42.85 42.47 32.94
N SER D 176 -42.31 43.14 31.93
CA SER D 176 -42.57 44.55 31.68
C SER D 176 -42.30 44.85 30.22
N ALA D 177 -43.26 45.48 29.55
CA ALA D 177 -43.18 45.75 28.13
C ALA D 177 -43.26 47.25 27.86
N THR D 178 -42.55 47.70 26.83
CA THR D 178 -42.54 49.10 26.44
C THR D 178 -42.63 49.20 24.93
N ILE D 179 -43.40 50.18 24.46
CA ILE D 179 -43.55 50.43 23.03
C ILE D 179 -43.43 51.92 22.76
N ASP D 180 -43.14 52.26 21.51
CA ASP D 180 -43.05 53.64 21.08
C ASP D 180 -43.02 53.68 19.56
N LEU D 181 -43.31 54.87 19.02
CA LEU D 181 -43.34 55.06 17.58
C LEU D 181 -41.94 55.34 17.04
N TRP D 182 -41.82 55.27 15.72
CA TRP D 182 -40.55 55.53 15.06
C TRP D 182 -40.80 55.99 13.63
N THR D 183 -39.75 56.50 13.02
CA THR D 183 -39.83 57.09 11.68
C THR D 183 -38.45 57.01 11.05
N ASP D 184 -38.38 56.53 9.81
CA ASP D 184 -37.09 56.45 9.13
C ASP D 184 -36.72 57.83 8.59
N ASN D 185 -35.61 57.91 7.86
CA ASN D 185 -35.09 59.18 7.39
C ASN D 185 -35.41 59.45 5.93
N TYR D 186 -35.97 58.49 5.21
CA TYR D 186 -36.26 58.67 3.79
C TYR D 186 -37.75 58.63 3.50
N ILE D 187 -38.45 57.57 3.91
CA ILE D 187 -39.85 57.41 3.56
C ILE D 187 -40.78 57.93 4.65
N LYS D 188 -40.25 58.15 5.86
CA LYS D 188 -41.01 58.73 6.96
C LYS D 188 -42.24 57.89 7.30
N ARG D 189 -42.05 56.58 7.33
CA ARG D 189 -43.12 55.67 7.73
C ARG D 189 -43.28 55.67 9.24
N ASN D 190 -44.53 55.51 9.68
CA ASN D 190 -44.81 55.36 11.09
C ASN D 190 -44.46 53.95 11.54
N PHE D 191 -44.31 53.78 12.85
CA PHE D 191 -43.87 52.50 13.41
C PHE D 191 -44.34 52.39 14.85
N LEU D 192 -44.16 51.19 15.42
CA LEU D 192 -44.39 50.97 16.85
C LEU D 192 -43.48 49.83 17.29
N GLY D 193 -42.33 50.18 17.86
CA GLY D 193 -41.42 49.17 18.35
C GLY D 193 -41.97 48.50 19.59
N VAL D 194 -42.08 47.17 19.59
CA VAL D 194 -42.65 46.44 20.72
C VAL D 194 -41.52 45.72 21.43
N THR D 195 -41.30 46.10 22.69
CA THR D 195 -40.21 45.59 23.49
C THR D 195 -40.77 44.98 24.78
N LEU D 196 -40.12 43.93 25.26
CA LEU D 196 -40.56 43.25 26.47
C LEU D 196 -39.34 42.94 27.34
N HIS D 197 -39.40 43.33 28.60
CA HIS D 197 -38.36 43.09 29.58
C HIS D 197 -38.93 42.24 30.70
N TYR D 198 -38.36 41.05 30.91
CA TYR D 198 -38.85 40.16 31.96
C TYR D 198 -37.68 39.47 32.65
N HIS D 199 -37.96 38.93 33.82
CA HIS D 199 -36.94 38.34 34.67
C HIS D 199 -36.86 36.83 34.48
N GLU D 200 -35.66 36.33 34.24
CA GLU D 200 -35.36 34.91 34.22
C GLU D 200 -34.56 34.56 35.48
N ASN D 201 -34.11 33.31 35.55
CA ASN D 201 -33.36 32.87 36.72
C ASN D 201 -32.04 33.62 36.82
N ASN D 202 -31.97 34.56 37.75
CA ASN D 202 -30.77 35.36 37.98
C ASN D 202 -30.31 36.09 36.73
N GLU D 203 -31.29 36.53 35.92
CA GLU D 203 -31.01 37.42 34.81
C GLU D 203 -32.32 38.02 34.33
N LEU D 204 -32.26 39.27 33.89
CA LEU D 204 -33.41 39.98 33.36
C LEU D 204 -33.34 39.94 31.85
N ARG D 205 -34.29 39.27 31.21
CA ARG D 205 -34.32 39.12 29.77
C ARG D 205 -35.15 40.25 29.17
N ASP D 206 -34.60 40.92 28.17
CA ASP D 206 -35.28 41.98 27.44
C ASP D 206 -35.45 41.52 25.99
N LEU D 207 -36.62 40.96 25.70
CA LEU D 207 -36.90 40.42 24.37
C LEU D 207 -37.63 41.47 23.54
N ILE D 208 -37.17 41.64 22.29
CA ILE D 208 -37.75 42.62 21.39
C ILE D 208 -38.82 41.92 20.56
N LEU D 209 -40.06 42.34 20.72
CA LEU D 209 -41.19 41.56 20.24
C LEU D 209 -41.47 41.78 18.75
N GLY D 210 -41.79 43.00 18.37
CA GLY D 210 -42.17 43.23 16.99
C GLY D 210 -42.18 44.70 16.62
N LEU D 211 -42.33 44.94 15.32
CA LEU D 211 -42.33 46.28 14.73
C LEU D 211 -43.18 46.24 13.46
N LYS D 212 -44.40 46.76 13.55
CA LYS D 212 -45.25 46.93 12.39
C LYS D 212 -45.40 48.41 12.10
N SER D 213 -45.26 48.78 10.83
CA SER D 213 -45.53 50.16 10.42
C SER D 213 -47.02 50.44 10.46
N LEU D 214 -47.36 51.67 10.80
CA LEU D 214 -48.76 52.09 10.80
C LEU D 214 -49.23 52.50 9.42
N ASP D 215 -48.45 52.22 8.38
CA ASP D 215 -48.81 52.56 7.02
C ASP D 215 -49.11 54.05 6.89
N PHE D 216 -50.34 54.37 6.48
CA PHE D 216 -50.78 55.74 6.30
C PHE D 216 -52.04 56.00 7.12
N GLU D 217 -52.21 55.27 8.21
CA GLU D 217 -53.34 55.46 9.10
C GLU D 217 -53.15 56.73 9.92
N ARG D 218 -54.29 57.32 10.30
CA ARG D 218 -54.27 58.41 11.26
C ARG D 218 -54.02 57.83 12.65
N SER D 219 -53.05 58.38 13.36
CA SER D 219 -52.58 57.75 14.59
C SER D 219 -53.57 57.95 15.72
N THR D 220 -54.80 57.50 15.53
CA THR D 220 -55.79 57.56 16.59
C THR D 220 -55.51 56.49 17.64
N ALA D 221 -56.04 56.72 18.84
CA ALA D 221 -55.88 55.75 19.92
C ALA D 221 -56.45 54.40 19.52
N GLU D 222 -57.50 54.41 18.69
CA GLU D 222 -58.05 53.16 18.18
C GLU D 222 -57.02 52.40 17.36
N ASN D 223 -56.29 53.11 16.49
CA ASN D 223 -55.29 52.45 15.67
C ASN D 223 -54.19 51.85 16.52
N ILE D 224 -53.74 52.59 17.54
CA ILE D 224 -52.70 52.09 18.44
C ILE D 224 -53.20 50.86 19.17
N TYR D 225 -54.44 50.91 19.68
CA TYR D 225 -55.02 49.80 20.42
C TYR D 225 -55.14 48.56 19.54
N LYS D 226 -55.63 48.74 18.32
CA LYS D 226 -55.79 47.62 17.41
C LYS D 226 -54.44 47.01 17.04
N LYS D 227 -53.44 47.86 16.80
CA LYS D 227 -52.13 47.35 16.47
C LYS D 227 -51.52 46.57 17.63
N LEU D 228 -51.64 47.09 18.86
CA LEU D 228 -51.08 46.36 20.00
C LEU D 228 -51.82 45.05 20.23
N LYS D 229 -53.15 45.07 20.04
CA LYS D 229 -53.91 43.83 20.18
C LYS D 229 -53.46 42.79 19.16
N ALA D 230 -53.24 43.22 17.91
CA ALA D 230 -52.74 42.30 16.90
C ALA D 230 -51.35 41.79 17.25
N ILE D 231 -50.46 42.68 17.71
CA ILE D 231 -49.10 42.30 18.03
C ILE D 231 -49.10 41.23 19.12
N PHE D 232 -49.90 41.44 20.16
CA PHE D 232 -50.01 40.43 21.20
C PHE D 232 -50.75 39.19 20.72
N SER D 233 -51.56 39.32 19.67
CA SER D 233 -52.21 38.15 19.09
C SER D 233 -51.20 37.24 18.42
N GLN D 234 -50.20 37.81 17.74
CA GLN D 234 -49.16 36.95 17.15
C GLN D 234 -48.40 36.19 18.23
N PHE D 235 -48.37 36.70 19.46
CA PHE D 235 -47.89 35.95 20.60
C PHE D 235 -49.01 35.25 21.34
N ASN D 236 -50.23 35.30 20.81
CA ASN D 236 -51.40 34.65 21.39
C ASN D 236 -51.69 35.16 22.80
N VAL D 237 -51.38 36.43 23.05
CA VAL D 237 -51.61 37.06 24.33
C VAL D 237 -52.80 37.99 24.19
N GLU D 238 -53.84 37.73 24.98
CA GLU D 238 -55.00 38.60 25.07
C GLU D 238 -55.35 38.99 26.49
N ASP D 239 -54.63 38.46 27.48
CA ASP D 239 -54.82 38.85 28.87
C ASP D 239 -54.49 40.32 29.04
N LEU D 240 -53.22 40.67 28.83
CA LEU D 240 -52.72 42.05 28.80
C LEU D 240 -53.36 42.96 29.85
N SER D 241 -53.60 42.42 31.04
CA SER D 241 -54.28 43.13 32.11
C SER D 241 -53.38 43.49 33.29
N SER D 242 -52.58 42.55 33.78
CA SER D 242 -51.71 42.77 34.91
C SER D 242 -50.33 43.26 34.52
N ILE D 243 -50.02 43.31 33.22
CA ILE D 243 -48.68 43.66 32.77
C ILE D 243 -48.40 45.14 33.01
N LYS D 244 -47.13 45.44 33.29
CA LYS D 244 -46.70 46.79 33.66
C LYS D 244 -46.09 47.48 32.45
N PHE D 245 -46.43 48.75 32.26
CA PHE D 245 -45.98 49.54 31.13
C PHE D 245 -45.26 50.78 31.59
N VAL D 246 -44.13 51.09 30.95
CA VAL D 246 -43.41 52.33 31.17
C VAL D 246 -43.37 53.09 29.85
N THR D 247 -43.92 54.30 29.85
CA THR D 247 -43.95 55.12 28.65
C THR D 247 -43.67 56.56 29.05
N ASP D 248 -43.74 57.47 28.08
CA ASP D 248 -43.67 58.89 28.37
C ASP D 248 -45.09 59.37 28.72
N ARG D 249 -45.29 60.68 28.79
CA ARG D 249 -46.61 61.25 28.98
C ARG D 249 -47.26 61.67 27.67
N GLY D 250 -47.00 60.93 26.59
CA GLY D 250 -47.61 61.22 25.31
C GLY D 250 -49.13 61.20 25.36
N ALA D 251 -49.76 62.24 24.81
CA ALA D 251 -51.20 62.39 24.94
C ALA D 251 -51.93 61.22 24.30
N ASN D 252 -51.63 60.93 23.03
CA ASN D 252 -52.25 59.78 22.38
C ASN D 252 -51.78 58.48 23.00
N VAL D 253 -50.52 58.44 23.43
CA VAL D 253 -50.00 57.26 24.11
C VAL D 253 -50.79 57.00 25.39
N VAL D 254 -51.06 58.06 26.15
CA VAL D 254 -51.88 57.93 27.35
C VAL D 254 -53.29 57.49 26.97
N LYS D 255 -53.84 58.08 25.91
CA LYS D 255 -55.22 57.79 25.53
C LYS D 255 -55.40 56.32 25.18
N SER D 256 -54.50 55.76 24.38
CA SER D 256 -54.58 54.34 24.06
C SER D 256 -54.36 53.49 25.30
N LEU D 257 -53.61 54.01 26.27
CA LEU D 257 -53.26 53.27 27.47
C LEU D 257 -54.16 53.63 28.65
N ALA D 258 -55.26 54.35 28.41
CA ALA D 258 -56.15 54.74 29.48
C ALA D 258 -56.88 53.56 30.11
N ASN D 259 -56.56 52.33 29.74
CA ASN D 259 -57.25 51.15 30.24
C ASN D 259 -56.35 50.18 30.99
N ASN D 260 -55.06 50.49 31.16
CA ASN D 260 -54.18 49.57 31.86
C ASN D 260 -53.01 50.37 32.45
N ILE D 261 -51.98 49.64 32.89
CA ILE D 261 -50.87 50.22 33.62
C ILE D 261 -50.13 51.22 32.73
N ARG D 262 -49.71 52.33 33.32
CA ARG D 262 -48.82 53.26 32.66
C ARG D 262 -47.88 53.87 33.69
N ILE D 263 -46.58 53.80 33.41
CA ILE D 263 -45.56 54.42 34.25
C ILE D 263 -44.78 55.40 33.40
N ASN D 264 -44.61 56.62 33.91
CA ASN D 264 -43.96 57.66 33.13
C ASN D 264 -42.46 57.41 33.05
N CYS D 265 -41.90 57.51 31.84
CA CYS D 265 -40.47 57.34 31.66
C CYS D 265 -39.73 58.46 32.36
N SER D 266 -39.01 58.10 33.43
CA SER D 266 -38.40 59.12 34.30
C SER D 266 -37.35 59.93 33.57
N SER D 267 -36.69 59.35 32.57
CA SER D 267 -35.65 60.08 31.84
C SER D 267 -36.24 61.30 31.15
N HIS D 268 -37.36 61.11 30.45
CA HIS D 268 -38.02 62.22 29.79
C HIS D 268 -38.51 63.24 30.80
N LEU D 269 -39.00 62.76 31.95
CA LEU D 269 -39.47 63.67 32.99
C LEU D 269 -38.34 64.58 33.48
N LEU D 270 -37.18 63.99 33.75
CA LEU D 270 -36.05 64.77 34.21
C LEU D 270 -35.57 65.74 33.13
N SER D 271 -35.51 65.28 31.89
CA SER D 271 -35.09 66.17 30.80
C SER D 271 -36.04 67.34 30.65
N ASN D 272 -37.35 67.07 30.73
CA ASN D 272 -38.35 68.12 30.64
C ASN D 272 -38.23 69.08 31.80
N VAL D 273 -37.96 68.57 33.01
CA VAL D 273 -37.79 69.44 34.17
C VAL D 273 -36.63 70.39 33.94
N LEU D 274 -35.49 69.86 33.49
CA LEU D 274 -34.34 70.72 33.24
C LEU D 274 -34.63 71.74 32.16
N GLU D 275 -35.25 71.31 31.05
CA GLU D 275 -35.54 72.22 29.95
C GLU D 275 -36.49 73.32 30.39
N ASN D 276 -37.54 72.97 31.13
CA ASN D 276 -38.52 73.96 31.57
C ASN D 276 -37.93 74.89 32.62
N SER D 277 -37.01 74.39 33.45
CA SER D 277 -36.33 75.28 34.39
C SER D 277 -35.42 76.26 33.67
N PHE D 278 -34.73 75.80 32.63
CA PHE D 278 -33.84 76.68 31.89
C PHE D 278 -34.60 77.71 31.07
N GLU D 279 -35.73 77.31 30.48
CA GLU D 279 -36.51 78.26 29.67
C GLU D 279 -37.18 79.31 30.54
N GLU D 280 -37.48 78.95 31.80
CA GLU D 280 -38.07 79.89 32.74
C GLU D 280 -37.04 80.84 33.34
N THR D 281 -35.80 80.79 32.87
CA THR D 281 -34.73 81.65 33.37
C THR D 281 -34.07 82.34 32.17
N PRO D 282 -34.70 83.37 31.62
CA PRO D 282 -34.13 84.05 30.45
C PRO D 282 -32.73 84.58 30.68
N GLU D 283 -32.38 84.95 31.92
CA GLU D 283 -31.04 85.41 32.22
C GLU D 283 -29.99 84.33 32.02
N LEU D 284 -30.39 83.07 31.89
CA LEU D 284 -29.50 82.00 31.47
C LEU D 284 -29.54 81.74 29.97
N ASN D 285 -30.31 82.52 29.22
CA ASN D 285 -30.32 82.34 27.77
C ASN D 285 -29.05 82.92 27.15
N MET D 286 -28.60 84.08 27.63
CA MET D 286 -27.45 84.72 27.01
C MET D 286 -26.18 83.87 27.06
N PRO D 287 -25.84 83.12 28.12
CA PRO D 287 -24.68 82.24 28.00
C PRO D 287 -24.93 81.09 27.05
N ILE D 288 -26.13 80.49 27.12
CA ILE D 288 -26.48 79.42 26.19
C ILE D 288 -26.49 79.94 24.76
N LEU D 289 -27.07 81.12 24.55
CA LEU D 289 -27.09 81.69 23.20
C LEU D 289 -25.68 81.99 22.70
N ALA D 290 -24.83 82.54 23.57
CA ALA D 290 -23.46 82.83 23.18
C ALA D 290 -22.72 81.57 22.77
N CYS D 291 -22.84 80.50 23.59
CA CYS D 291 -22.18 79.25 23.26
C CYS D 291 -22.75 78.64 21.97
N LYS D 292 -24.07 78.74 21.79
CA LYS D 292 -24.69 78.22 20.57
C LYS D 292 -24.19 78.95 19.34
N ASN D 293 -24.07 80.27 19.43
CA ASN D 293 -23.55 81.04 18.29
C ASN D 293 -22.08 80.75 18.05
N ILE D 294 -21.32 80.52 19.13
CA ILE D 294 -19.92 80.13 18.98
C ILE D 294 -19.81 78.82 18.22
N VAL D 295 -20.65 77.84 18.59
CA VAL D 295 -20.65 76.55 17.90
C VAL D 295 -21.09 76.73 16.44
N LYS D 296 -22.12 77.53 16.22
CA LYS D 296 -22.65 77.72 14.87
C LYS D 296 -21.60 78.35 13.96
N TYR D 297 -20.87 79.33 14.46
CA TYR D 297 -19.84 79.97 13.64
C TYR D 297 -18.57 79.14 13.54
N PHE D 298 -18.28 78.30 14.53
CA PHE D 298 -17.21 77.32 14.36
C PHE D 298 -17.53 76.32 13.27
N LYS D 299 -18.80 75.90 13.18
CA LYS D 299 -19.21 75.09 12.03
C LYS D 299 -19.17 75.92 10.75
N LYS D 300 -19.52 77.20 10.83
CA LYS D 300 -19.74 78.00 9.63
C LYS D 300 -18.45 78.20 8.84
N ALA D 301 -17.39 78.65 9.51
CA ALA D 301 -16.11 78.87 8.86
C ALA D 301 -15.23 77.64 8.88
N ASN D 302 -15.72 76.52 9.43
CA ASN D 302 -15.01 75.26 9.50
C ASN D 302 -13.74 75.36 10.33
N LEU D 303 -13.59 76.44 11.10
CA LEU D 303 -12.44 76.62 11.98
C LEU D 303 -12.46 75.67 13.17
N GLN D 304 -13.40 74.73 13.20
CA GLN D 304 -13.26 73.54 14.03
C GLN D 304 -12.16 72.61 13.52
N HIS D 305 -11.67 72.84 12.30
CA HIS D 305 -10.64 71.95 11.74
C HIS D 305 -9.38 71.98 12.59
N ARG D 306 -8.97 73.18 13.03
CA ARG D 306 -7.81 73.24 13.89
C ARG D 306 -8.09 72.68 15.29
N LEU D 307 -9.35 72.69 15.72
CA LEU D 307 -9.72 72.08 16.97
C LEU D 307 -9.54 70.57 16.89
N ARG D 308 -8.87 70.00 17.89
CA ARG D 308 -8.74 68.55 17.96
C ARG D 308 -10.02 67.88 18.42
N SER D 309 -10.79 68.53 19.30
CA SER D 309 -12.05 67.99 19.80
C SER D 309 -13.17 68.91 19.36
N SER D 310 -14.18 68.35 18.71
CA SER D 310 -15.24 69.14 18.13
C SER D 310 -16.37 69.38 19.12
N LEU D 311 -17.36 70.14 18.68
CA LEU D 311 -18.52 70.49 19.49
C LEU D 311 -19.74 69.68 19.06
N LYS D 312 -20.75 69.66 19.92
CA LYS D 312 -21.89 68.78 19.73
C LYS D 312 -23.05 69.53 19.06
N SER D 313 -24.21 68.88 19.01
CA SER D 313 -25.34 69.32 18.20
C SER D 313 -25.95 70.61 18.73
N GLU D 314 -26.35 71.49 17.81
CA GLU D 314 -26.92 72.79 18.17
C GLU D 314 -28.23 72.67 18.93
N CYS D 315 -29.30 72.23 18.25
CA CYS D 315 -30.60 71.98 18.88
C CYS D 315 -31.48 71.01 18.09
N PRO D 316 -31.02 69.79 17.77
CA PRO D 316 -31.91 68.78 17.19
C PRO D 316 -32.55 67.85 18.24
N THR D 317 -33.06 68.46 19.32
CA THR D 317 -33.74 67.74 20.40
C THR D 317 -32.91 66.54 20.89
N ARG D 318 -31.76 66.87 21.48
CA ARG D 318 -30.80 65.88 21.93
C ARG D 318 -30.67 65.92 23.45
N TRP D 319 -30.52 64.73 24.05
CA TRP D 319 -30.38 64.63 25.49
C TRP D 319 -29.07 65.24 25.95
N ASN D 320 -29.16 66.35 26.68
CA ASN D 320 -28.02 66.93 27.37
C ASN D 320 -26.87 67.24 26.41
N SER D 321 -27.21 67.50 25.15
CA SER D 321 -26.20 68.01 24.22
C SER D 321 -25.68 69.35 24.69
N THR D 322 -26.52 70.12 25.38
CA THR D 322 -26.08 71.40 25.94
C THR D 322 -24.94 71.20 26.93
N TYR D 323 -25.07 70.22 27.83
CA TYR D 323 -23.99 69.90 28.75
C TYR D 323 -22.71 69.58 28.01
N THR D 324 -22.80 68.67 27.05
CA THR D 324 -21.60 68.20 26.36
C THR D 324 -20.92 69.35 25.63
N MET D 325 -21.70 70.18 24.95
CA MET D 325 -21.10 71.27 24.20
C MET D 325 -20.50 72.32 25.12
N LEU D 326 -21.19 72.67 26.22
CA LEU D 326 -20.64 73.70 27.09
C LEU D 326 -19.37 73.22 27.80
N ARG D 327 -19.38 71.97 28.26
CA ARG D 327 -18.20 71.45 28.93
C ARG D 327 -17.05 71.24 27.94
N SER D 328 -17.37 70.88 26.69
CA SER D 328 -16.32 70.83 25.67
C SER D 328 -15.74 72.20 25.38
N ILE D 329 -16.59 73.22 25.38
CA ILE D 329 -16.11 74.59 25.22
C ILE D 329 -15.17 74.94 26.37
N LEU D 330 -15.55 74.58 27.60
CA LEU D 330 -14.66 74.81 28.73
C LEU D 330 -13.33 74.09 28.54
N ASP D 331 -13.38 72.85 28.05
CA ASP D 331 -12.15 72.08 27.89
C ASP D 331 -11.25 72.65 26.80
N ASN D 332 -11.83 73.20 25.73
CA ASN D 332 -11.07 73.73 24.60
C ASN D 332 -10.89 75.24 24.65
N TRP D 333 -11.26 75.87 25.77
CA TRP D 333 -11.32 77.33 25.87
C TRP D 333 -10.02 78.01 25.41
N GLU D 334 -8.87 77.43 25.73
CA GLU D 334 -7.61 78.10 25.41
C GLU D 334 -7.43 78.24 23.90
N SER D 335 -7.55 77.14 23.17
CA SER D 335 -7.49 77.21 21.72
C SER D 335 -8.64 78.04 21.15
N VAL D 336 -9.80 77.99 21.79
CA VAL D 336 -10.94 78.77 21.30
C VAL D 336 -10.62 80.26 21.34
N ILE D 337 -10.15 80.75 22.49
CA ILE D 337 -9.84 82.17 22.61
C ILE D 337 -8.65 82.53 21.73
N GLN D 338 -7.68 81.63 21.59
CA GLN D 338 -6.55 81.90 20.71
C GLN D 338 -7.01 82.10 19.27
N ILE D 339 -7.87 81.20 18.78
CA ILE D 339 -8.33 81.31 17.40
C ILE D 339 -9.25 82.52 17.22
N LEU D 340 -10.08 82.81 18.23
CA LEU D 340 -10.96 83.98 18.11
C LEU D 340 -10.17 85.29 18.11
N SER D 341 -9.08 85.36 18.88
CA SER D 341 -8.24 86.55 18.84
C SER D 341 -7.47 86.62 17.53
N GLU D 342 -7.02 85.47 17.01
CA GLU D 342 -6.29 85.47 15.74
C GLU D 342 -7.19 85.90 14.59
N ALA D 343 -8.42 85.41 14.56
CA ALA D 343 -9.37 85.71 13.49
C ALA D 343 -10.16 86.99 13.72
N GLY D 344 -9.96 87.67 14.85
CA GLY D 344 -10.73 88.85 15.15
C GLY D 344 -12.12 88.58 15.65
N GLU D 345 -12.40 87.37 16.14
CA GLU D 345 -13.70 87.03 16.69
C GLU D 345 -13.70 87.04 18.21
N THR D 346 -12.67 87.63 18.82
CA THR D 346 -12.65 87.79 20.27
C THR D 346 -13.56 88.90 20.75
N GLN D 347 -14.05 89.75 19.85
CA GLN D 347 -14.97 90.82 20.25
C GLN D 347 -16.33 90.28 20.66
N ARG D 348 -16.66 89.05 20.27
CA ARG D 348 -17.95 88.46 20.61
C ARG D 348 -17.85 87.53 21.81
N ILE D 349 -16.64 87.09 22.18
CA ILE D 349 -16.44 86.22 23.34
C ILE D 349 -16.25 86.99 24.63
N VAL D 350 -16.11 88.32 24.57
CA VAL D 350 -15.92 89.11 25.78
C VAL D 350 -17.12 89.08 26.71
N HIS D 351 -18.26 88.59 26.23
CA HIS D 351 -19.50 88.57 27.00
C HIS D 351 -19.66 87.32 27.85
N ILE D 352 -18.66 86.43 27.87
CA ILE D 352 -18.76 85.16 28.58
C ILE D 352 -18.38 85.35 30.03
N ASN D 353 -18.98 84.56 30.92
CA ASN D 353 -18.60 84.48 32.31
C ASN D 353 -18.23 83.05 32.64
N LYS D 354 -16.94 82.81 32.87
CA LYS D 354 -16.44 81.44 32.94
C LYS D 354 -16.66 80.79 34.30
N SER D 355 -16.70 81.58 35.38
CA SER D 355 -16.95 81.01 36.70
C SER D 355 -18.34 80.38 36.77
N ILE D 356 -19.34 81.07 36.21
CA ILE D 356 -20.68 80.49 36.12
C ILE D 356 -20.64 79.22 35.28
N ILE D 357 -19.82 79.22 34.22
CA ILE D 357 -19.67 78.02 33.40
C ILE D 357 -19.13 76.87 34.24
N GLN D 358 -18.12 77.13 35.05
CA GLN D 358 -17.54 76.07 35.89
C GLN D 358 -18.55 75.55 36.90
N THR D 359 -19.30 76.45 37.54
CA THR D 359 -20.31 76.02 38.50
C THR D 359 -21.37 75.16 37.83
N MET D 360 -21.82 75.58 36.64
CA MET D 360 -22.77 74.77 35.88
C MET D 360 -22.19 73.43 35.50
N VAL D 361 -20.90 73.40 35.14
CA VAL D 361 -20.25 72.13 34.83
C VAL D 361 -20.34 71.18 36.00
N ASN D 362 -19.95 71.65 37.18
CA ASN D 362 -19.99 70.80 38.37
C ASN D 362 -21.41 70.27 38.60
N ILE D 363 -22.38 71.19 38.67
CA ILE D 363 -23.72 70.79 39.09
C ILE D 363 -24.37 69.89 38.03
N LEU D 364 -24.22 70.23 36.75
CA LEU D 364 -24.88 69.48 35.70
C LEU D 364 -24.19 68.14 35.44
N ASP D 365 -22.89 68.01 35.72
CA ASP D 365 -22.29 66.68 35.72
C ASP D 365 -22.81 65.86 36.90
N GLY D 366 -23.05 66.51 38.04
CA GLY D 366 -23.76 65.83 39.10
C GLY D 366 -25.09 65.28 38.63
N PHE D 367 -25.83 66.10 37.87
CA PHE D 367 -27.09 65.60 37.27
C PHE D 367 -26.83 64.43 36.32
N GLU D 368 -25.79 64.53 35.50
CA GLU D 368 -25.51 63.46 34.55
C GLU D 368 -25.21 62.15 35.25
N ARG D 369 -24.70 62.21 36.49
CA ARG D 369 -24.57 60.99 37.29
C ARG D 369 -25.92 60.29 37.44
N ILE D 370 -26.94 61.02 37.87
CA ILE D 370 -28.27 60.43 37.99
C ILE D 370 -28.79 60.04 36.62
N PHE D 371 -28.45 60.81 35.59
CA PHE D 371 -28.87 60.47 34.23
C PHE D 371 -28.38 59.09 33.84
N LYS D 372 -27.09 58.81 34.08
CA LYS D 372 -26.55 57.52 33.69
C LYS D 372 -27.02 56.41 34.62
N GLU D 373 -27.28 56.72 35.90
CA GLU D 373 -27.85 55.71 36.78
C GLU D 373 -29.25 55.31 36.32
N LEU D 374 -30.08 56.29 35.98
CA LEU D 374 -31.41 56.00 35.46
C LEU D 374 -31.31 55.24 34.14
N GLN D 375 -30.42 55.67 33.26
CA GLN D 375 -30.24 55.02 31.96
C GLN D 375 -29.79 53.57 32.11
N THR D 376 -29.18 53.20 33.24
CA THR D 376 -28.81 51.82 33.47
C THR D 376 -30.06 50.99 33.69
N CYS D 377 -30.45 50.21 32.68
CA CYS D 377 -31.64 49.38 32.75
C CYS D 377 -31.35 47.89 32.84
N SER D 378 -30.11 47.47 32.64
CA SER D 378 -29.73 46.07 32.86
C SER D 378 -29.78 45.69 34.33
N SER D 379 -29.90 46.65 35.22
CA SER D 379 -29.98 46.45 36.65
C SER D 379 -31.25 47.09 37.19
N PRO D 380 -31.84 46.52 38.23
CA PRO D 380 -33.04 47.15 38.82
C PRO D 380 -32.73 48.54 39.35
N SER D 381 -33.61 49.49 39.00
CA SER D 381 -33.42 50.88 39.39
C SER D 381 -34.68 51.51 39.98
N LEU D 382 -35.79 50.78 40.06
CA LEU D 382 -37.03 51.34 40.60
C LEU D 382 -36.90 51.69 42.07
N CYS D 383 -35.87 51.18 42.76
CA CYS D 383 -35.62 51.51 44.14
C CYS D 383 -34.47 52.51 44.30
N PHE D 384 -34.32 53.42 43.33
CA PHE D 384 -33.26 54.41 43.43
C PHE D 384 -33.67 55.79 42.93
N VAL D 385 -34.96 56.12 42.95
CA VAL D 385 -35.43 57.41 42.48
C VAL D 385 -35.66 58.38 43.63
N VAL D 386 -36.38 57.94 44.66
CA VAL D 386 -36.50 58.76 45.87
C VAL D 386 -35.14 59.14 46.44
N PRO D 387 -34.16 58.23 46.58
CA PRO D 387 -32.83 58.69 46.99
C PRO D 387 -32.22 59.67 46.00
N SER D 388 -32.49 59.50 44.71
CA SER D 388 -32.10 60.52 43.75
C SER D 388 -32.84 61.82 44.01
N ILE D 389 -34.10 61.74 44.44
CA ILE D 389 -34.84 62.96 44.80
C ILE D 389 -34.12 63.68 45.93
N LEU D 390 -33.69 62.93 46.94
CA LEU D 390 -32.94 63.50 48.04
C LEU D 390 -31.65 64.13 47.54
N LYS D 391 -30.95 63.44 46.65
CA LYS D 391 -29.69 63.97 46.14
C LYS D 391 -29.90 65.28 45.39
N VAL D 392 -30.92 65.35 44.54
CA VAL D 392 -31.17 66.58 43.79
C VAL D 392 -31.57 67.72 44.73
N LYS D 393 -32.50 67.46 45.64
CA LYS D 393 -32.89 68.53 46.54
C LYS D 393 -31.75 68.94 47.47
N GLU D 394 -30.76 68.06 47.66
CA GLU D 394 -29.51 68.49 48.29
C GLU D 394 -28.67 69.34 47.35
N ILE D 395 -28.69 69.01 46.05
CA ILE D 395 -27.89 69.75 45.09
C ILE D 395 -28.28 71.21 45.06
N CYS D 396 -29.58 71.50 45.13
CA CYS D 396 -30.08 72.87 45.15
C CYS D 396 -30.12 73.44 46.56
N SER D 397 -29.32 72.93 47.48
CA SER D 397 -29.31 73.45 48.83
C SER D 397 -28.96 74.94 48.82
N PRO D 398 -29.74 75.77 49.52
CA PRO D 398 -29.50 77.21 49.48
C PRO D 398 -28.12 77.57 50.03
N ASP D 399 -27.51 78.57 49.40
CA ASP D 399 -26.17 79.01 49.77
C ASP D 399 -25.99 80.44 49.29
N VAL D 400 -24.98 81.11 49.84
CA VAL D 400 -24.69 82.48 49.42
C VAL D 400 -23.88 82.53 48.13
N GLY D 401 -23.32 81.42 47.69
CA GLY D 401 -22.52 81.37 46.50
C GLY D 401 -23.29 81.27 45.20
N ASP D 402 -24.61 81.07 45.25
CA ASP D 402 -25.43 81.01 44.05
C ASP D 402 -25.76 82.42 43.61
N VAL D 403 -25.44 82.73 42.35
CA VAL D 403 -25.76 84.05 41.80
C VAL D 403 -27.24 84.06 41.47
N ALA D 404 -27.79 85.24 41.16
CA ALA D 404 -29.20 85.35 40.82
C ALA D 404 -29.58 84.40 39.71
N ASP D 405 -28.68 84.17 38.75
CA ASP D 405 -28.93 83.16 37.72
C ASP D 405 -29.04 81.77 38.33
N ILE D 406 -28.05 81.41 39.16
CA ILE D 406 -28.05 80.09 39.79
C ILE D 406 -29.21 79.94 40.75
N ALA D 407 -29.48 80.99 41.54
CA ALA D 407 -30.59 80.93 42.48
C ALA D 407 -31.92 80.77 41.77
N LYS D 408 -32.13 81.55 40.69
CA LYS D 408 -33.36 81.42 39.92
C LYS D 408 -33.49 80.04 39.30
N LEU D 409 -32.38 79.51 38.75
CA LEU D 409 -32.42 78.19 38.16
C LEU D 409 -32.76 77.13 39.20
N LYS D 410 -32.13 77.20 40.38
CA LYS D 410 -32.38 76.20 41.41
C LYS D 410 -33.80 76.27 41.93
N VAL D 411 -34.33 77.49 42.09
CA VAL D 411 -35.72 77.65 42.48
C VAL D 411 -36.64 77.04 41.44
N ASN D 412 -36.37 77.30 40.15
CA ASN D 412 -37.18 76.72 39.10
C ASN D 412 -37.11 75.21 39.13
N ILE D 413 -35.92 74.66 39.35
CA ILE D 413 -35.74 73.21 39.36
C ILE D 413 -36.55 72.58 40.49
N ILE D 414 -36.41 73.12 41.71
CA ILE D 414 -37.10 72.51 42.84
C ILE D 414 -38.61 72.66 42.67
N LYS D 415 -39.07 73.83 42.22
CA LYS D 415 -40.50 74.02 42.02
C LYS D 415 -41.06 73.10 40.96
N ASN D 416 -40.37 73.00 39.82
CA ASN D 416 -40.83 72.13 38.74
C ASN D 416 -40.85 70.68 39.18
N VAL D 417 -39.80 70.24 39.87
CA VAL D 417 -39.78 68.87 40.37
C VAL D 417 -40.97 68.63 41.27
N ARG D 418 -41.16 69.51 42.26
CA ARG D 418 -42.21 69.32 43.24
C ARG D 418 -43.59 69.27 42.61
N ILE D 419 -43.89 70.19 41.69
CA ILE D 419 -45.25 70.34 41.20
C ILE D 419 -45.49 69.67 39.86
N ILE D 420 -44.50 68.96 39.31
CA ILE D 420 -44.76 68.09 38.17
C ILE D 420 -44.29 66.68 38.47
N TRP D 421 -42.99 66.53 38.71
CA TRP D 421 -42.38 65.20 38.68
C TRP D 421 -42.65 64.42 39.96
N GLU D 422 -42.58 65.09 41.12
CA GLU D 422 -42.99 64.46 42.36
C GLU D 422 -44.45 64.03 42.29
N GLU D 423 -45.28 64.85 41.64
CA GLU D 423 -46.69 64.50 41.48
C GLU D 423 -46.85 63.29 40.57
N ASN D 424 -46.07 63.21 39.50
CA ASN D 424 -46.20 62.16 38.51
C ASN D 424 -45.52 60.86 38.93
N LEU D 425 -45.19 60.73 40.20
CA LEU D 425 -44.65 59.48 40.71
C LEU D 425 -45.78 58.48 40.94
N SER D 426 -45.42 57.20 40.99
CA SER D 426 -46.39 56.12 41.02
C SER D 426 -46.33 55.37 42.35
N ILE D 427 -47.48 54.85 42.76
CA ILE D 427 -47.54 54.01 43.95
C ILE D 427 -46.70 52.75 43.77
N TRP D 428 -46.67 52.23 42.53
CA TRP D 428 -45.78 51.13 42.22
C TRP D 428 -44.34 51.46 42.56
N HIS D 429 -43.90 52.67 42.21
CA HIS D 429 -42.54 53.08 42.54
C HIS D 429 -42.34 53.17 44.06
N TYR D 430 -43.33 53.67 44.78
CA TYR D 430 -43.19 53.78 46.23
C TYR D 430 -43.01 52.41 46.86
N THR D 431 -43.84 51.45 46.44
CA THR D 431 -43.68 50.08 46.95
C THR D 431 -42.36 49.47 46.52
N ALA D 432 -41.92 49.73 45.28
CA ALA D 432 -40.67 49.17 44.79
C ALA D 432 -39.49 49.69 45.60
N PHE D 433 -39.49 50.98 45.91
CA PHE D 433 -38.41 51.52 46.74
C PHE D 433 -38.58 51.15 48.20
N PHE D 434 -39.78 50.70 48.61
CA PHE D 434 -39.92 50.19 49.97
C PHE D 434 -39.00 49.01 50.22
N PHE D 435 -38.72 48.22 49.18
CA PHE D 435 -37.86 47.05 49.30
C PHE D 435 -36.39 47.40 49.52
N TYR D 436 -36.03 48.66 49.74
CA TYR D 436 -34.64 49.00 49.99
C TYR D 436 -34.18 48.39 51.31
N PRO D 437 -33.11 47.59 51.32
CA PRO D 437 -32.76 46.84 52.53
C PRO D 437 -32.50 47.76 53.72
N PRO D 438 -31.87 48.93 53.52
CA PRO D 438 -32.02 49.96 54.58
C PRO D 438 -33.37 50.67 54.45
N ALA D 439 -34.40 50.04 55.00
CA ALA D 439 -35.77 50.53 54.88
C ALA D 439 -36.05 51.77 55.71
N LEU D 440 -35.00 52.39 56.25
CA LEU D 440 -35.11 53.60 57.04
C LEU D 440 -35.59 54.80 56.22
N HIS D 441 -35.60 54.69 54.88
CA HIS D 441 -35.92 55.84 54.04
C HIS D 441 -37.34 56.34 54.30
N MET D 442 -38.35 55.51 54.03
CA MET D 442 -39.74 55.95 54.11
C MET D 442 -40.39 55.50 55.41
N GLN D 443 -39.83 55.99 56.52
CA GLN D 443 -40.44 55.77 57.82
C GLN D 443 -41.66 56.64 58.04
N GLN D 444 -42.12 57.35 57.00
CA GLN D 444 -43.22 58.29 57.08
C GLN D 444 -44.52 57.60 56.70
N GLU D 445 -45.56 58.40 56.48
CA GLU D 445 -46.91 57.91 56.18
C GLU D 445 -46.99 57.13 54.87
N LYS D 446 -45.86 57.04 54.16
CA LYS D 446 -45.80 56.24 52.94
C LYS D 446 -46.16 54.79 53.19
N VAL D 447 -46.03 54.32 54.44
CA VAL D 447 -46.40 52.96 54.79
C VAL D 447 -47.91 52.81 54.97
N ALA D 448 -48.63 53.91 55.18
CA ALA D 448 -50.07 53.82 55.38
C ALA D 448 -50.78 53.26 54.16
N GLN D 449 -50.33 53.65 52.96
CA GLN D 449 -50.99 53.24 51.73
C GLN D 449 -50.49 51.90 51.21
N ILE D 450 -49.23 51.55 51.47
CA ILE D 450 -48.65 50.35 50.86
C ILE D 450 -49.36 49.10 51.36
N LYS D 451 -49.78 49.10 52.63
CA LYS D 451 -50.44 47.91 53.15
C LYS D 451 -51.78 47.68 52.46
N GLU D 452 -52.49 48.76 52.14
CA GLU D 452 -53.62 48.63 51.22
C GLU D 452 -53.14 48.14 49.85
N PHE D 453 -52.06 48.72 49.34
CA PHE D 453 -51.55 48.31 48.04
C PHE D 453 -51.02 46.88 48.06
N CYS D 454 -50.12 46.58 48.99
CA CYS D 454 -49.41 45.31 48.92
C CYS D 454 -50.36 44.14 49.17
N LEU D 455 -51.14 44.23 50.24
CA LEU D 455 -52.01 43.12 50.61
C LEU D 455 -53.03 42.82 49.51
N SER D 456 -53.59 43.87 48.93
CA SER D 456 -54.55 43.67 47.84
C SER D 456 -53.87 43.15 46.58
N LYS D 457 -52.68 43.68 46.25
CA LYS D 457 -52.02 43.27 45.02
C LYS D 457 -51.56 41.83 45.07
N MET D 458 -50.87 41.43 46.14
CA MET D 458 -50.34 40.08 46.23
C MET D 458 -51.40 39.06 46.62
N GLU D 459 -52.62 39.51 46.92
CA GLU D 459 -53.74 38.58 47.03
C GLU D 459 -54.22 38.10 45.67
N ASP D 460 -53.76 38.74 44.59
CA ASP D 460 -54.14 38.32 43.25
C ASP D 460 -53.12 37.38 42.64
N LEU D 461 -51.82 37.61 42.92
CA LEU D 461 -50.79 36.73 42.38
C LEU D 461 -50.94 35.32 42.90
N GLU D 462 -51.31 35.17 44.18
CA GLU D 462 -51.59 33.85 44.73
C GLU D 462 -52.67 33.13 43.92
N LEU D 463 -53.58 33.88 43.31
CA LEU D 463 -54.59 33.28 42.46
C LEU D 463 -54.14 33.25 41.00
N ILE D 464 -53.21 34.14 40.62
CA ILE D 464 -52.68 34.13 39.26
C ILE D 464 -52.02 32.80 38.97
N ASN D 465 -51.18 32.32 39.89
CA ASN D 465 -50.44 31.08 39.69
C ASN D 465 -51.35 29.86 39.78
N PRO D 517 -47.17 32.02 60.38
CA PRO D 517 -46.45 31.28 59.34
C PRO D 517 -46.31 32.07 58.03
N VAL D 518 -45.20 32.81 57.90
CA VAL D 518 -44.81 33.60 56.74
C VAL D 518 -46.00 34.38 56.18
N CYS D 519 -46.92 34.80 57.06
CA CYS D 519 -48.03 35.61 56.64
C CYS D 519 -47.54 36.99 56.21
N PRO D 520 -48.17 37.59 55.19
CA PRO D 520 -47.68 38.88 54.67
C PRO D 520 -47.66 39.99 55.72
N SER D 521 -48.61 39.98 56.66
CA SER D 521 -48.63 41.00 57.70
C SER D 521 -47.37 40.95 58.55
N ASP D 522 -47.00 39.77 59.04
CA ASP D 522 -45.77 39.62 59.79
C ASP D 522 -44.54 39.64 58.87
N GLU D 523 -44.72 39.28 57.61
CA GLU D 523 -43.62 39.40 56.65
C GLU D 523 -43.19 40.85 56.47
N PHE D 524 -44.15 41.78 56.52
CA PHE D 524 -43.83 43.20 56.44
C PHE D 524 -42.88 43.62 57.55
N GLU D 525 -43.21 43.27 58.80
CA GLU D 525 -42.34 43.65 59.90
C GLU D 525 -41.05 42.85 59.91
N PHE D 526 -41.09 41.60 59.45
CA PHE D 526 -39.87 40.83 59.21
C PHE D 526 -38.90 41.62 58.34
N TYR D 527 -39.39 42.15 57.22
CA TYR D 527 -38.50 42.85 56.30
C TYR D 527 -38.08 44.20 56.87
N ARG D 528 -39.00 44.94 57.48
CA ARG D 528 -38.66 46.28 57.95
C ARG D 528 -37.72 46.25 59.16
N LYS D 529 -37.70 45.15 59.91
CA LYS D 529 -36.81 45.10 61.07
C LYS D 529 -35.35 45.00 60.67
N GLU D 530 -35.04 44.26 59.61
CA GLU D 530 -33.65 44.07 59.19
C GLU D 530 -33.10 45.35 58.56
N ILE D 531 -31.82 45.61 58.82
CA ILE D 531 -31.08 46.69 58.18
C ILE D 531 -29.78 46.11 57.62
N VAL D 532 -29.51 46.39 56.35
CA VAL D 532 -28.33 45.88 55.66
C VAL D 532 -27.38 47.04 55.38
N ILE D 533 -26.11 46.82 55.66
CA ILE D 533 -25.09 47.86 55.46
C ILE D 533 -24.99 48.18 53.98
N LEU D 534 -24.50 49.38 53.66
CA LEU D 534 -24.36 49.83 52.28
C LEU D 534 -22.92 49.56 51.87
N SER D 535 -22.68 48.35 51.37
CA SER D 535 -21.41 48.03 50.74
C SER D 535 -21.58 48.19 49.24
N GLU D 536 -20.96 49.23 48.69
CA GLU D 536 -21.18 49.62 47.29
C GLU D 536 -20.71 48.55 46.31
N ASP D 537 -19.91 47.58 46.75
CA ASP D 537 -19.55 46.44 45.92
C ASP D 537 -20.65 45.39 45.84
N PHE D 538 -21.69 45.51 46.65
CA PHE D 538 -22.72 44.48 46.71
C PHE D 538 -23.67 44.55 45.52
N LYS D 539 -24.27 43.41 45.19
CA LYS D 539 -25.38 43.34 44.24
C LYS D 539 -26.59 42.81 44.97
N VAL D 540 -27.66 43.60 44.98
CA VAL D 540 -28.90 43.20 45.64
C VAL D 540 -29.75 42.30 44.73
N MET D 541 -29.40 42.20 43.45
CA MET D 541 -29.90 41.11 42.63
C MET D 541 -29.87 39.80 43.40
N GLU D 542 -28.67 39.31 43.71
CA GLU D 542 -28.57 38.06 44.46
C GLU D 542 -29.27 38.17 45.81
N TRP D 543 -29.43 39.39 46.34
CA TRP D 543 -30.08 39.53 47.63
C TRP D 543 -31.55 39.11 47.56
N TRP D 544 -32.29 39.57 46.56
CA TRP D 544 -33.62 38.98 46.39
C TRP D 544 -33.57 37.56 45.85
N ASN D 545 -32.61 37.25 44.99
CA ASN D 545 -32.57 35.91 44.40
C ASN D 545 -32.33 34.87 45.47
N LEU D 546 -31.81 35.29 46.63
CA LEU D 546 -31.62 34.44 47.80
C LEU D 546 -32.70 34.62 48.86
N ASN D 547 -33.34 35.80 48.92
CA ASN D 547 -34.41 36.04 49.89
C ASN D 547 -35.67 35.26 49.58
N SER D 548 -35.69 34.47 48.52
CA SER D 548 -36.80 33.55 48.29
C SER D 548 -36.88 32.47 49.35
N LYS D 549 -35.80 32.30 50.14
CA LYS D 549 -35.79 31.28 51.19
C LYS D 549 -36.87 31.56 52.23
N LYS D 550 -36.99 32.81 52.66
CA LYS D 550 -37.86 33.17 53.76
C LYS D 550 -39.05 34.02 53.34
N TYR D 551 -38.93 34.76 52.25
CA TYR D 551 -40.00 35.64 51.76
C TYR D 551 -40.27 35.32 50.30
N PRO D 552 -40.78 34.12 50.01
CA PRO D 552 -40.88 33.69 48.61
C PRO D 552 -41.91 34.46 47.80
N LYS D 553 -43.10 34.64 48.37
CA LYS D 553 -44.14 35.39 47.67
C LYS D 553 -43.75 36.85 47.51
N LEU D 554 -43.15 37.44 48.54
CA LEU D 554 -42.73 38.83 48.45
C LEU D 554 -41.53 39.00 47.52
N SER D 555 -40.62 38.03 47.51
CA SER D 555 -39.54 38.07 46.53
C SER D 555 -40.07 37.92 45.12
N LYS D 556 -41.15 37.16 44.95
CA LYS D 556 -41.79 37.10 43.65
C LYS D 556 -42.38 38.46 43.28
N LEU D 557 -42.94 39.17 44.26
CA LEU D 557 -43.40 40.53 44.01
C LEU D 557 -42.23 41.42 43.58
N ALA D 558 -41.08 41.27 44.23
CA ALA D 558 -39.92 42.07 43.88
C ALA D 558 -39.44 41.78 42.47
N LEU D 559 -39.37 40.49 42.10
CA LEU D 559 -38.89 40.15 40.77
C LEU D 559 -39.89 40.60 39.70
N SER D 560 -41.18 40.60 40.03
CA SER D 560 -42.16 41.22 39.16
C SER D 560 -41.90 42.71 39.03
N LEU D 561 -41.58 43.36 40.15
CA LEU D 561 -41.25 44.79 40.12
C LEU D 561 -39.94 45.04 39.38
N LEU D 562 -38.92 44.23 39.64
CA LEU D 562 -37.59 44.56 39.15
C LEU D 562 -37.31 44.03 37.76
N SER D 563 -38.29 43.40 37.11
CA SER D 563 -38.20 43.18 35.67
C SER D 563 -38.66 44.39 34.89
N ILE D 564 -38.94 45.50 35.58
CA ILE D 564 -39.46 46.72 35.00
C ILE D 564 -38.36 47.77 35.07
N PRO D 565 -37.67 48.06 33.97
CA PRO D 565 -36.70 49.17 33.97
C PRO D 565 -37.39 50.50 34.17
N ALA D 566 -36.68 51.42 34.84
CA ALA D 566 -37.25 52.72 35.15
C ALA D 566 -37.31 53.64 33.93
N SER D 567 -36.54 53.35 32.89
CA SER D 567 -36.51 54.17 31.70
C SER D 567 -36.77 53.30 30.48
N SER D 568 -37.29 53.92 29.43
CA SER D 568 -37.72 53.19 28.25
C SER D 568 -36.64 53.20 27.16
N ALA D 569 -35.39 53.47 27.56
CA ALA D 569 -34.32 53.63 26.58
C ALA D 569 -33.98 52.32 25.87
N ALA D 570 -34.49 51.19 26.36
CA ALA D 570 -34.34 49.95 25.59
C ALA D 570 -34.98 50.10 24.22
N SER D 571 -36.14 50.75 24.16
CA SER D 571 -36.72 51.10 22.87
C SER D 571 -35.76 51.95 22.05
N GLU D 572 -34.92 52.74 22.71
CA GLU D 572 -33.98 53.57 21.98
C GLU D 572 -32.83 52.74 21.41
N ARG D 573 -32.37 51.72 22.14
CA ARG D 573 -31.42 50.81 21.51
C ARG D 573 -32.05 50.07 20.34
N THR D 574 -33.32 49.69 20.46
CA THR D 574 -34.00 49.07 19.34
C THR D 574 -34.05 50.00 18.14
N PHE D 575 -34.39 51.27 18.37
CA PHE D 575 -34.45 52.22 17.28
C PHE D 575 -33.07 52.45 16.69
N SER D 576 -32.02 52.39 17.51
CA SER D 576 -30.66 52.46 16.99
C SER D 576 -30.39 51.31 16.04
N LEU D 577 -30.71 50.09 16.46
CA LEU D 577 -30.49 48.93 15.60
C LEU D 577 -31.29 49.07 14.31
N ALA D 578 -32.53 49.53 14.43
CA ALA D 578 -33.37 49.72 13.26
C ALA D 578 -32.77 50.74 12.31
N GLY D 579 -32.32 51.88 12.86
CA GLY D 579 -31.73 52.91 12.02
C GLY D 579 -30.48 52.42 11.31
N ASN D 580 -29.71 51.57 11.96
CA ASN D 580 -28.56 50.99 11.27
C ASN D 580 -28.97 49.93 10.26
N ILE D 581 -30.13 49.30 10.44
CA ILE D 581 -30.61 48.34 9.45
C ILE D 581 -31.03 49.06 8.18
N ILE D 582 -32.03 49.91 8.28
CA ILE D 582 -32.53 50.63 7.10
C ILE D 582 -31.54 51.72 6.74
N THR D 583 -31.16 51.76 5.47
CA THR D 583 -30.13 52.68 4.99
C THR D 583 -30.61 53.37 3.72
N GLU D 584 -29.73 54.20 3.17
CA GLU D 584 -30.00 54.83 1.89
C GLU D 584 -30.18 53.78 0.80
N LYS D 585 -29.33 52.77 0.80
CA LYS D 585 -29.28 51.80 -0.28
C LYS D 585 -30.19 50.61 -0.06
N ARG D 586 -30.98 50.61 1.01
CA ARG D 586 -31.92 49.52 1.28
C ARG D 586 -33.34 50.02 1.34
N ASN D 587 -33.67 51.02 0.51
CA ASN D 587 -35.02 51.59 0.52
C ASN D 587 -36.06 50.55 0.14
N ARG D 588 -35.79 49.78 -0.90
CA ARG D 588 -36.75 48.80 -1.42
C ARG D 588 -36.69 47.53 -0.57
N ILE D 589 -37.01 47.71 0.70
CA ILE D 589 -36.96 46.63 1.68
C ILE D 589 -38.38 46.31 2.13
N GLY D 590 -38.62 45.04 2.45
CA GLY D 590 -39.92 44.63 2.96
C GLY D 590 -40.02 44.92 4.45
N GLN D 591 -41.05 45.67 4.84
CA GLN D 591 -41.26 45.96 6.25
C GLN D 591 -41.37 44.67 7.06
N GLN D 592 -42.04 43.67 6.50
CA GLN D 592 -42.05 42.35 7.13
C GLN D 592 -40.64 41.83 7.32
N THR D 593 -39.79 41.98 6.30
CA THR D 593 -38.42 41.51 6.41
C THR D 593 -37.65 42.28 7.48
N VAL D 594 -37.89 43.58 7.58
CA VAL D 594 -37.21 44.38 8.59
C VAL D 594 -37.58 43.90 9.98
N ASP D 595 -38.88 43.69 10.21
CA ASP D 595 -39.31 43.15 11.50
C ASP D 595 -38.71 41.79 11.74
N SER D 596 -38.63 40.97 10.69
CA SER D 596 -38.04 39.64 10.81
C SER D 596 -36.60 39.72 11.29
N LEU D 597 -35.80 40.56 10.63
CA LEU D 597 -34.39 40.69 10.99
C LEU D 597 -34.23 41.19 12.41
N LEU D 598 -34.97 42.24 12.78
CA LEU D 598 -34.84 42.78 14.13
C LEU D 598 -35.18 41.73 15.17
N PHE D 599 -36.32 41.04 14.97
CA PHE D 599 -36.71 40.03 15.94
C PHE D 599 -35.70 38.91 16.04
N LEU D 600 -35.18 38.45 14.90
CA LEU D 600 -34.30 37.29 14.95
C LEU D 600 -32.97 37.65 15.60
N ASN D 601 -32.42 38.83 15.29
CA ASN D 601 -31.20 39.24 15.96
C ASN D 601 -31.44 39.40 17.45
N SER D 602 -32.58 39.97 17.83
CA SER D 602 -32.88 40.11 19.25
C SER D 602 -32.93 38.75 19.94
N PHE D 603 -33.59 37.79 19.30
CA PHE D 603 -33.71 36.46 19.89
C PHE D 603 -32.35 35.78 20.00
N TYR D 604 -31.50 35.92 18.99
CA TYR D 604 -30.16 35.35 19.07
C TYR D 604 -29.35 36.00 20.18
N LYS D 605 -29.44 37.32 20.35
CA LYS D 605 -28.76 37.95 21.46
C LYS D 605 -29.29 37.42 22.80
N ASN D 606 -30.60 37.21 22.89
CA ASN D 606 -31.20 36.78 24.14
C ASN D 606 -30.97 35.31 24.45
N PHE D 607 -30.99 34.44 23.43
CA PHE D 607 -30.86 33.02 23.65
C PHE D 607 -29.47 32.46 23.33
N CYS D 608 -28.73 33.09 22.43
CA CYS D 608 -27.41 32.60 22.03
C CYS D 608 -26.33 33.52 22.60
N LYS D 609 -25.30 32.91 23.16
CA LYS D 609 -24.20 33.64 23.78
C LYS D 609 -23.43 34.48 22.77
#